data_7AC1
#
_entry.id   7AC1
#
_entity_poly.entity_id   1
_entity_poly.type   'polypeptide(L)'
_entity_poly.pdbx_seq_one_letter_code
;MMNPINRNPKQVPFAALLPTLMNQLDKDRALQLRTLYARLKKNEIPKEGFTRHMKDIVGDQMLRMAVSKLQQVNY
;
_entity_poly.pdbx_strand_id   A
#
# COMPACT_ATOMS: atom_id res chain seq x y z
N MET A 1 2.47 22.92 29.33
CA MET A 1 1.31 23.70 28.81
C MET A 1 1.70 25.11 28.49
N MET A 2 2.97 25.47 28.81
CA MET A 2 3.47 26.81 28.55
C MET A 2 3.47 27.01 27.06
N ASN A 3 3.93 25.99 26.31
CA ASN A 3 3.99 26.10 24.88
C ASN A 3 3.40 24.83 24.32
N PRO A 4 2.09 24.82 24.13
CA PRO A 4 1.39 23.66 23.60
C PRO A 4 1.88 23.25 22.23
N ILE A 5 1.96 21.93 21.98
CA ILE A 5 2.41 21.45 20.71
C ILE A 5 1.28 20.66 20.12
N ASN A 6 0.87 21.02 18.89
CA ASN A 6 -0.22 20.32 18.23
C ASN A 6 0.40 19.35 17.27
N ARG A 7 -0.10 18.10 17.27
CA ARG A 7 0.43 17.11 16.38
C ARG A 7 -0.74 16.46 15.70
N ASN A 8 -0.55 16.02 14.44
CA ASN A 8 -1.62 15.39 13.72
C ASN A 8 -1.03 14.15 13.10
N PRO A 9 -1.86 13.13 12.95
CA PRO A 9 -1.42 11.87 12.37
C PRO A 9 -1.18 11.97 10.89
N LYS A 10 -0.26 11.14 10.37
CA LYS A 10 0.05 11.17 8.97
C LYS A 10 0.00 9.75 8.48
N GLN A 11 -0.41 9.56 7.21
CA GLN A 11 -0.51 8.23 6.65
C GLN A 11 0.27 8.24 5.37
N VAL A 12 0.93 7.12 5.05
CA VAL A 12 1.69 7.03 3.84
C VAL A 12 0.75 6.74 2.70
N PRO A 13 1.10 7.21 1.53
CA PRO A 13 0.29 7.01 0.34
C PRO A 13 0.37 5.60 -0.19
N PHE A 14 -0.67 5.18 -0.96
CA PHE A 14 -0.70 3.85 -1.52
C PHE A 14 0.39 3.70 -2.54
N ALA A 15 0.83 4.84 -3.13
CA ALA A 15 1.86 4.78 -4.14
C ALA A 15 3.13 4.20 -3.55
N ALA A 16 3.42 4.54 -2.28
CA ALA A 16 4.63 4.04 -1.65
C ALA A 16 4.39 2.65 -1.11
N LEU A 17 3.11 2.19 -1.08
CA LEU A 17 2.82 0.89 -0.54
C LEU A 17 3.04 -0.15 -1.60
N LEU A 18 2.80 0.19 -2.88
CA LEU A 18 2.95 -0.78 -3.95
C LEU A 18 4.34 -1.35 -4.00
N PRO A 19 5.38 -0.54 -4.11
CA PRO A 19 6.74 -1.07 -4.19
C PRO A 19 7.15 -1.85 -2.99
N THR A 20 6.66 -1.46 -1.79
CA THR A 20 7.04 -2.17 -0.60
C THR A 20 6.41 -3.54 -0.64
N LEU A 21 5.11 -3.58 -1.04
CA LEU A 21 4.39 -4.81 -1.07
C LEU A 21 4.86 -5.68 -2.20
N MET A 22 5.17 -5.07 -3.35
CA MET A 22 5.63 -5.84 -4.49
C MET A 22 6.91 -6.54 -4.14
N ASN A 23 7.77 -5.89 -3.34
CA ASN A 23 9.03 -6.49 -2.96
C ASN A 23 8.79 -7.64 -2.01
N GLN A 24 7.62 -7.66 -1.32
CA GLN A 24 7.35 -8.72 -0.37
C GLN A 24 6.41 -9.71 -1.02
N LEU A 25 6.05 -9.47 -2.28
CA LEU A 25 5.13 -10.35 -2.97
C LEU A 25 5.86 -11.09 -4.05
N ASP A 26 5.32 -12.27 -4.42
CA ASP A 26 5.90 -13.05 -5.48
C ASP A 26 5.59 -12.33 -6.76
N LYS A 27 6.27 -12.68 -7.86
CA LYS A 27 6.05 -12.01 -9.12
C LYS A 27 4.62 -12.16 -9.55
N ASP A 28 4.00 -13.34 -9.31
CA ASP A 28 2.63 -13.55 -9.72
C ASP A 28 1.72 -12.64 -8.93
N ARG A 29 1.97 -12.50 -7.61
CA ARG A 29 1.14 -11.65 -6.77
C ARG A 29 1.40 -10.21 -7.12
N ALA A 30 2.68 -9.87 -7.39
CA ALA A 30 3.03 -8.51 -7.72
C ALA A 30 2.35 -8.10 -8.99
N LEU A 31 2.25 -9.01 -9.97
CA LEU A 31 1.60 -8.69 -11.23
C LEU A 31 0.13 -8.42 -10.97
N GLN A 32 -0.48 -9.19 -10.04
CA GLN A 32 -1.88 -8.99 -9.74
C GLN A 32 -2.05 -7.62 -9.11
N LEU A 33 -1.09 -7.23 -8.24
CA LEU A 33 -1.17 -5.94 -7.60
C LEU A 33 -0.99 -4.86 -8.64
N ARG A 34 -0.07 -5.08 -9.60
CA ARG A 34 0.20 -4.10 -10.63
C ARG A 34 -1.04 -3.83 -11.45
N THR A 35 -1.77 -4.90 -11.86
CA THR A 35 -2.96 -4.70 -12.67
C THR A 35 -4.06 -4.16 -11.79
N LEU A 36 -4.03 -4.49 -10.49
CA LEU A 36 -5.05 -4.01 -9.57
C LEU A 36 -4.93 -2.51 -9.50
N TYR A 37 -3.68 -1.99 -9.43
CA TYR A 37 -3.46 -0.56 -9.35
C TYR A 37 -3.96 0.07 -10.63
N ALA A 38 -3.79 -0.62 -11.77
CA ALA A 38 -4.24 -0.08 -13.03
C ALA A 38 -5.73 0.13 -12.98
N ARG A 39 -6.47 -0.82 -12.34
CA ARG A 39 -7.90 -0.71 -12.25
C ARG A 39 -8.24 0.52 -11.44
N LEU A 40 -7.44 0.76 -10.38
CA LEU A 40 -7.66 1.90 -9.52
C LEU A 40 -7.41 3.17 -10.31
N LYS A 41 -6.33 3.18 -11.13
CA LYS A 41 -6.02 4.36 -11.92
C LYS A 41 -7.13 4.63 -12.89
N LYS A 42 -7.70 3.56 -13.48
CA LYS A 42 -8.77 3.74 -14.45
C LYS A 42 -10.05 4.04 -13.72
N ASN A 43 -10.03 3.96 -12.36
CA ASN A 43 -11.20 4.25 -11.56
C ASN A 43 -12.28 3.26 -11.88
N GLU A 44 -11.89 1.98 -12.09
CA GLU A 44 -12.87 0.96 -12.38
C GLU A 44 -13.29 0.36 -11.07
N ILE A 45 -12.54 0.66 -9.99
CA ILE A 45 -12.86 0.14 -8.70
C ILE A 45 -12.69 1.28 -7.72
N PRO A 46 -13.45 1.25 -6.66
CA PRO A 46 -13.39 2.28 -5.65
C PRO A 46 -12.17 2.17 -4.78
N LYS A 47 -11.87 3.23 -4.00
CA LYS A 47 -10.71 3.22 -3.13
C LYS A 47 -10.87 2.10 -2.13
N GLU A 48 -12.11 1.91 -1.64
CA GLU A 48 -12.38 0.85 -0.69
C GLU A 48 -12.15 -0.47 -1.39
N GLY A 49 -12.55 -0.53 -2.69
CA GLY A 49 -12.39 -1.75 -3.47
C GLY A 49 -10.94 -2.05 -3.60
N PHE A 50 -10.12 -0.99 -3.86
CA PHE A 50 -8.70 -1.17 -4.03
C PHE A 50 -8.11 -1.70 -2.74
N THR A 51 -8.47 -1.07 -1.61
CA THR A 51 -7.94 -1.48 -0.33
C THR A 51 -8.35 -2.89 -0.02
N ARG A 52 -9.65 -3.21 -0.21
CA ARG A 52 -10.14 -4.54 0.09
C ARG A 52 -9.46 -5.56 -0.79
N HIS A 53 -9.33 -5.24 -2.10
CA HIS A 53 -8.71 -6.16 -3.02
C HIS A 53 -7.26 -6.33 -2.66
N MET A 54 -6.57 -5.23 -2.26
CA MET A 54 -5.17 -5.31 -1.91
C MET A 54 -5.02 -6.22 -0.72
N LYS A 55 -5.94 -6.11 0.25
CA LYS A 55 -5.86 -6.92 1.46
C LYS A 55 -5.96 -8.37 1.07
N ASP A 56 -6.79 -8.69 0.08
CA ASP A 56 -6.96 -10.07 -0.33
C ASP A 56 -5.70 -10.59 -0.98
N ILE A 57 -4.84 -9.70 -1.51
CA ILE A 57 -3.64 -10.14 -2.18
C ILE A 57 -2.50 -10.27 -1.18
N VAL A 58 -2.19 -9.19 -0.45
CA VAL A 58 -1.06 -9.23 0.47
C VAL A 58 -1.48 -9.84 1.79
N GLY A 59 -2.74 -9.61 2.21
CA GLY A 59 -3.20 -10.15 3.47
C GLY A 59 -3.28 -8.99 4.43
N ASP A 60 -4.18 -9.10 5.42
CA ASP A 60 -4.36 -8.06 6.39
C ASP A 60 -3.08 -7.89 7.20
N GLN A 61 -2.42 -9.02 7.52
CA GLN A 61 -1.21 -8.96 8.32
C GLN A 61 -0.14 -8.19 7.58
N MET A 62 0.02 -8.45 6.28
CA MET A 62 1.04 -7.76 5.52
C MET A 62 0.64 -6.32 5.32
N LEU A 63 -0.67 -6.08 5.19
CA LEU A 63 -1.16 -4.74 4.96
C LEU A 63 -0.83 -3.86 6.15
N ARG A 64 -1.12 -4.33 7.38
CA ARG A 64 -0.87 -3.53 8.55
C ARG A 64 0.63 -3.41 8.79
N MET A 65 1.40 -4.47 8.49
CA MET A 65 2.83 -4.42 8.70
C MET A 65 3.46 -3.46 7.73
N ALA A 66 2.98 -3.45 6.46
CA ALA A 66 3.57 -2.59 5.46
C ALA A 66 3.42 -1.14 5.84
N VAL A 67 2.22 -0.74 6.32
CA VAL A 67 2.02 0.66 6.67
C VAL A 67 2.74 0.96 7.96
N SER A 68 2.87 -0.04 8.84
CA SER A 68 3.52 0.18 10.12
C SER A 68 4.98 0.50 9.88
N LYS A 69 5.62 -0.22 8.93
CA LYS A 69 7.03 0.00 8.66
C LYS A 69 7.20 1.31 7.95
N LEU A 70 6.29 1.63 7.02
CA LEU A 70 6.39 2.86 6.26
C LEU A 70 6.19 4.03 7.19
N GLN A 71 5.22 3.93 8.13
CA GLN A 71 4.99 5.01 9.04
C GLN A 71 6.16 5.07 9.99
N GLN A 72 6.62 3.86 10.45
CA GLN A 72 7.75 3.75 11.34
C GLN A 72 7.42 4.41 12.66
N VAL A 73 6.14 4.31 13.09
CA VAL A 73 5.76 4.89 14.36
C VAL A 73 5.04 3.80 15.10
N ASN A 74 5.47 3.54 16.37
CA ASN A 74 4.85 2.50 17.16
C ASN A 74 3.41 2.83 17.40
N TYR A 75 3.11 4.12 17.67
CA TYR A 75 1.73 4.51 17.92
C TYR A 75 1.14 4.95 16.58
N MET A 1 -16.90 23.87 22.44
CA MET A 1 -17.77 23.08 21.52
C MET A 1 -18.27 23.94 20.41
N MET A 2 -18.25 25.27 20.61
CA MET A 2 -18.71 26.20 19.60
C MET A 2 -17.61 26.39 18.60
N ASN A 3 -16.37 25.99 18.97
CA ASN A 3 -15.26 26.13 18.07
C ASN A 3 -15.01 24.78 17.45
N PRO A 4 -15.23 24.66 16.16
CA PRO A 4 -15.03 23.40 15.46
C PRO A 4 -13.58 23.07 15.27
N ILE A 5 -13.28 21.76 15.17
CA ILE A 5 -11.91 21.34 14.98
C ILE A 5 -11.94 20.14 14.08
N ASN A 6 -10.97 20.05 13.15
CA ASN A 6 -10.93 18.93 12.25
C ASN A 6 -9.48 18.55 12.09
N ARG A 7 -9.11 17.35 12.57
CA ARG A 7 -7.76 16.90 12.47
C ARG A 7 -7.80 15.52 11.88
N ASN A 8 -6.79 15.18 11.06
CA ASN A 8 -6.76 13.87 10.45
C ASN A 8 -5.37 13.33 10.64
N PRO A 9 -5.26 12.03 10.74
CA PRO A 9 -3.98 11.37 10.93
C PRO A 9 -3.17 11.34 9.66
N LYS A 10 -1.82 11.25 9.82
CA LYS A 10 -0.96 11.21 8.66
C LYS A 10 -0.72 9.77 8.35
N GLN A 11 -1.02 9.36 7.10
CA GLN A 11 -0.83 7.99 6.71
C GLN A 11 -0.04 8.01 5.42
N VAL A 12 0.77 6.96 5.19
CA VAL A 12 1.55 6.90 3.99
C VAL A 12 0.62 6.60 2.83
N PRO A 13 0.98 7.09 1.66
CA PRO A 13 0.18 6.91 0.46
C PRO A 13 0.27 5.52 -0.10
N PHE A 14 -0.74 5.13 -0.90
CA PHE A 14 -0.76 3.80 -1.49
C PHE A 14 0.35 3.69 -2.49
N ALA A 15 0.77 4.82 -3.09
CA ALA A 15 1.82 4.80 -4.08
C ALA A 15 3.08 4.25 -3.46
N ALA A 16 3.35 4.60 -2.17
CA ALA A 16 4.55 4.13 -1.52
C ALA A 16 4.32 2.74 -0.97
N LEU A 17 3.05 2.27 -0.96
CA LEU A 17 2.77 0.96 -0.42
C LEU A 17 3.03 -0.09 -1.47
N LEU A 18 2.81 0.23 -2.76
CA LEU A 18 2.98 -0.75 -3.81
C LEU A 18 4.39 -1.30 -3.82
N PRO A 19 5.42 -0.49 -3.94
CA PRO A 19 6.78 -0.99 -3.99
C PRO A 19 7.19 -1.76 -2.76
N THR A 20 6.66 -1.36 -1.59
CA THR A 20 7.01 -2.05 -0.37
C THR A 20 6.39 -3.42 -0.40
N LEU A 21 5.10 -3.47 -0.84
CA LEU A 21 4.38 -4.71 -0.86
C LEU A 21 4.90 -5.58 -1.95
N MET A 22 5.24 -4.99 -3.11
CA MET A 22 5.73 -5.75 -4.22
C MET A 22 7.01 -6.44 -3.83
N ASN A 23 7.85 -5.77 -3.01
CA ASN A 23 9.09 -6.38 -2.59
C ASN A 23 8.83 -7.50 -1.62
N GLN A 24 7.64 -7.51 -0.97
CA GLN A 24 7.33 -8.54 0.00
C GLN A 24 6.43 -9.56 -0.65
N LEU A 25 6.10 -9.33 -1.93
CA LEU A 25 5.22 -10.23 -2.63
C LEU A 25 6.01 -10.98 -3.67
N ASP A 26 5.46 -12.15 -4.08
CA ASP A 26 6.10 -12.96 -5.08
C ASP A 26 5.83 -12.30 -6.40
N LYS A 27 6.45 -12.81 -7.48
CA LYS A 27 6.27 -12.22 -8.79
C LYS A 27 4.82 -12.28 -9.19
N ASP A 28 4.15 -13.44 -9.01
CA ASP A 28 2.76 -13.58 -9.40
C ASP A 28 1.90 -12.64 -8.58
N ARG A 29 2.18 -12.54 -7.26
CA ARG A 29 1.39 -11.67 -6.40
C ARG A 29 1.63 -10.23 -6.77
N ALA A 30 2.90 -9.88 -7.07
CA ALA A 30 3.24 -8.52 -7.42
C ALA A 30 2.55 -8.16 -8.70
N LEU A 31 2.49 -9.13 -9.64
CA LEU A 31 1.86 -8.90 -10.92
C LEU A 31 0.41 -8.60 -10.70
N GLN A 32 -0.24 -9.36 -9.80
CA GLN A 32 -1.65 -9.14 -9.52
C GLN A 32 -1.83 -7.78 -8.91
N LEU A 33 -0.90 -7.38 -8.02
CA LEU A 33 -1.00 -6.07 -7.39
C LEU A 33 -0.83 -4.99 -8.44
N ARG A 34 0.13 -5.19 -9.37
CA ARG A 34 0.39 -4.20 -10.40
C ARG A 34 -0.83 -3.99 -11.26
N THR A 35 -1.51 -5.08 -11.69
CA THR A 35 -2.68 -4.92 -12.53
C THR A 35 -3.82 -4.39 -11.69
N LEU A 36 -3.83 -4.70 -10.38
CA LEU A 36 -4.90 -4.24 -9.52
C LEU A 36 -4.80 -2.74 -9.44
N TYR A 37 -3.56 -2.20 -9.36
CA TYR A 37 -3.37 -0.77 -9.28
C TYR A 37 -3.89 -0.13 -10.53
N ALA A 38 -3.72 -0.83 -11.69
CA ALA A 38 -4.19 -0.31 -12.94
C ALA A 38 -5.68 -0.11 -12.87
N ARG A 39 -6.40 -1.02 -12.17
CA ARG A 39 -7.84 -0.91 -12.07
C ARG A 39 -8.16 0.37 -11.33
N LEU A 40 -7.35 0.67 -10.28
CA LEU A 40 -7.56 1.86 -9.49
C LEU A 40 -7.28 3.07 -10.34
N LYS A 41 -6.20 3.02 -11.16
CA LYS A 41 -5.85 4.13 -12.01
C LYS A 41 -6.97 4.39 -13.00
N LYS A 42 -7.59 3.32 -13.51
CA LYS A 42 -8.67 3.48 -14.48
C LYS A 42 -9.94 3.85 -13.75
N ASN A 43 -9.90 3.82 -12.40
CA ASN A 43 -11.06 4.17 -11.60
C ASN A 43 -12.18 3.20 -11.91
N GLU A 44 -11.83 1.93 -12.13
CA GLU A 44 -12.83 0.93 -12.41
C GLU A 44 -13.29 0.35 -11.11
N ILE A 45 -12.54 0.66 -10.02
CA ILE A 45 -12.90 0.15 -8.72
C ILE A 45 -12.73 1.30 -7.76
N PRO A 46 -13.50 1.27 -6.70
CA PRO A 46 -13.44 2.31 -5.69
C PRO A 46 -12.21 2.21 -4.83
N LYS A 47 -11.92 3.28 -4.05
CA LYS A 47 -10.76 3.27 -3.18
C LYS A 47 -10.92 2.15 -2.19
N GLU A 48 -12.16 1.96 -1.67
CA GLU A 48 -12.41 0.90 -0.74
C GLU A 48 -12.20 -0.41 -1.43
N GLY A 49 -12.62 -0.49 -2.73
CA GLY A 49 -12.47 -1.71 -3.49
C GLY A 49 -11.02 -2.04 -3.62
N PHE A 50 -10.19 -1.02 -3.91
CA PHE A 50 -8.77 -1.21 -4.07
C PHE A 50 -8.19 -1.70 -2.76
N THR A 51 -8.56 -1.04 -1.65
CA THR A 51 -8.03 -1.43 -0.35
C THR A 51 -8.46 -2.83 -0.02
N ARG A 52 -9.75 -3.15 -0.24
CA ARG A 52 -10.26 -4.47 0.07
C ARG A 52 -9.57 -5.50 -0.77
N HIS A 53 -9.40 -5.23 -2.07
CA HIS A 53 -8.76 -6.18 -2.95
C HIS A 53 -7.30 -6.31 -2.57
N MET A 54 -6.63 -5.19 -2.25
CA MET A 54 -5.22 -5.23 -1.90
C MET A 54 -5.00 -6.06 -0.67
N LYS A 55 -5.80 -5.85 0.40
CA LYS A 55 -5.58 -6.58 1.63
C LYS A 55 -5.84 -8.05 1.40
N ASP A 56 -6.65 -8.38 0.38
CA ASP A 56 -6.94 -9.76 0.10
C ASP A 56 -5.70 -10.42 -0.50
N ILE A 57 -4.91 -9.64 -1.27
CA ILE A 57 -3.74 -10.20 -1.93
C ILE A 57 -2.58 -10.25 -0.98
N VAL A 58 -2.24 -9.11 -0.34
CA VAL A 58 -1.09 -9.07 0.54
C VAL A 58 -1.44 -9.69 1.86
N GLY A 59 -2.67 -9.49 2.35
CA GLY A 59 -3.07 -10.05 3.62
C GLY A 59 -3.12 -8.93 4.60
N ASP A 60 -4.01 -9.05 5.61
CA ASP A 60 -4.15 -8.01 6.61
C ASP A 60 -2.86 -7.85 7.37
N GLN A 61 -2.19 -8.98 7.67
CA GLN A 61 -0.96 -8.92 8.44
C GLN A 61 0.10 -8.20 7.67
N MET A 62 0.23 -8.48 6.36
CA MET A 62 1.25 -7.85 5.56
C MET A 62 0.91 -6.40 5.38
N LEU A 63 -0.39 -6.11 5.19
CA LEU A 63 -0.83 -4.75 4.95
C LEU A 63 -0.49 -3.87 6.12
N ARG A 64 -0.79 -4.32 7.37
CA ARG A 64 -0.52 -3.48 8.52
C ARG A 64 0.96 -3.38 8.75
N MET A 65 1.72 -4.46 8.44
CA MET A 65 3.16 -4.41 8.66
C MET A 65 3.77 -3.45 7.69
N ALA A 66 3.32 -3.46 6.43
CA ALA A 66 3.88 -2.57 5.43
C ALA A 66 3.63 -1.15 5.83
N VAL A 67 2.40 -0.85 6.28
CA VAL A 67 2.05 0.51 6.67
C VAL A 67 2.88 0.89 7.87
N SER A 68 3.04 -0.05 8.81
CA SER A 68 3.79 0.22 10.03
C SER A 68 5.23 0.53 9.68
N LYS A 69 5.84 -0.25 8.76
CA LYS A 69 7.23 -0.03 8.42
C LYS A 69 7.37 1.30 7.74
N LEU A 70 6.41 1.66 6.86
CA LEU A 70 6.47 2.91 6.15
C LEU A 70 6.27 4.05 7.11
N GLN A 71 5.36 3.88 8.10
CA GLN A 71 5.10 4.91 9.06
C GLN A 71 6.33 5.15 9.89
N GLN A 72 7.07 4.08 10.24
CA GLN A 72 8.27 4.24 11.04
C GLN A 72 9.33 4.86 10.18
N VAL A 73 10.18 5.70 10.80
CA VAL A 73 11.24 6.36 10.08
C VAL A 73 12.54 5.66 10.41
N ASN A 74 12.45 4.51 11.11
CA ASN A 74 13.64 3.78 11.47
C ASN A 74 13.99 2.89 10.32
N TYR A 75 15.05 3.26 9.57
CA TYR A 75 15.46 2.46 8.44
C TYR A 75 16.08 1.17 8.98
N MET A 1 11.88 25.04 -11.69
CA MET A 1 10.50 25.41 -12.09
C MET A 1 9.53 25.05 -11.01
N MET A 2 9.91 24.10 -10.13
CA MET A 2 9.04 23.68 -9.07
C MET A 2 9.82 23.75 -7.80
N ASN A 3 9.16 24.17 -6.71
CA ASN A 3 9.83 24.27 -5.43
C ASN A 3 9.30 23.16 -4.56
N PRO A 4 10.16 22.23 -4.20
CA PRO A 4 9.76 21.11 -3.37
C PRO A 4 9.54 21.50 -1.94
N ILE A 5 8.65 20.76 -1.24
CA ILE A 5 8.36 21.06 0.14
C ILE A 5 8.44 19.77 0.90
N ASN A 6 8.60 19.86 2.23
CA ASN A 6 8.69 18.68 3.04
C ASN A 6 7.35 18.49 3.71
N ARG A 7 6.83 17.25 3.70
CA ARG A 7 5.55 16.97 4.30
C ARG A 7 5.73 15.77 5.18
N ASN A 8 4.98 15.74 6.30
CA ASN A 8 5.07 14.62 7.22
C ASN A 8 3.67 14.14 7.46
N PRO A 9 3.14 13.35 6.55
CA PRO A 9 1.80 12.83 6.68
C PRO A 9 1.68 11.77 7.74
N LYS A 10 0.53 11.75 8.44
CA LYS A 10 0.32 10.77 9.48
C LYS A 10 0.21 9.41 8.86
N GLN A 11 -0.46 9.33 7.70
CA GLN A 11 -0.63 8.06 7.03
C GLN A 11 0.12 8.12 5.73
N VAL A 12 0.87 7.05 5.43
CA VAL A 12 1.63 7.00 4.20
C VAL A 12 0.67 6.71 3.08
N PRO A 13 1.00 7.19 1.90
CA PRO A 13 0.17 6.99 0.72
C PRO A 13 0.26 5.59 0.17
N PHE A 14 -0.77 5.18 -0.59
CA PHE A 14 -0.79 3.85 -1.16
C PHE A 14 0.29 3.74 -2.19
N ALA A 15 0.70 4.88 -2.80
CA ALA A 15 1.72 4.86 -3.81
C ALA A 15 3.00 4.30 -3.23
N ALA A 16 3.30 4.63 -1.96
CA ALA A 16 4.52 4.16 -1.34
C ALA A 16 4.31 2.76 -0.82
N LEU A 17 3.06 2.28 -0.78
CA LEU A 17 2.79 0.95 -0.26
C LEU A 17 3.01 -0.06 -1.34
N LEU A 18 2.78 0.32 -2.62
CA LEU A 18 2.91 -0.64 -3.70
C LEU A 18 4.31 -1.21 -3.76
N PRO A 19 5.34 -0.38 -3.89
CA PRO A 19 6.70 -0.91 -3.99
C PRO A 19 7.14 -1.70 -2.80
N THR A 20 6.64 -1.34 -1.60
CA THR A 20 7.03 -2.06 -0.41
C THR A 20 6.41 -3.43 -0.46
N LEU A 21 5.11 -3.49 -0.84
CA LEU A 21 4.40 -4.74 -0.87
C LEU A 21 4.87 -5.56 -2.02
N MET A 22 5.14 -4.93 -3.17
CA MET A 22 5.57 -5.65 -4.34
C MET A 22 6.89 -6.31 -4.04
N ASN A 23 7.75 -5.66 -3.24
CA ASN A 23 9.04 -6.22 -2.91
C ASN A 23 8.86 -7.41 -1.99
N GLN A 24 7.72 -7.48 -1.27
CA GLN A 24 7.50 -8.57 -0.34
C GLN A 24 6.58 -9.58 -0.97
N LEU A 25 6.15 -9.31 -2.21
CA LEU A 25 5.24 -10.21 -2.89
C LEU A 25 5.98 -10.95 -3.95
N ASP A 26 5.41 -12.12 -4.35
CA ASP A 26 6.02 -12.92 -5.39
C ASP A 26 5.73 -12.21 -6.69
N LYS A 27 6.31 -12.71 -7.80
CA LYS A 27 6.12 -12.07 -9.09
C LYS A 27 4.67 -12.11 -9.45
N ASP A 28 4.01 -13.26 -9.23
CA ASP A 28 2.62 -13.39 -9.60
C ASP A 28 1.78 -12.46 -8.76
N ARG A 29 2.05 -12.41 -7.44
CA ARG A 29 1.28 -11.56 -6.56
C ARG A 29 1.55 -10.12 -6.88
N ALA A 30 2.82 -9.79 -7.21
CA ALA A 30 3.18 -8.42 -7.54
C ALA A 30 2.43 -8.02 -8.79
N LEU A 31 2.32 -8.95 -9.77
CA LEU A 31 1.62 -8.67 -10.99
C LEU A 31 0.17 -8.38 -10.70
N GLN A 32 -0.43 -9.16 -9.75
CA GLN A 32 -1.81 -8.95 -9.40
C GLN A 32 -1.97 -7.57 -8.82
N LEU A 33 -1.00 -7.13 -7.99
CA LEU A 33 -1.08 -5.82 -7.39
C LEU A 33 -0.91 -4.77 -8.47
N ARG A 34 0.01 -5.03 -9.43
CA ARG A 34 0.27 -4.09 -10.49
C ARG A 34 -0.97 -3.87 -11.31
N THR A 35 -1.70 -4.95 -11.68
CA THR A 35 -2.89 -4.78 -12.49
C THR A 35 -3.98 -4.20 -11.63
N LEU A 36 -3.95 -4.46 -10.31
CA LEU A 36 -4.96 -3.94 -9.41
C LEU A 36 -4.86 -2.43 -9.43
N TYR A 37 -3.62 -1.90 -9.40
CA TYR A 37 -3.41 -0.46 -9.42
C TYR A 37 -3.97 0.09 -10.70
N ALA A 38 -3.81 -0.65 -11.82
CA ALA A 38 -4.31 -0.19 -13.08
C ALA A 38 -5.81 -0.03 -13.00
N ARG A 39 -6.49 -0.97 -12.31
CA ARG A 39 -7.93 -0.90 -12.18
C ARG A 39 -8.28 0.34 -11.41
N LEU A 40 -7.47 0.63 -10.37
CA LEU A 40 -7.69 1.80 -9.54
C LEU A 40 -7.49 3.04 -10.38
N LYS A 41 -6.43 3.06 -11.21
CA LYS A 41 -6.13 4.19 -12.05
C LYS A 41 -7.28 4.41 -13.01
N LYS A 42 -7.83 3.31 -13.58
CA LYS A 42 -8.92 3.44 -14.52
C LYS A 42 -10.20 3.73 -13.77
N ASN A 43 -10.15 3.65 -12.42
CA ASN A 43 -11.31 3.91 -11.59
C ASN A 43 -12.38 2.91 -11.92
N GLU A 44 -11.97 1.64 -12.13
CA GLU A 44 -12.94 0.60 -12.42
C GLU A 44 -13.36 0.00 -11.11
N ILE A 45 -12.65 0.35 -10.02
CA ILE A 45 -12.97 -0.17 -8.72
C ILE A 45 -12.93 1.00 -7.78
N PRO A 46 -13.70 0.92 -6.73
CA PRO A 46 -13.75 1.99 -5.74
C PRO A 46 -12.52 2.05 -4.89
N LYS A 47 -12.35 3.17 -4.15
CA LYS A 47 -11.19 3.33 -3.29
C LYS A 47 -11.21 2.23 -2.26
N GLU A 48 -12.42 1.94 -1.71
CA GLU A 48 -12.56 0.90 -0.73
C GLU A 48 -12.22 -0.42 -1.38
N GLY A 49 -12.62 -0.57 -2.66
CA GLY A 49 -12.37 -1.79 -3.40
C GLY A 49 -10.90 -2.02 -3.49
N PHE A 50 -10.13 -0.94 -3.76
CA PHE A 50 -8.70 -1.05 -3.89
C PHE A 50 -8.11 -1.50 -2.57
N THR A 51 -8.54 -0.85 -1.47
CA THR A 51 -8.01 -1.17 -0.16
C THR A 51 -8.36 -2.59 0.22
N ARG A 52 -9.64 -3.00 0.04
CA ARG A 52 -10.06 -4.33 0.41
C ARG A 52 -9.40 -5.37 -0.46
N HIS A 53 -9.25 -5.08 -1.77
CA HIS A 53 -8.67 -6.06 -2.68
C HIS A 53 -7.23 -6.32 -2.30
N MET A 54 -6.49 -5.26 -1.90
CA MET A 54 -5.09 -5.43 -1.54
C MET A 54 -4.97 -6.36 -0.36
N LYS A 55 -5.90 -6.26 0.61
CA LYS A 55 -5.84 -7.11 1.77
C LYS A 55 -5.93 -8.56 1.34
N ASP A 56 -6.75 -8.85 0.31
CA ASP A 56 -6.92 -10.21 -0.12
C ASP A 56 -5.65 -10.70 -0.79
N ILE A 57 -4.80 -9.79 -1.31
CA ILE A 57 -3.61 -10.21 -2.00
C ILE A 57 -2.46 -10.35 -1.03
N VAL A 58 -2.15 -9.26 -0.27
CA VAL A 58 -1.02 -9.31 0.63
C VAL A 58 -1.40 -9.94 1.95
N GLY A 59 -2.68 -9.83 2.35
CA GLY A 59 -3.10 -10.40 3.60
C GLY A 59 -3.27 -9.27 4.57
N ASP A 60 -4.15 -9.46 5.57
CA ASP A 60 -4.40 -8.43 6.55
C ASP A 60 -3.15 -8.19 7.35
N GLN A 61 -2.42 -9.28 7.67
CA GLN A 61 -1.23 -9.16 8.48
C GLN A 61 -0.17 -8.39 7.74
N MET A 62 0.01 -8.66 6.43
CA MET A 62 1.03 -7.99 5.68
C MET A 62 0.65 -6.55 5.50
N LEU A 63 -0.65 -6.29 5.29
CA LEU A 63 -1.12 -4.95 5.06
C LEU A 63 -0.85 -4.08 6.27
N ARG A 64 -1.18 -4.57 7.49
CA ARG A 64 -0.97 -3.76 8.67
C ARG A 64 0.50 -3.63 8.96
N MET A 65 1.30 -4.67 8.65
CA MET A 65 2.72 -4.59 8.93
C MET A 65 3.38 -3.60 8.00
N ALA A 66 2.95 -3.58 6.72
CA ALA A 66 3.56 -2.68 5.77
C ALA A 66 3.33 -1.23 6.16
N VAL A 67 2.10 -0.88 6.58
CA VAL A 67 1.85 0.50 6.93
C VAL A 67 2.54 0.82 8.22
N SER A 68 2.65 -0.15 9.15
CA SER A 68 3.29 0.12 10.42
C SER A 68 4.77 0.30 10.18
N LYS A 69 5.34 -0.44 9.20
CA LYS A 69 6.75 -0.34 8.92
C LYS A 69 7.03 0.98 8.28
N LEU A 70 6.15 1.40 7.34
CA LEU A 70 6.34 2.66 6.65
C LEU A 70 6.20 3.80 7.62
N GLN A 71 5.20 3.73 8.54
CA GLN A 71 5.03 4.80 9.51
C GLN A 71 6.20 4.75 10.47
N GLN A 72 6.59 3.51 10.88
CA GLN A 72 7.69 3.31 11.78
C GLN A 72 7.39 4.04 13.08
N VAL A 73 6.15 3.87 13.60
CA VAL A 73 5.77 4.51 14.83
C VAL A 73 5.31 3.43 15.75
N ASN A 74 5.89 3.38 16.97
CA ASN A 74 5.50 2.38 17.93
C ASN A 74 5.88 2.91 19.27
N TYR A 75 5.58 2.14 20.33
CA TYR A 75 5.92 2.57 21.68
C TYR A 75 7.45 2.52 21.81
N MET A 1 20.18 27.91 -1.18
CA MET A 1 21.22 28.25 -0.19
C MET A 1 21.03 27.49 1.09
N MET A 2 19.95 26.68 1.15
CA MET A 2 19.67 25.90 2.33
C MET A 2 19.43 24.49 1.90
N ASN A 3 19.85 23.52 2.74
CA ASN A 3 19.66 22.13 2.41
C ASN A 3 18.23 21.79 2.70
N PRO A 4 17.57 21.14 1.75
CA PRO A 4 16.18 20.75 1.91
C PRO A 4 16.00 19.63 2.89
N ILE A 5 14.82 19.59 3.55
CA ILE A 5 14.55 18.55 4.51
C ILE A 5 13.38 17.77 3.99
N ASN A 6 13.55 16.44 3.85
CA ASN A 6 12.48 15.61 3.37
C ASN A 6 11.71 15.14 4.56
N ARG A 7 10.50 15.69 4.76
CA ARG A 7 9.69 15.29 5.88
C ARG A 7 8.68 14.31 5.36
N ASN A 8 8.68 13.07 5.93
CA ASN A 8 7.75 12.06 5.49
C ASN A 8 6.40 12.41 6.07
N PRO A 9 5.35 12.09 5.34
CA PRO A 9 4.00 12.35 5.77
C PRO A 9 3.55 11.44 6.87
N LYS A 10 2.58 11.89 7.69
CA LYS A 10 2.07 11.09 8.77
C LYS A 10 1.40 9.87 8.19
N GLN A 11 0.67 10.06 7.08
CA GLN A 11 0.00 8.95 6.45
C GLN A 11 0.71 8.70 5.14
N VAL A 12 1.27 7.48 5.00
CA VAL A 12 1.96 7.14 3.78
C VAL A 12 0.92 6.79 2.75
N PRO A 13 1.10 7.27 1.53
CA PRO A 13 0.18 6.99 0.44
C PRO A 13 0.30 5.59 -0.08
N PHE A 14 -0.72 5.13 -0.82
CA PHE A 14 -0.72 3.79 -1.37
C PHE A 14 0.38 3.66 -2.38
N ALA A 15 0.82 4.80 -2.96
CA ALA A 15 1.87 4.77 -3.95
C ALA A 15 3.13 4.19 -3.34
N ALA A 16 3.40 4.52 -2.05
CA ALA A 16 4.60 4.02 -1.41
C ALA A 16 4.36 2.62 -0.90
N LEU A 17 3.09 2.16 -0.89
CA LEU A 17 2.81 0.84 -0.38
C LEU A 17 3.02 -0.19 -1.45
N LEU A 18 2.84 0.19 -2.74
CA LEU A 18 2.99 -0.77 -3.81
C LEU A 18 4.38 -1.35 -3.84
N PRO A 19 5.43 -0.54 -3.94
CA PRO A 19 6.79 -1.08 -4.01
C PRO A 19 7.19 -1.85 -2.79
N THR A 20 6.65 -1.46 -1.61
CA THR A 20 6.98 -2.14 -0.39
C THR A 20 6.36 -3.50 -0.41
N LEU A 21 5.08 -3.56 -0.84
CA LEU A 21 4.35 -4.80 -0.86
C LEU A 21 4.85 -5.67 -1.98
N MET A 22 5.15 -5.07 -3.15
CA MET A 22 5.61 -5.85 -4.28
C MET A 22 6.91 -6.50 -3.94
N ASN A 23 7.74 -5.83 -3.11
CA ASN A 23 9.03 -6.37 -2.73
C ASN A 23 8.82 -7.67 -1.96
N GLN A 24 7.74 -7.75 -1.14
CA GLN A 24 7.53 -8.93 -0.33
C GLN A 24 6.62 -9.89 -1.05
N LEU A 25 6.10 -9.46 -2.22
CA LEU A 25 5.20 -10.30 -2.96
C LEU A 25 5.98 -11.04 -4.01
N ASP A 26 5.43 -12.20 -4.44
CA ASP A 26 6.06 -12.98 -5.46
C ASP A 26 5.77 -12.29 -6.77
N LYS A 27 6.40 -12.75 -7.87
CA LYS A 27 6.20 -12.11 -9.15
C LYS A 27 4.74 -12.16 -9.53
N ASP A 28 4.09 -13.34 -9.35
CA ASP A 28 2.69 -13.47 -9.72
C ASP A 28 1.84 -12.56 -8.86
N ARG A 29 2.14 -12.49 -7.55
CA ARG A 29 1.36 -11.67 -6.65
C ARG A 29 1.58 -10.21 -6.96
N ALA A 30 2.85 -9.83 -7.27
CA ALA A 30 3.17 -8.46 -7.57
C ALA A 30 2.45 -8.06 -8.83
N LEU A 31 2.37 -9.01 -9.80
CA LEU A 31 1.73 -8.75 -11.06
C LEU A 31 0.27 -8.44 -10.80
N GLN A 32 -0.35 -9.22 -9.88
CA GLN A 32 -1.75 -9.01 -9.58
C GLN A 32 -1.91 -7.64 -8.96
N LEU A 33 -0.96 -7.24 -8.10
CA LEU A 33 -1.04 -5.94 -7.46
C LEU A 33 -0.89 -4.86 -8.51
N ARG A 34 0.03 -5.07 -9.47
CA ARG A 34 0.28 -4.09 -10.51
C ARG A 34 -0.96 -3.86 -11.33
N THR A 35 -1.66 -4.95 -11.73
CA THR A 35 -2.86 -4.78 -12.55
C THR A 35 -3.96 -4.24 -11.68
N LEU A 36 -3.93 -4.55 -10.36
CA LEU A 36 -4.94 -4.06 -9.46
C LEU A 36 -4.85 -2.56 -9.41
N TYR A 37 -3.61 -2.02 -9.37
CA TYR A 37 -3.41 -0.59 -9.34
C TYR A 37 -3.95 0.01 -10.61
N ALA A 38 -3.79 -0.73 -11.74
CA ALA A 38 -4.26 -0.23 -13.01
C ALA A 38 -5.76 -0.04 -12.93
N ARG A 39 -6.47 -0.97 -12.26
CA ARG A 39 -7.90 -0.88 -12.14
C ARG A 39 -8.23 0.35 -11.34
N LEU A 40 -7.43 0.60 -10.29
CA LEU A 40 -7.63 1.76 -9.44
C LEU A 40 -7.36 3.01 -10.23
N LYS A 41 -6.28 2.99 -11.05
CA LYS A 41 -5.90 4.13 -11.85
C LYS A 41 -7.00 4.43 -12.84
N LYS A 42 -7.61 3.38 -13.44
CA LYS A 42 -8.66 3.59 -14.40
C LYS A 42 -9.94 3.91 -13.68
N ASN A 43 -9.94 3.81 -12.33
CA ASN A 43 -11.11 4.12 -11.53
C ASN A 43 -12.21 3.15 -11.88
N GLU A 44 -11.83 1.86 -12.08
CA GLU A 44 -12.81 0.86 -12.39
C GLU A 44 -13.27 0.24 -11.09
N ILE A 45 -12.55 0.55 -10.00
CA ILE A 45 -12.89 0.01 -8.70
C ILE A 45 -12.84 1.15 -7.73
N PRO A 46 -13.61 1.05 -6.68
CA PRO A 46 -13.65 2.09 -5.66
C PRO A 46 -12.42 2.11 -4.79
N LYS A 47 -12.23 3.20 -4.03
CA LYS A 47 -11.07 3.32 -3.16
C LYS A 47 -11.08 2.19 -2.16
N GLU A 48 -12.26 1.89 -1.58
CA GLU A 48 -12.35 0.81 -0.62
C GLU A 48 -12.15 -0.49 -1.34
N GLY A 49 -12.48 -0.53 -2.66
CA GLY A 49 -12.32 -1.73 -3.44
C GLY A 49 -10.86 -2.05 -3.55
N PHE A 50 -10.04 -0.99 -3.77
CA PHE A 50 -8.62 -1.16 -3.91
C PHE A 50 -8.06 -1.68 -2.62
N THR A 51 -8.45 -1.07 -1.49
CA THR A 51 -7.93 -1.49 -0.20
C THR A 51 -8.36 -2.90 0.09
N ARG A 52 -9.66 -3.22 -0.15
CA ARG A 52 -10.16 -4.55 0.13
C ARG A 52 -9.46 -5.57 -0.73
N HIS A 53 -9.29 -5.26 -2.04
CA HIS A 53 -8.65 -6.20 -2.92
C HIS A 53 -7.19 -6.34 -2.56
N MET A 54 -6.52 -5.21 -2.20
CA MET A 54 -5.11 -5.26 -1.88
C MET A 54 -4.88 -6.13 -0.66
N LYS A 55 -5.69 -5.95 0.41
CA LYS A 55 -5.48 -6.73 1.61
C LYS A 55 -5.75 -8.18 1.34
N ASP A 56 -6.56 -8.49 0.31
CA ASP A 56 -6.85 -9.88 0.00
C ASP A 56 -5.65 -10.51 -0.66
N ILE A 57 -4.76 -9.70 -1.28
CA ILE A 57 -3.62 -10.26 -1.97
C ILE A 57 -2.45 -10.38 -1.03
N VAL A 58 -2.02 -9.25 -0.42
CA VAL A 58 -0.87 -9.27 0.46
C VAL A 58 -1.24 -9.82 1.81
N GLY A 59 -2.48 -9.57 2.26
CA GLY A 59 -2.90 -10.04 3.56
C GLY A 59 -2.96 -8.86 4.45
N ASP A 60 -3.82 -8.93 5.49
CA ASP A 60 -3.97 -7.82 6.40
C ASP A 60 -2.74 -7.69 7.24
N GLN A 61 -2.05 -8.82 7.53
CA GLN A 61 -0.86 -8.77 8.35
C GLN A 61 0.22 -8.02 7.61
N MET A 62 0.39 -8.28 6.31
CA MET A 62 1.41 -7.61 5.54
C MET A 62 1.02 -6.17 5.37
N LEU A 63 -0.30 -5.92 5.21
CA LEU A 63 -0.79 -4.58 4.99
C LEU A 63 -0.48 -3.71 6.18
N ARG A 64 -0.77 -4.18 7.40
CA ARG A 64 -0.53 -3.37 8.58
C ARG A 64 0.95 -3.23 8.83
N MET A 65 1.73 -4.29 8.52
CA MET A 65 3.16 -4.22 8.76
C MET A 65 3.79 -3.25 7.79
N ALA A 66 3.34 -3.25 6.52
CA ALA A 66 3.92 -2.36 5.54
C ALA A 66 3.66 -0.93 5.93
N VAL A 67 2.43 -0.63 6.36
CA VAL A 67 2.09 0.73 6.74
C VAL A 67 2.89 1.10 7.95
N SER A 68 3.02 0.16 8.91
CA SER A 68 3.74 0.44 10.14
C SER A 68 5.19 0.73 9.84
N LYS A 69 5.81 -0.04 8.92
CA LYS A 69 7.22 0.18 8.62
C LYS A 69 7.38 1.47 7.88
N LEU A 70 6.44 1.78 6.96
CA LEU A 70 6.54 2.99 6.18
C LEU A 70 6.42 4.19 7.10
N GLN A 71 5.47 4.14 8.06
CA GLN A 71 5.32 5.25 8.97
C GLN A 71 6.50 5.28 9.90
N GLN A 72 6.94 4.08 10.35
CA GLN A 72 8.08 3.97 11.23
C GLN A 72 7.80 4.72 12.50
N VAL A 73 6.60 4.51 13.08
CA VAL A 73 6.23 5.18 14.30
C VAL A 73 5.87 4.11 15.29
N ASN A 74 6.52 4.16 16.48
CA ASN A 74 6.24 3.17 17.49
C ASN A 74 6.51 3.82 18.81
N TYR A 75 5.61 3.57 19.79
CA TYR A 75 5.79 4.17 21.09
C TYR A 75 6.94 3.43 21.80
N MET A 1 13.05 21.02 4.46
CA MET A 1 12.15 20.37 3.49
C MET A 1 12.79 20.34 2.12
N MET A 2 13.62 21.35 1.82
CA MET A 2 14.28 21.42 0.54
C MET A 2 15.23 20.27 0.43
N ASN A 3 16.00 19.99 1.51
CA ASN A 3 16.96 18.91 1.48
C ASN A 3 16.77 18.07 2.72
N PRO A 4 15.79 17.19 2.69
CA PRO A 4 15.51 16.33 3.83
C PRO A 4 16.51 15.22 3.95
N ILE A 5 16.80 14.79 5.19
CA ILE A 5 17.76 13.73 5.40
C ILE A 5 16.98 12.46 5.58
N ASN A 6 16.12 12.41 6.62
CA ASN A 6 15.35 11.23 6.86
C ASN A 6 14.16 11.66 7.66
N ARG A 7 12.94 11.47 7.10
CA ARG A 7 11.75 11.86 7.80
C ARG A 7 10.76 10.74 7.63
N ASN A 8 9.92 10.51 8.65
CA ASN A 8 8.95 9.45 8.58
C ASN A 8 7.59 10.11 8.50
N PRO A 9 6.99 10.08 7.34
CA PRO A 9 5.67 10.67 7.15
C PRO A 9 4.58 9.84 7.74
N LYS A 10 3.45 10.49 8.09
CA LYS A 10 2.34 9.78 8.67
C LYS A 10 1.29 9.68 7.61
N GLN A 11 0.49 8.57 7.66
CA GLN A 11 -0.55 8.35 6.68
C GLN A 11 0.09 8.29 5.32
N VAL A 12 1.00 7.31 5.15
CA VAL A 12 1.70 7.15 3.90
C VAL A 12 0.70 6.74 2.84
N PRO A 13 0.93 7.18 1.63
CA PRO A 13 0.08 6.87 0.50
C PRO A 13 0.23 5.46 0.01
N PHE A 14 -0.78 4.98 -0.74
CA PHE A 14 -0.74 3.63 -1.27
C PHE A 14 0.36 3.55 -2.29
N ALA A 15 0.73 4.69 -2.90
CA ALA A 15 1.76 4.71 -3.91
C ALA A 15 3.05 4.21 -3.32
N ALA A 16 3.34 4.55 -2.04
CA ALA A 16 4.58 4.11 -1.43
C ALA A 16 4.40 2.71 -0.89
N LEU A 17 3.16 2.19 -0.85
CA LEU A 17 2.93 0.87 -0.32
C LEU A 17 3.15 -0.16 -1.40
N LEU A 18 2.91 0.21 -2.68
CA LEU A 18 3.06 -0.75 -3.76
C LEU A 18 4.47 -1.28 -3.83
N PRO A 19 5.49 -0.44 -3.96
CA PRO A 19 6.86 -0.93 -4.08
C PRO A 19 7.32 -1.71 -2.89
N THR A 20 6.85 -1.37 -1.68
CA THR A 20 7.28 -2.09 -0.50
C THR A 20 6.69 -3.47 -0.57
N LEU A 21 5.39 -3.54 -0.92
CA LEU A 21 4.69 -4.80 -0.94
C LEU A 21 5.15 -5.62 -2.10
N MET A 22 5.40 -5.00 -3.27
CA MET A 22 5.82 -5.73 -4.43
C MET A 22 7.13 -6.41 -4.14
N ASN A 23 8.01 -5.76 -3.36
CA ASN A 23 9.29 -6.35 -3.04
C ASN A 23 9.10 -7.50 -2.07
N GLN A 24 7.92 -7.60 -1.42
CA GLN A 24 7.68 -8.66 -0.48
C GLN A 24 6.70 -9.63 -1.06
N LEU A 25 6.31 -9.42 -2.33
CA LEU A 25 5.36 -10.29 -2.98
C LEU A 25 6.06 -11.07 -4.04
N ASP A 26 5.49 -12.25 -4.38
CA ASP A 26 6.05 -13.08 -5.42
C ASP A 26 5.71 -12.42 -6.73
N LYS A 27 6.30 -12.92 -7.84
CA LYS A 27 6.06 -12.33 -9.14
C LYS A 27 4.59 -12.41 -9.48
N ASP A 28 3.95 -13.57 -9.24
CA ASP A 28 2.55 -13.72 -9.57
C ASP A 28 1.72 -12.75 -8.76
N ARG A 29 2.03 -12.61 -7.45
CA ARG A 29 1.27 -11.73 -6.61
C ARG A 29 1.53 -10.29 -7.00
N ALA A 30 2.79 -9.97 -7.34
CA ALA A 30 3.14 -8.62 -7.72
C ALA A 30 2.41 -8.25 -8.99
N LEU A 31 2.28 -9.19 -9.94
CA LEU A 31 1.60 -8.91 -11.18
C LEU A 31 0.15 -8.60 -10.91
N GLN A 32 -0.46 -9.31 -9.91
CA GLN A 32 -1.84 -9.07 -9.58
C GLN A 32 -1.97 -7.67 -9.05
N LEU A 33 -0.98 -7.21 -8.26
CA LEU A 33 -1.02 -5.88 -7.70
C LEU A 33 -0.87 -4.87 -8.82
N ARG A 34 0.01 -5.15 -9.80
CA ARG A 34 0.23 -4.21 -10.90
C ARG A 34 -1.05 -4.01 -11.68
N THR A 35 -1.81 -5.10 -11.94
CA THR A 35 -3.03 -4.95 -12.71
C THR A 35 -4.09 -4.38 -11.83
N LEU A 36 -4.04 -4.67 -10.51
CA LEU A 36 -5.03 -4.17 -9.58
C LEU A 36 -4.89 -2.66 -9.53
N TYR A 37 -3.62 -2.16 -9.49
CA TYR A 37 -3.38 -0.74 -9.44
C TYR A 37 -3.90 -0.12 -10.71
N ALA A 38 -3.77 -0.82 -11.85
CA ALA A 38 -4.24 -0.29 -13.11
C ALA A 38 -5.74 -0.07 -13.02
N ARG A 39 -6.47 -0.99 -12.35
CA ARG A 39 -7.90 -0.85 -12.22
C ARG A 39 -8.18 0.39 -11.41
N LEU A 40 -7.36 0.60 -10.36
CA LEU A 40 -7.53 1.76 -9.50
C LEU A 40 -7.24 3.01 -10.28
N LYS A 41 -6.18 2.98 -11.11
CA LYS A 41 -5.80 4.12 -11.90
C LYS A 41 -6.91 4.46 -12.87
N LYS A 42 -7.54 3.43 -13.47
CA LYS A 42 -8.62 3.67 -14.40
C LYS A 42 -9.88 4.02 -13.65
N ASN A 43 -9.83 3.93 -12.30
CA ASN A 43 -10.97 4.25 -11.48
C ASN A 43 -12.09 3.31 -11.79
N GLU A 44 -11.76 2.01 -12.02
CA GLU A 44 -12.76 1.03 -12.29
C GLU A 44 -13.18 0.43 -10.99
N ILE A 45 -12.41 0.71 -9.91
CA ILE A 45 -12.73 0.19 -8.61
C ILE A 45 -12.55 1.32 -7.66
N PRO A 46 -13.29 1.29 -6.57
CA PRO A 46 -13.20 2.33 -5.55
C PRO A 46 -11.96 2.21 -4.71
N LYS A 47 -11.66 3.27 -3.93
CA LYS A 47 -10.49 3.25 -3.07
C LYS A 47 -10.66 2.12 -2.08
N GLU A 48 -11.89 1.95 -1.57
CA GLU A 48 -12.16 0.90 -0.62
C GLU A 48 -11.95 -0.42 -1.32
N GLY A 49 -12.35 -0.49 -2.61
CA GLY A 49 -12.20 -1.70 -3.40
C GLY A 49 -10.75 -2.05 -3.50
N PHE A 50 -9.90 -1.03 -3.75
CA PHE A 50 -8.48 -1.26 -3.88
C PHE A 50 -7.94 -1.78 -2.58
N THR A 51 -8.34 -1.14 -1.46
CA THR A 51 -7.87 -1.54 -0.16
C THR A 51 -8.32 -2.95 0.14
N ARG A 52 -9.60 -3.26 -0.12
CA ARG A 52 -10.13 -4.58 0.17
C ARG A 52 -9.40 -5.62 -0.66
N HIS A 53 -9.19 -5.34 -1.95
CA HIS A 53 -8.53 -6.29 -2.81
C HIS A 53 -7.10 -6.45 -2.39
N MET A 54 -6.44 -5.34 -1.97
CA MET A 54 -5.05 -5.41 -1.56
C MET A 54 -4.93 -6.31 -0.36
N LYS A 55 -5.91 -6.27 0.57
CA LYS A 55 -5.84 -7.11 1.74
C LYS A 55 -5.86 -8.55 1.33
N ASP A 56 -6.64 -8.88 0.28
CA ASP A 56 -6.73 -10.27 -0.15
C ASP A 56 -5.44 -10.70 -0.82
N ILE A 57 -4.64 -9.74 -1.33
CA ILE A 57 -3.42 -10.11 -2.02
C ILE A 57 -2.29 -10.21 -1.04
N VAL A 58 -2.01 -9.14 -0.27
CA VAL A 58 -0.89 -9.16 0.63
C VAL A 58 -1.27 -9.79 1.95
N GLY A 59 -2.56 -9.68 2.34
CA GLY A 59 -2.99 -10.25 3.60
C GLY A 59 -3.30 -9.11 4.51
N ASP A 60 -4.23 -9.33 5.45
CA ASP A 60 -4.62 -8.30 6.39
C ASP A 60 -3.44 -7.96 7.26
N GLN A 61 -2.67 -8.98 7.67
CA GLN A 61 -1.54 -8.75 8.55
C GLN A 61 -0.46 -8.00 7.82
N MET A 62 -0.21 -8.34 6.54
CA MET A 62 0.84 -7.69 5.79
C MET A 62 0.45 -6.26 5.54
N LEU A 63 -0.86 -6.04 5.29
CA LEU A 63 -1.34 -4.71 4.98
C LEU A 63 -1.06 -3.78 6.14
N ARG A 64 -1.43 -4.18 7.38
CA ARG A 64 -1.23 -3.29 8.51
C ARG A 64 0.23 -3.21 8.84
N MET A 65 1.00 -4.31 8.67
CA MET A 65 2.42 -4.28 8.98
C MET A 65 3.15 -3.37 8.03
N ALA A 66 2.77 -3.39 6.73
CA ALA A 66 3.45 -2.55 5.76
C ALA A 66 3.26 -1.10 6.12
N VAL A 67 2.03 -0.72 6.49
CA VAL A 67 1.76 0.65 6.84
C VAL A 67 2.51 0.99 8.10
N SER A 68 2.51 0.05 9.07
CA SER A 68 3.17 0.28 10.34
C SER A 68 4.66 0.48 10.12
N LYS A 69 5.28 -0.34 9.25
CA LYS A 69 6.71 -0.21 9.03
C LYS A 69 7.01 1.08 8.34
N LEU A 70 6.14 1.48 7.38
CA LEU A 70 6.36 2.71 6.65
C LEU A 70 6.23 3.88 7.60
N GLN A 71 5.22 3.84 8.50
CA GLN A 71 5.06 4.93 9.44
C GLN A 71 6.24 4.93 10.39
N GLN A 72 6.64 3.70 10.83
CA GLN A 72 7.77 3.55 11.72
C GLN A 72 7.54 4.39 12.96
N VAL A 73 6.55 3.99 13.78
CA VAL A 73 6.26 4.73 14.99
C VAL A 73 6.72 3.88 16.13
N ASN A 74 7.68 4.40 16.92
CA ASN A 74 8.19 3.65 18.05
C ASN A 74 7.53 4.17 19.30
N TYR A 75 6.52 5.05 19.15
CA TYR A 75 5.84 5.59 20.30
C TYR A 75 4.94 4.49 20.88
N MET A 1 21.78 6.72 -4.44
CA MET A 1 20.97 5.68 -5.12
C MET A 1 19.66 5.48 -4.39
N MET A 2 19.71 5.49 -3.05
CA MET A 2 18.51 5.29 -2.27
C MET A 2 18.76 5.89 -0.92
N ASN A 3 17.67 6.19 -0.19
CA ASN A 3 17.79 6.76 1.13
C ASN A 3 17.42 5.67 2.10
N PRO A 4 18.39 5.22 2.88
CA PRO A 4 18.16 4.16 3.85
C PRO A 4 17.34 4.59 5.04
N ILE A 5 17.18 5.92 5.21
CA ILE A 5 16.41 6.41 6.33
C ILE A 5 15.10 6.90 5.80
N ASN A 6 13.99 6.31 6.28
CA ASN A 6 12.69 6.71 5.82
C ASN A 6 11.79 6.75 7.02
N ARG A 7 11.35 7.96 7.41
CA ARG A 7 10.49 8.10 8.55
C ARG A 7 9.43 9.09 8.18
N ASN A 8 8.15 8.72 8.38
CA ASN A 8 7.08 9.62 8.05
C ASN A 8 5.98 9.38 9.06
N PRO A 9 5.73 10.36 9.92
CA PRO A 9 4.69 10.25 10.93
C PRO A 9 3.31 10.33 10.35
N LYS A 10 3.19 10.84 9.10
CA LYS A 10 1.89 10.96 8.47
C LYS A 10 1.64 9.67 7.75
N GLN A 11 0.36 9.45 7.34
CA GLN A 11 0.02 8.23 6.66
C GLN A 11 0.67 8.28 5.30
N VAL A 12 1.31 7.15 4.91
CA VAL A 12 1.97 7.10 3.64
C VAL A 12 0.94 6.77 2.59
N PRO A 13 1.20 7.23 1.37
CA PRO A 13 0.31 6.98 0.26
C PRO A 13 0.39 5.58 -0.26
N PHE A 14 -0.66 5.15 -1.02
CA PHE A 14 -0.69 3.81 -1.56
C PHE A 14 0.40 3.67 -2.59
N ALA A 15 0.83 4.78 -3.20
CA ALA A 15 1.86 4.73 -4.20
C ALA A 15 3.13 4.18 -3.60
N ALA A 16 3.42 4.54 -2.32
CA ALA A 16 4.64 4.07 -1.69
C ALA A 16 4.41 2.69 -1.12
N LEU A 17 3.14 2.22 -1.08
CA LEU A 17 2.86 0.91 -0.52
C LEU A 17 3.05 -0.14 -1.58
N LEU A 18 2.85 0.20 -2.86
CA LEU A 18 2.96 -0.78 -3.91
C LEU A 18 4.34 -1.38 -3.95
N PRO A 19 5.40 -0.58 -4.08
CA PRO A 19 6.75 -1.14 -4.15
C PRO A 19 7.15 -1.90 -2.93
N THR A 20 6.64 -1.49 -1.75
CA THR A 20 6.99 -2.17 -0.53
C THR A 20 6.34 -3.53 -0.55
N LEU A 21 5.06 -3.56 -0.95
CA LEU A 21 4.32 -4.79 -0.97
C LEU A 21 4.80 -5.67 -2.08
N MET A 22 5.11 -5.09 -3.24
CA MET A 22 5.57 -5.87 -4.36
C MET A 22 6.87 -6.54 -4.00
N ASN A 23 7.71 -5.87 -3.20
CA ASN A 23 8.98 -6.44 -2.81
C ASN A 23 8.75 -7.60 -1.86
N GLN A 24 7.58 -7.64 -1.17
CA GLN A 24 7.33 -8.71 -0.23
C GLN A 24 6.41 -9.71 -0.87
N LEU A 25 6.00 -9.46 -2.13
CA LEU A 25 5.11 -10.36 -2.81
C LEU A 25 5.86 -11.11 -3.85
N ASP A 26 5.30 -12.28 -4.24
CA ASP A 26 5.89 -13.10 -5.26
C ASP A 26 5.62 -12.41 -6.57
N LYS A 27 6.27 -12.85 -7.66
CA LYS A 27 6.08 -12.23 -8.94
C LYS A 27 4.64 -12.34 -9.35
N ASP A 28 4.04 -13.52 -9.13
CA ASP A 28 2.66 -13.72 -9.53
C ASP A 28 1.76 -12.80 -8.74
N ARG A 29 2.02 -12.65 -7.42
CA ARG A 29 1.19 -11.80 -6.59
C ARG A 29 1.41 -10.37 -6.95
N ALA A 30 2.67 -9.99 -7.24
CA ALA A 30 3.01 -8.63 -7.57
C ALA A 30 2.32 -8.27 -8.88
N LEU A 31 2.28 -9.24 -9.82
CA LEU A 31 1.68 -9.01 -11.10
C LEU A 31 0.22 -8.68 -10.90
N GLN A 32 -0.45 -9.42 -10.00
CA GLN A 32 -1.85 -9.18 -9.73
C GLN A 32 -2.02 -7.79 -9.16
N LEU A 33 -1.09 -7.37 -8.29
CA LEU A 33 -1.18 -6.05 -7.69
C LEU A 33 -0.97 -5.00 -8.75
N ARG A 34 -0.02 -5.21 -9.69
CA ARG A 34 0.27 -4.23 -10.71
C ARG A 34 -0.95 -4.00 -11.57
N THR A 35 -1.68 -5.08 -11.92
CA THR A 35 -2.85 -4.91 -12.75
C THR A 35 -3.97 -4.37 -11.91
N LEU A 36 -3.95 -4.65 -10.59
CA LEU A 36 -4.98 -4.17 -9.71
C LEU A 36 -4.89 -2.66 -9.64
N TYR A 37 -3.63 -2.14 -9.58
CA TYR A 37 -3.42 -0.71 -9.51
C TYR A 37 -3.96 -0.07 -10.76
N ALA A 38 -3.85 -0.78 -11.91
CA ALA A 38 -4.34 -0.25 -13.16
C ALA A 38 -5.83 -0.02 -13.04
N ARG A 39 -6.55 -0.93 -12.32
CA ARG A 39 -7.98 -0.79 -12.17
C ARG A 39 -8.25 0.48 -11.41
N LEU A 40 -7.42 0.74 -10.37
CA LEU A 40 -7.56 1.92 -9.56
C LEU A 40 -7.27 3.14 -10.39
N LYS A 41 -6.21 3.08 -11.22
CA LYS A 41 -5.84 4.19 -12.06
C LYS A 41 -6.97 4.52 -13.01
N LYS A 42 -7.61 3.48 -13.58
CA LYS A 42 -8.70 3.71 -14.50
C LYS A 42 -9.94 4.10 -13.73
N ASN A 43 -9.88 3.99 -12.38
CA ASN A 43 -11.01 4.35 -11.54
C ASN A 43 -12.16 3.45 -11.85
N GLU A 44 -11.87 2.14 -12.07
CA GLU A 44 -12.92 1.20 -12.36
C GLU A 44 -13.37 0.61 -11.05
N ILE A 45 -12.59 0.87 -9.98
CA ILE A 45 -12.93 0.33 -8.68
C ILE A 45 -12.73 1.46 -7.71
N PRO A 46 -13.48 1.44 -6.64
CA PRO A 46 -13.38 2.46 -5.61
C PRO A 46 -12.15 2.33 -4.77
N LYS A 47 -11.83 3.38 -3.98
CA LYS A 47 -10.66 3.35 -3.13
C LYS A 47 -10.81 2.21 -2.16
N GLU A 48 -12.04 2.04 -1.62
CA GLU A 48 -12.29 0.97 -0.69
C GLU A 48 -12.10 -0.34 -1.41
N GLY A 49 -12.53 -0.39 -2.70
CA GLY A 49 -12.41 -1.60 -3.48
C GLY A 49 -10.95 -1.95 -3.64
N PHE A 50 -10.12 -0.93 -3.91
CA PHE A 50 -8.70 -1.15 -4.09
C PHE A 50 -8.11 -1.66 -2.81
N THR A 51 -8.46 -1.03 -1.67
CA THR A 51 -7.93 -1.43 -0.38
C THR A 51 -8.38 -2.84 -0.08
N ARG A 52 -9.68 -3.14 -0.30
CA ARG A 52 -10.21 -4.45 -0.01
C ARG A 52 -9.53 -5.48 -0.87
N HIS A 53 -9.36 -5.19 -2.17
CA HIS A 53 -8.73 -6.14 -3.05
C HIS A 53 -7.27 -6.30 -2.69
N MET A 54 -6.59 -5.19 -2.34
CA MET A 54 -5.19 -5.26 -2.00
C MET A 54 -4.97 -6.11 -0.77
N LYS A 55 -5.78 -5.91 0.29
CA LYS A 55 -5.58 -6.69 1.50
C LYS A 55 -5.85 -8.15 1.24
N ASP A 56 -6.67 -8.46 0.21
CA ASP A 56 -6.96 -9.84 -0.08
C ASP A 56 -5.76 -10.48 -0.75
N ILE A 57 -4.88 -9.66 -1.36
CA ILE A 57 -3.72 -10.21 -2.05
C ILE A 57 -2.58 -10.35 -1.09
N VAL A 58 -2.19 -9.23 -0.42
CA VAL A 58 -1.06 -9.29 0.48
C VAL A 58 -1.45 -9.92 1.80
N GLY A 59 -2.69 -9.66 2.27
CA GLY A 59 -3.12 -10.24 3.52
C GLY A 59 -3.19 -9.12 4.51
N ASP A 60 -4.07 -9.27 5.52
CA ASP A 60 -4.24 -8.25 6.52
C ASP A 60 -2.95 -8.08 7.30
N GLN A 61 -2.25 -9.20 7.58
CA GLN A 61 -1.03 -9.14 8.35
C GLN A 61 0.02 -8.38 7.60
N MET A 62 0.15 -8.60 6.28
CA MET A 62 1.16 -7.92 5.51
C MET A 62 0.76 -6.48 5.32
N LEU A 63 -0.54 -6.22 5.21
CA LEU A 63 -1.02 -4.88 5.00
C LEU A 63 -0.69 -4.01 6.19
N ARG A 64 -0.96 -4.49 7.42
CA ARG A 64 -0.70 -3.69 8.59
C ARG A 64 0.78 -3.57 8.81
N MET A 65 1.57 -4.61 8.46
CA MET A 65 3.00 -4.55 8.67
C MET A 65 3.61 -3.56 7.72
N ALA A 66 3.11 -3.52 6.46
CA ALA A 66 3.68 -2.64 5.47
C ALA A 66 3.52 -1.19 5.89
N VAL A 67 2.32 -0.80 6.37
CA VAL A 67 2.12 0.57 6.76
C VAL A 67 2.83 0.85 8.05
N SER A 68 2.93 -0.17 8.93
CA SER A 68 3.59 0.03 10.21
C SER A 68 5.05 0.30 9.97
N LYS A 69 5.67 -0.43 9.01
CA LYS A 69 7.07 -0.24 8.74
C LYS A 69 7.30 1.09 8.08
N LEU A 70 6.41 1.45 7.13
CA LEU A 70 6.56 2.71 6.43
C LEU A 70 6.41 3.86 7.39
N GLN A 71 5.41 3.79 8.31
CA GLN A 71 5.25 4.86 9.27
C GLN A 71 6.39 4.80 10.25
N GLN A 72 6.76 3.55 10.65
CA GLN A 72 7.86 3.34 11.58
C GLN A 72 7.47 3.94 12.90
N VAL A 73 6.25 3.60 13.38
CA VAL A 73 5.79 4.10 14.65
C VAL A 73 5.54 2.91 15.53
N ASN A 74 6.16 2.91 16.73
CA ASN A 74 5.99 1.81 17.64
C ASN A 74 4.75 2.08 18.47
N TYR A 75 3.57 1.82 17.88
CA TYR A 75 2.32 2.04 18.58
C TYR A 75 2.30 1.11 19.79
N MET A 1 -18.60 25.76 19.20
CA MET A 1 -18.77 24.49 18.43
C MET A 1 -17.56 24.19 17.61
N MET A 2 -16.53 25.06 17.70
CA MET A 2 -15.32 24.86 16.95
C MET A 2 -14.23 24.60 17.94
N ASN A 3 -13.50 23.48 17.77
CA ASN A 3 -12.43 23.15 18.68
C ASN A 3 -11.23 23.98 18.26
N PRO A 4 -10.62 24.66 19.21
CA PRO A 4 -9.45 25.49 18.93
C PRO A 4 -8.23 24.68 18.59
N ILE A 5 -8.21 23.40 19.04
CA ILE A 5 -7.08 22.55 18.76
C ILE A 5 -7.61 21.40 17.96
N ASN A 6 -7.01 21.15 16.78
CA ASN A 6 -7.44 20.07 15.94
C ASN A 6 -6.27 19.62 15.14
N ARG A 7 -6.14 18.30 14.93
CA ARG A 7 -5.03 17.79 14.17
C ARG A 7 -5.49 16.50 13.55
N ASN A 8 -4.76 16.04 12.50
CA ASN A 8 -5.12 14.81 11.85
C ASN A 8 -3.86 14.00 11.74
N PRO A 9 -4.01 12.69 11.76
CA PRO A 9 -2.89 11.78 11.66
C PRO A 9 -2.32 11.72 10.27
N LYS A 10 -1.04 11.34 10.15
CA LYS A 10 -0.41 11.26 8.86
C LYS A 10 -0.30 9.80 8.51
N GLN A 11 -0.61 9.46 7.23
CA GLN A 11 -0.54 8.10 6.79
C GLN A 11 0.26 8.09 5.53
N VAL A 12 1.01 6.99 5.30
CA VAL A 12 1.82 6.89 4.12
C VAL A 12 0.91 6.60 2.94
N PRO A 13 1.31 7.07 1.79
CA PRO A 13 0.55 6.87 0.57
C PRO A 13 0.63 5.47 0.05
N PHE A 14 -0.38 5.06 -0.77
CA PHE A 14 -0.41 3.73 -1.33
C PHE A 14 0.72 3.59 -2.32
N ALA A 15 1.21 4.73 -2.85
CA ALA A 15 2.28 4.69 -3.82
C ALA A 15 3.50 4.05 -3.22
N ALA A 16 3.76 4.34 -1.91
CA ALA A 16 4.93 3.77 -1.27
C ALA A 16 4.62 2.38 -0.76
N LEU A 17 3.33 1.98 -0.78
CA LEU A 17 2.97 0.67 -0.28
C LEU A 17 3.20 -0.37 -1.35
N LEU A 18 3.00 -0.01 -2.63
CA LEU A 18 3.15 -0.99 -3.70
C LEU A 18 4.54 -1.57 -3.71
N PRO A 19 5.59 -0.76 -3.81
CA PRO A 19 6.94 -1.29 -3.86
C PRO A 19 7.33 -2.07 -2.64
N THR A 20 6.80 -1.70 -1.46
CA THR A 20 7.14 -2.40 -0.25
C THR A 20 6.50 -3.76 -0.31
N LEU A 21 5.22 -3.79 -0.75
CA LEU A 21 4.47 -5.02 -0.80
C LEU A 21 4.99 -5.88 -1.92
N MET A 22 5.33 -5.27 -3.07
CA MET A 22 5.80 -6.04 -4.19
C MET A 22 7.07 -6.77 -3.81
N ASN A 23 7.92 -6.14 -2.97
CA ASN A 23 9.15 -6.77 -2.56
C ASN A 23 8.86 -7.95 -1.65
N GLN A 24 7.67 -7.98 -1.01
CA GLN A 24 7.35 -9.07 -0.11
C GLN A 24 6.41 -10.01 -0.80
N LEU A 25 6.05 -9.69 -2.06
CA LEU A 25 5.13 -10.52 -2.80
C LEU A 25 5.88 -11.30 -3.83
N ASP A 26 5.28 -12.43 -4.27
CA ASP A 26 5.89 -13.24 -5.29
C ASP A 26 5.64 -12.54 -6.60
N LYS A 27 6.25 -13.05 -7.69
CA LYS A 27 6.09 -12.41 -8.99
C LYS A 27 4.63 -12.40 -9.37
N ASP A 28 3.92 -13.54 -9.23
CA ASP A 28 2.53 -13.60 -9.62
C ASP A 28 1.72 -12.65 -8.77
N ARG A 29 2.00 -12.60 -7.45
CA ARG A 29 1.23 -11.72 -6.58
C ARG A 29 1.55 -10.28 -6.91
N ALA A 30 2.82 -9.98 -7.20
CA ALA A 30 3.22 -8.62 -7.52
C ALA A 30 2.54 -8.20 -8.79
N LEU A 31 2.44 -9.13 -9.77
CA LEU A 31 1.80 -8.81 -11.03
C LEU A 31 0.35 -8.47 -10.80
N GLN A 32 -0.32 -9.21 -9.88
CA GLN A 32 -1.71 -8.95 -9.60
C GLN A 32 -1.83 -7.57 -9.00
N LEU A 33 -0.87 -7.20 -8.12
CA LEU A 33 -0.92 -5.90 -7.49
C LEU A 33 -0.70 -4.83 -8.54
N ARG A 34 0.24 -5.06 -9.48
CA ARG A 34 0.55 -4.10 -10.51
C ARG A 34 -0.68 -3.84 -11.36
N THR A 35 -1.40 -4.89 -11.78
CA THR A 35 -2.56 -4.70 -12.62
C THR A 35 -3.69 -4.13 -11.80
N LEU A 36 -3.69 -4.43 -10.48
CA LEU A 36 -4.74 -3.94 -9.61
C LEU A 36 -4.67 -2.44 -9.57
N TYR A 37 -3.45 -1.87 -9.58
CA TYR A 37 -3.28 -0.43 -9.55
C TYR A 37 -3.93 0.16 -10.76
N ALA A 38 -3.81 -0.53 -11.92
CA ALA A 38 -4.40 -0.04 -13.15
C ALA A 38 -5.89 0.07 -13.00
N ARG A 39 -6.52 -0.88 -12.25
CA ARG A 39 -7.95 -0.86 -12.08
C ARG A 39 -8.33 0.40 -11.35
N LEU A 40 -7.52 0.77 -10.33
CA LEU A 40 -7.78 1.95 -9.55
C LEU A 40 -7.64 3.17 -10.42
N LYS A 41 -6.58 3.20 -11.25
CA LYS A 41 -6.35 4.34 -12.13
C LYS A 41 -7.49 4.46 -13.11
N LYS A 42 -7.99 3.33 -13.62
CA LYS A 42 -9.08 3.36 -14.57
C LYS A 42 -10.36 3.67 -13.85
N ASN A 43 -10.34 3.65 -12.49
CA ASN A 43 -11.51 3.94 -11.70
C ASN A 43 -12.57 2.91 -11.97
N GLU A 44 -12.13 1.64 -12.12
CA GLU A 44 -13.08 0.57 -12.37
C GLU A 44 -13.46 -0.01 -11.04
N ILE A 45 -12.76 0.40 -9.97
CA ILE A 45 -13.04 -0.11 -8.65
C ILE A 45 -13.03 1.09 -7.74
N PRO A 46 -13.75 1.00 -6.66
CA PRO A 46 -13.81 2.08 -5.68
C PRO A 46 -12.55 2.22 -4.89
N LYS A 47 -12.39 3.36 -4.19
CA LYS A 47 -11.20 3.60 -3.42
C LYS A 47 -11.06 2.54 -2.37
N GLU A 48 -12.19 2.20 -1.68
CA GLU A 48 -12.13 1.18 -0.66
C GLU A 48 -11.93 -0.16 -1.32
N GLY A 49 -12.32 -0.27 -2.61
CA GLY A 49 -12.17 -1.50 -3.35
C GLY A 49 -10.71 -1.82 -3.48
N PHE A 50 -9.90 -0.78 -3.72
CA PHE A 50 -8.48 -0.94 -3.89
C PHE A 50 -7.90 -1.48 -2.61
N THR A 51 -8.28 -0.88 -1.45
CA THR A 51 -7.76 -1.31 -0.17
C THR A 51 -8.21 -2.71 0.13
N ARG A 52 -9.53 -2.99 -0.09
CA ARG A 52 -10.07 -4.31 0.21
C ARG A 52 -9.44 -5.36 -0.66
N HIS A 53 -9.19 -5.04 -1.94
CA HIS A 53 -8.61 -6.02 -2.83
C HIS A 53 -7.17 -6.27 -2.42
N MET A 54 -6.42 -5.21 -2.07
CA MET A 54 -5.02 -5.39 -1.70
C MET A 54 -4.87 -6.25 -0.47
N LYS A 55 -5.73 -6.05 0.56
CA LYS A 55 -5.58 -6.84 1.76
C LYS A 55 -5.85 -8.29 1.46
N ASP A 56 -6.63 -8.56 0.40
CA ASP A 56 -6.93 -9.94 0.06
C ASP A 56 -5.74 -10.56 -0.63
N ILE A 57 -4.88 -9.73 -1.28
CA ILE A 57 -3.74 -10.27 -1.99
C ILE A 57 -2.56 -10.39 -1.06
N VAL A 58 -2.16 -9.27 -0.41
CA VAL A 58 -1.00 -9.31 0.45
C VAL A 58 -1.35 -9.89 1.80
N GLY A 59 -2.58 -9.65 2.30
CA GLY A 59 -2.97 -10.16 3.57
C GLY A 59 -2.96 -9.02 4.54
N ASP A 60 -3.78 -9.13 5.61
CA ASP A 60 -3.85 -8.09 6.60
C ASP A 60 -2.52 -7.95 7.28
N GLN A 61 -1.84 -9.08 7.55
CA GLN A 61 -0.58 -9.01 8.25
C GLN A 61 0.43 -8.26 7.43
N MET A 62 0.51 -8.54 6.12
CA MET A 62 1.49 -7.87 5.29
C MET A 62 1.11 -6.43 5.12
N LEU A 63 -0.19 -6.15 4.99
CA LEU A 63 -0.65 -4.81 4.78
C LEU A 63 -0.40 -3.98 6.01
N ARG A 64 -0.80 -4.50 7.19
CA ARG A 64 -0.65 -3.77 8.42
C ARG A 64 0.81 -3.58 8.72
N MET A 65 1.64 -4.61 8.50
CA MET A 65 3.05 -4.50 8.79
C MET A 65 3.70 -3.52 7.86
N ALA A 66 3.31 -3.53 6.56
CA ALA A 66 3.90 -2.62 5.61
C ALA A 66 3.57 -1.20 5.99
N VAL A 67 2.31 -0.94 6.37
CA VAL A 67 1.89 0.40 6.73
C VAL A 67 2.63 0.82 7.98
N SER A 68 2.74 -0.10 8.97
CA SER A 68 3.39 0.25 10.22
C SER A 68 4.86 0.52 9.98
N LYS A 69 5.51 -0.22 9.07
CA LYS A 69 6.92 -0.01 8.82
C LYS A 69 7.12 1.30 8.12
N LEU A 70 6.24 1.58 7.12
CA LEU A 70 6.36 2.81 6.36
C LEU A 70 6.08 3.99 7.26
N GLN A 71 5.06 3.87 8.13
CA GLN A 71 4.75 4.96 9.03
C GLN A 71 5.87 5.08 10.03
N GLN A 72 6.36 3.90 10.52
CA GLN A 72 7.45 3.85 11.46
C GLN A 72 7.07 4.58 12.71
N VAL A 73 6.36 3.87 13.62
CA VAL A 73 5.93 4.48 14.86
C VAL A 73 6.65 3.77 15.96
N ASN A 74 7.36 4.54 16.82
CA ASN A 74 8.07 3.94 17.92
C ASN A 74 8.25 5.01 18.95
N TYR A 75 8.87 4.67 20.09
CA TYR A 75 9.08 5.64 21.13
C TYR A 75 10.15 6.63 20.64
N MET A 1 18.93 5.07 15.08
CA MET A 1 20.05 5.95 15.52
C MET A 1 20.49 6.84 14.38
N MET A 2 19.80 6.76 13.24
CA MET A 2 20.14 7.57 12.10
C MET A 2 18.89 8.23 11.63
N ASN A 3 19.02 9.45 11.07
CA ASN A 3 17.88 10.17 10.59
C ASN A 3 18.12 10.50 9.15
N PRO A 4 17.75 9.58 8.26
CA PRO A 4 17.92 9.77 6.83
C PRO A 4 17.00 10.79 6.26
N ILE A 5 15.89 11.07 6.98
CA ILE A 5 14.92 12.03 6.51
C ILE A 5 14.66 12.99 7.64
N ASN A 6 14.21 14.21 7.31
CA ASN A 6 13.95 15.20 8.32
C ASN A 6 12.46 15.26 8.56
N ARG A 7 11.66 14.76 7.60
CA ARG A 7 10.23 14.80 7.77
C ARG A 7 9.65 13.76 6.87
N ASN A 8 8.38 13.38 7.14
CA ASN A 8 7.72 12.39 6.33
C ASN A 8 6.25 12.63 6.45
N PRO A 9 5.49 12.17 5.48
CA PRO A 9 4.03 12.30 5.49
C PRO A 9 3.40 11.64 6.66
N LYS A 10 2.31 12.24 7.19
CA LYS A 10 1.63 11.67 8.33
C LYS A 10 1.07 10.33 7.94
N GLN A 11 0.55 10.23 6.70
CA GLN A 11 0.00 8.99 6.24
C GLN A 11 0.69 8.67 4.94
N VAL A 12 1.29 7.47 4.85
CA VAL A 12 1.97 7.08 3.64
C VAL A 12 0.93 6.70 2.63
N PRO A 13 1.09 7.16 1.40
CA PRO A 13 0.15 6.83 0.33
C PRO A 13 0.30 5.42 -0.16
N PHE A 14 -0.74 4.94 -0.90
CA PHE A 14 -0.70 3.59 -1.42
C PHE A 14 0.40 3.47 -2.43
N ALA A 15 0.81 4.60 -3.03
CA ALA A 15 1.86 4.57 -4.02
C ALA A 15 3.13 4.04 -3.41
N ALA A 16 3.41 4.38 -2.13
CA ALA A 16 4.62 3.93 -1.48
C ALA A 16 4.41 2.53 -0.93
N LEU A 17 3.14 2.04 -0.94
CA LEU A 17 2.88 0.72 -0.40
C LEU A 17 3.09 -0.31 -1.47
N LEU A 18 2.88 0.06 -2.75
CA LEU A 18 3.00 -0.92 -3.81
C LEU A 18 4.41 -1.50 -3.86
N PRO A 19 5.44 -0.68 -4.00
CA PRO A 19 6.80 -1.21 -4.11
C PRO A 19 7.25 -1.95 -2.88
N THR A 20 6.75 -1.54 -1.70
CA THR A 20 7.15 -2.20 -0.48
C THR A 20 6.55 -3.57 -0.45
N LEU A 21 5.25 -3.66 -0.78
CA LEU A 21 4.55 -4.92 -0.73
C LEU A 21 4.96 -5.79 -1.88
N MET A 22 5.16 -5.20 -3.08
CA MET A 22 5.55 -6.00 -4.23
C MET A 22 6.87 -6.65 -3.97
N ASN A 23 7.75 -5.96 -3.20
CA ASN A 23 9.05 -6.50 -2.89
C ASN A 23 8.90 -7.75 -2.04
N GLN A 24 7.78 -7.86 -1.29
CA GLN A 24 7.59 -9.01 -0.42
C GLN A 24 6.64 -9.96 -1.06
N LEU A 25 6.13 -9.60 -2.26
CA LEU A 25 5.19 -10.44 -2.94
C LEU A 25 5.89 -11.23 -4.00
N ASP A 26 5.29 -12.38 -4.37
CA ASP A 26 5.84 -13.22 -5.40
C ASP A 26 5.59 -12.51 -6.71
N LYS A 27 6.23 -12.96 -7.79
CA LYS A 27 6.06 -12.30 -9.08
C LYS A 27 4.60 -12.35 -9.48
N ASP A 28 3.93 -13.51 -9.33
CA ASP A 28 2.54 -13.60 -9.72
C ASP A 28 1.70 -12.68 -8.87
N ARG A 29 1.97 -12.61 -7.55
CA ARG A 29 1.20 -11.76 -6.68
C ARG A 29 1.45 -10.31 -7.02
N ALA A 30 2.72 -9.96 -7.32
CA ALA A 30 3.07 -8.60 -7.65
C ALA A 30 2.38 -8.21 -8.92
N LEU A 31 2.31 -9.14 -9.89
CA LEU A 31 1.65 -8.87 -11.16
C LEU A 31 0.19 -8.59 -10.92
N GLN A 32 -0.45 -9.36 -10.00
CA GLN A 32 -1.85 -9.17 -9.72
C GLN A 32 -2.03 -7.80 -9.10
N LEU A 33 -1.09 -7.39 -8.21
CA LEU A 33 -1.18 -6.11 -7.58
C LEU A 33 -1.01 -5.02 -8.62
N ARG A 34 -0.07 -5.22 -9.57
CA ARG A 34 0.20 -4.23 -10.59
C ARG A 34 -1.04 -4.00 -11.43
N THR A 35 -1.74 -5.08 -11.84
CA THR A 35 -2.92 -4.88 -12.67
C THR A 35 -4.05 -4.37 -11.81
N LEU A 36 -4.05 -4.71 -10.51
CA LEU A 36 -5.10 -4.25 -9.63
C LEU A 36 -4.99 -2.75 -9.50
N TYR A 37 -3.74 -2.24 -9.42
CA TYR A 37 -3.51 -0.82 -9.30
C TYR A 37 -4.02 -0.13 -10.54
N ALA A 38 -3.88 -0.80 -11.70
CA ALA A 38 -4.34 -0.23 -12.95
C ALA A 38 -5.83 0.01 -12.85
N ARG A 39 -6.57 -0.90 -12.17
CA ARG A 39 -8.00 -0.74 -12.05
C ARG A 39 -8.28 0.52 -11.27
N LEU A 40 -7.45 0.76 -10.23
CA LEU A 40 -7.61 1.93 -9.40
C LEU A 40 -7.30 3.17 -10.22
N LYS A 41 -6.23 3.11 -11.04
CA LYS A 41 -5.86 4.25 -11.86
C LYS A 41 -6.97 4.56 -12.84
N LYS A 42 -7.61 3.51 -13.40
CA LYS A 42 -8.68 3.71 -14.34
C LYS A 42 -9.92 4.13 -13.61
N ASN A 43 -9.90 4.05 -12.25
CA ASN A 43 -11.03 4.44 -11.45
C ASN A 43 -12.19 3.53 -11.76
N GLU A 44 -11.89 2.23 -11.97
CA GLU A 44 -12.93 1.29 -12.27
C GLU A 44 -13.38 0.70 -10.97
N ILE A 45 -12.61 0.94 -9.89
CA ILE A 45 -12.95 0.41 -8.59
C ILE A 45 -12.72 1.54 -7.62
N PRO A 46 -13.46 1.54 -6.54
CA PRO A 46 -13.32 2.54 -5.52
C PRO A 46 -12.08 2.36 -4.69
N LYS A 47 -11.73 3.40 -3.90
CA LYS A 47 -10.54 3.32 -3.06
C LYS A 47 -10.74 2.19 -2.08
N GLU A 48 -11.97 2.05 -1.56
CA GLU A 48 -12.27 0.98 -0.63
C GLU A 48 -12.12 -0.33 -1.35
N GLY A 49 -12.55 -0.36 -2.64
CA GLY A 49 -12.46 -1.57 -3.42
C GLY A 49 -11.02 -1.95 -3.58
N PHE A 50 -10.16 -0.96 -3.88
CA PHE A 50 -8.75 -1.21 -4.06
C PHE A 50 -8.19 -1.76 -2.78
N THR A 51 -8.52 -1.11 -1.64
CA THR A 51 -8.00 -1.54 -0.35
C THR A 51 -8.46 -2.95 -0.06
N ARG A 52 -9.77 -3.24 -0.29
CA ARG A 52 -10.29 -4.55 0.00
C ARG A 52 -9.60 -5.60 -0.83
N HIS A 53 -9.44 -5.36 -2.15
CA HIS A 53 -8.80 -6.35 -2.99
C HIS A 53 -7.33 -6.42 -2.67
N MET A 54 -6.69 -5.26 -2.41
CA MET A 54 -5.27 -5.23 -2.14
C MET A 54 -4.95 -5.98 -0.87
N LYS A 55 -5.76 -5.79 0.20
CA LYS A 55 -5.48 -6.47 1.45
C LYS A 55 -5.71 -7.95 1.28
N ASP A 56 -6.54 -8.35 0.29
CA ASP A 56 -6.80 -9.74 0.07
C ASP A 56 -5.59 -10.39 -0.57
N ILE A 57 -4.81 -9.61 -1.36
CA ILE A 57 -3.66 -10.16 -2.04
C ILE A 57 -2.49 -10.26 -1.11
N VAL A 58 -2.11 -9.14 -0.46
CA VAL A 58 -0.95 -9.15 0.41
C VAL A 58 -1.32 -9.70 1.76
N GLY A 59 -2.56 -9.43 2.22
CA GLY A 59 -2.98 -9.91 3.51
C GLY A 59 -3.14 -8.72 4.38
N ASP A 60 -4.05 -8.80 5.36
CA ASP A 60 -4.30 -7.69 6.24
C ASP A 60 -3.11 -7.49 7.13
N GLN A 61 -2.44 -8.60 7.54
CA GLN A 61 -1.30 -8.48 8.42
C GLN A 61 -0.19 -7.77 7.72
N MET A 62 0.06 -8.12 6.44
CA MET A 62 1.12 -7.50 5.68
C MET A 62 0.78 -6.07 5.42
N LEU A 63 -0.51 -5.79 5.17
CA LEU A 63 -0.94 -4.45 4.85
C LEU A 63 -0.69 -3.54 6.02
N ARG A 64 -1.09 -3.94 7.24
CA ARG A 64 -0.89 -3.07 8.39
C ARG A 64 0.57 -2.99 8.74
N MET A 65 1.33 -4.08 8.54
CA MET A 65 2.74 -4.05 8.87
C MET A 65 3.47 -3.14 7.92
N ALA A 66 3.10 -3.16 6.62
CA ALA A 66 3.75 -2.32 5.66
C ALA A 66 3.52 -0.88 5.99
N VAL A 67 2.26 -0.53 6.36
CA VAL A 67 1.93 0.84 6.68
C VAL A 67 2.70 1.24 7.91
N SER A 68 2.75 0.34 8.90
CA SER A 68 3.44 0.63 10.14
C SER A 68 4.91 0.83 9.89
N LYS A 69 5.51 -0.01 9.02
CA LYS A 69 6.92 0.09 8.73
C LYS A 69 7.20 1.41 8.04
N LEU A 70 6.34 1.76 7.07
CA LEU A 70 6.52 2.98 6.32
C LEU A 70 6.33 4.17 7.22
N GLN A 71 5.34 4.11 8.13
CA GLN A 71 5.08 5.19 9.05
C GLN A 71 6.26 5.36 9.96
N GLN A 72 6.87 4.23 10.39
CA GLN A 72 8.00 4.29 11.29
C GLN A 72 9.18 4.82 10.52
N VAL A 73 9.77 5.93 11.01
CA VAL A 73 10.90 6.53 10.35
C VAL A 73 12.08 5.62 10.45
N ASN A 74 12.34 5.09 11.67
CA ASN A 74 13.46 4.20 11.83
C ASN A 74 13.15 3.29 12.98
N TYR A 75 13.20 1.97 12.73
CA TYR A 75 12.91 1.02 13.77
C TYR A 75 14.17 0.89 14.64
N MET A 1 13.28 12.89 11.65
CA MET A 1 14.22 13.98 11.27
C MET A 1 14.73 13.78 9.87
N MET A 2 14.56 12.55 9.34
CA MET A 2 15.00 12.25 8.00
C MET A 2 14.14 13.02 7.03
N ASN A 3 12.82 13.10 7.33
CA ASN A 3 11.92 13.81 6.45
C ASN A 3 11.00 14.65 7.31
N PRO A 4 11.50 15.78 7.75
CA PRO A 4 10.72 16.68 8.60
C PRO A 4 9.61 17.36 7.87
N ILE A 5 9.72 17.45 6.52
CA ILE A 5 8.70 18.09 5.74
C ILE A 5 8.15 17.04 4.81
N ASN A 6 6.82 16.84 4.87
CA ASN A 6 6.21 15.87 4.01
C ASN A 6 4.77 16.25 3.87
N ARG A 7 4.17 15.96 2.70
CA ARG A 7 2.79 16.30 2.48
C ARG A 7 1.96 15.22 3.09
N ASN A 8 0.87 15.62 3.80
CA ASN A 8 -0.02 14.67 4.44
C ASN A 8 0.78 13.74 5.32
N PRO A 9 1.40 14.27 6.36
CA PRO A 9 2.20 13.48 7.27
C PRO A 9 1.38 12.77 8.31
N LYS A 10 0.48 11.87 7.84
CA LYS A 10 -0.35 11.13 8.75
C LYS A 10 -0.43 9.73 8.25
N GLN A 11 -0.83 9.57 6.98
CA GLN A 11 -0.93 8.25 6.40
C GLN A 11 -0.11 8.25 5.16
N VAL A 12 0.64 7.15 4.92
CA VAL A 12 1.46 7.05 3.76
C VAL A 12 0.57 6.74 2.57
N PRO A 13 0.99 7.19 1.40
CA PRO A 13 0.24 6.97 0.18
C PRO A 13 0.33 5.55 -0.31
N PHE A 14 -0.68 5.13 -1.11
CA PHE A 14 -0.70 3.79 -1.64
C PHE A 14 0.42 3.62 -2.63
N ALA A 15 0.87 4.73 -3.24
CA ALA A 15 1.93 4.66 -4.21
C ALA A 15 3.18 4.10 -3.56
N ALA A 16 3.44 4.46 -2.29
CA ALA A 16 4.62 3.98 -1.61
C ALA A 16 4.36 2.60 -1.04
N LEU A 17 3.09 2.16 -1.04
CA LEU A 17 2.76 0.86 -0.48
C LEU A 17 3.00 -0.21 -1.52
N LEU A 18 2.83 0.12 -2.81
CA LEU A 18 2.98 -0.89 -3.84
C LEU A 18 4.37 -1.48 -3.83
N PRO A 19 5.42 -0.68 -3.96
CA PRO A 19 6.77 -1.23 -3.99
C PRO A 19 7.17 -1.98 -2.75
N THR A 20 6.64 -1.56 -1.59
CA THR A 20 6.96 -2.23 -0.35
C THR A 20 6.32 -3.58 -0.36
N LEU A 21 5.04 -3.63 -0.80
CA LEU A 21 4.29 -4.86 -0.80
C LEU A 21 4.80 -5.75 -1.89
N MET A 22 5.14 -5.18 -3.05
CA MET A 22 5.61 -5.96 -4.16
C MET A 22 6.88 -6.66 -3.78
N ASN A 23 7.72 -6.00 -2.94
CA ASN A 23 8.95 -6.60 -2.52
C ASN A 23 8.68 -7.78 -1.61
N GLN A 24 7.49 -7.81 -0.95
CA GLN A 24 7.18 -8.90 -0.04
C GLN A 24 6.25 -9.85 -0.72
N LEU A 25 5.89 -9.56 -1.98
CA LEU A 25 4.97 -10.42 -2.70
C LEU A 25 5.73 -11.21 -3.72
N ASP A 26 5.14 -12.36 -4.12
CA ASP A 26 5.74 -13.21 -5.13
C ASP A 26 5.54 -12.50 -6.44
N LYS A 27 6.20 -12.98 -7.51
CA LYS A 27 6.07 -12.33 -8.80
C LYS A 27 4.64 -12.35 -9.24
N ASP A 28 3.97 -13.51 -9.08
CA ASP A 28 2.60 -13.63 -9.52
C ASP A 28 1.73 -12.69 -8.72
N ARG A 29 1.96 -12.61 -7.38
CA ARG A 29 1.15 -11.74 -6.54
C ARG A 29 1.43 -10.31 -6.89
N ALA A 30 2.71 -9.97 -7.16
CA ALA A 30 3.08 -8.60 -7.48
C ALA A 30 2.41 -8.22 -8.78
N LEU A 31 2.36 -9.17 -9.76
CA LEU A 31 1.73 -8.89 -11.02
C LEU A 31 0.27 -8.62 -10.82
N GLN A 32 -0.38 -9.40 -9.93
CA GLN A 32 -1.79 -9.20 -9.66
C GLN A 32 -1.98 -7.84 -9.04
N LEU A 33 -1.06 -7.44 -8.14
CA LEU A 33 -1.16 -6.16 -7.49
C LEU A 33 -0.98 -5.06 -8.52
N ARG A 34 -0.02 -5.25 -9.45
CA ARG A 34 0.25 -4.25 -10.46
C ARG A 34 -0.97 -4.02 -11.32
N THR A 35 -1.65 -5.10 -11.77
CA THR A 35 -2.81 -4.92 -12.61
C THR A 35 -3.95 -4.39 -11.77
N LEU A 36 -3.97 -4.73 -10.47
CA LEU A 36 -5.03 -4.26 -9.60
C LEU A 36 -4.91 -2.75 -9.50
N TYR A 37 -3.67 -2.23 -9.41
CA TYR A 37 -3.44 -0.81 -9.31
C TYR A 37 -3.96 -0.15 -10.56
N ALA A 38 -3.81 -0.82 -11.72
CA ALA A 38 -4.29 -0.27 -12.97
C ALA A 38 -5.78 -0.05 -12.87
N ARG A 39 -6.50 -0.97 -12.19
CA ARG A 39 -7.94 -0.84 -12.06
C ARG A 39 -8.22 0.42 -11.29
N LEU A 40 -7.41 0.68 -10.24
CA LEU A 40 -7.59 1.85 -9.41
C LEU A 40 -7.32 3.09 -10.24
N LYS A 41 -6.25 3.06 -11.07
CA LYS A 41 -5.91 4.20 -11.89
C LYS A 41 -7.03 4.48 -12.86
N LYS A 42 -7.67 3.42 -13.41
CA LYS A 42 -8.74 3.61 -14.36
C LYS A 42 -10.02 3.95 -13.62
N ASN A 43 -9.97 3.89 -12.27
CA ASN A 43 -11.13 4.21 -11.44
C ASN A 43 -12.24 3.24 -11.76
N GLU A 44 -11.87 1.97 -12.00
CA GLU A 44 -12.87 0.97 -12.28
C GLU A 44 -13.31 0.38 -10.97
N ILE A 45 -12.55 0.68 -9.89
CA ILE A 45 -12.89 0.16 -8.59
C ILE A 45 -12.70 1.30 -7.64
N PRO A 46 -13.46 1.28 -6.56
CA PRO A 46 -13.36 2.32 -5.55
C PRO A 46 -12.12 2.20 -4.71
N LYS A 47 -11.78 3.26 -3.94
CA LYS A 47 -10.61 3.24 -3.11
C LYS A 47 -10.76 2.12 -2.11
N GLU A 48 -11.98 1.95 -1.56
CA GLU A 48 -12.23 0.90 -0.61
C GLU A 48 -12.06 -0.42 -1.32
N GLY A 49 -12.50 -0.50 -2.59
CA GLY A 49 -12.39 -1.72 -3.36
C GLY A 49 -10.94 -2.07 -3.53
N PHE A 50 -10.11 -1.06 -3.85
CA PHE A 50 -8.70 -1.29 -4.03
C PHE A 50 -8.09 -1.77 -2.74
N THR A 51 -8.44 -1.11 -1.62
CA THR A 51 -7.90 -1.48 -0.33
C THR A 51 -8.32 -2.89 0.01
N ARG A 52 -9.62 -3.20 -0.17
CA ARG A 52 -10.13 -4.53 0.17
C ARG A 52 -9.44 -5.57 -0.68
N HIS A 53 -9.31 -5.32 -2.00
CA HIS A 53 -8.69 -6.28 -2.88
C HIS A 53 -7.24 -6.43 -2.53
N MET A 54 -6.56 -5.30 -2.18
CA MET A 54 -5.16 -5.36 -1.84
C MET A 54 -4.96 -6.23 -0.64
N LYS A 55 -5.85 -6.10 0.37
CA LYS A 55 -5.72 -6.89 1.58
C LYS A 55 -5.83 -8.35 1.24
N ASP A 56 -6.67 -8.70 0.28
CA ASP A 56 -6.85 -10.09 -0.09
C ASP A 56 -5.60 -10.61 -0.77
N ILE A 57 -4.77 -9.72 -1.34
CA ILE A 57 -3.58 -10.18 -2.03
C ILE A 57 -2.42 -10.26 -1.07
N VAL A 58 -2.10 -9.15 -0.37
CA VAL A 58 -0.96 -9.13 0.52
C VAL A 58 -1.31 -9.75 1.85
N GLY A 59 -2.56 -9.54 2.32
CA GLY A 59 -2.95 -10.09 3.60
C GLY A 59 -3.17 -8.93 4.52
N ASP A 60 -4.04 -9.13 5.54
CA ASP A 60 -4.33 -8.09 6.49
C ASP A 60 -3.09 -7.76 7.27
N GLN A 61 -2.30 -8.78 7.62
CA GLN A 61 -1.11 -8.55 8.42
C GLN A 61 -0.05 -7.82 7.62
N MET A 62 0.09 -8.12 6.33
CA MET A 62 1.10 -7.46 5.53
C MET A 62 0.69 -6.03 5.31
N LEU A 63 -0.62 -5.79 5.19
CA LEU A 63 -1.12 -4.46 4.93
C LEU A 63 -0.78 -3.55 6.08
N ARG A 64 -1.06 -3.98 7.34
CA ARG A 64 -0.80 -3.12 8.47
C ARG A 64 0.69 -3.00 8.70
N MET A 65 1.46 -4.07 8.43
CA MET A 65 2.89 -4.01 8.64
C MET A 65 3.52 -3.06 7.66
N ALA A 66 3.05 -3.07 6.39
CA ALA A 66 3.62 -2.20 5.40
C ALA A 66 3.40 -0.76 5.78
N VAL A 67 2.17 -0.43 6.24
CA VAL A 67 1.87 0.93 6.62
C VAL A 67 2.69 1.29 7.82
N SER A 68 2.81 0.35 8.78
CA SER A 68 3.54 0.61 10.00
C SER A 68 4.99 0.88 9.69
N LYS A 69 5.59 0.11 8.77
CA LYS A 69 7.00 0.30 8.46
C LYS A 69 7.18 1.61 7.73
N LEU A 70 6.25 1.94 6.82
CA LEU A 70 6.36 3.17 6.06
C LEU A 70 6.23 4.34 7.00
N GLN A 71 5.28 4.28 7.96
CA GLN A 71 5.12 5.38 8.88
C GLN A 71 6.32 5.41 9.78
N GLN A 72 6.79 4.21 10.22
CA GLN A 72 7.95 4.10 11.07
C GLN A 72 7.68 4.87 12.35
N VAL A 73 6.55 4.55 13.01
CA VAL A 73 6.20 5.21 14.24
C VAL A 73 5.83 4.16 15.22
N ASN A 74 5.89 4.50 16.53
CA ASN A 74 5.55 3.55 17.55
C ASN A 74 4.17 3.87 18.02
N TYR A 75 3.24 2.91 17.84
CA TYR A 75 1.87 3.11 18.24
C TYR A 75 1.36 4.43 17.65
N MET A 1 7.19 34.96 -5.30
CA MET A 1 6.28 34.89 -4.12
C MET A 1 5.33 33.73 -4.25
N MET A 2 5.54 32.88 -5.28
CA MET A 2 4.67 31.75 -5.48
C MET A 2 5.21 30.62 -4.66
N ASN A 3 4.30 29.86 -4.01
CA ASN A 3 4.72 28.75 -3.19
C ASN A 3 3.87 27.59 -3.59
N PRO A 4 4.41 26.39 -3.46
CA PRO A 4 3.69 25.17 -3.81
C PRO A 4 2.65 24.82 -2.80
N ILE A 5 1.60 24.11 -3.25
CA ILE A 5 0.54 23.72 -2.36
C ILE A 5 0.50 22.22 -2.35
N ASN A 6 0.60 21.62 -1.15
CA ASN A 6 0.57 20.18 -1.05
C ASN A 6 0.11 19.84 0.33
N ARG A 7 -0.05 18.53 0.61
CA ARG A 7 -0.50 18.11 1.91
C ARG A 7 0.47 17.07 2.38
N ASN A 8 0.64 16.99 3.72
CA ASN A 8 1.56 16.04 4.29
C ASN A 8 0.79 15.23 5.31
N PRO A 9 0.10 14.21 4.85
CA PRO A 9 -0.69 13.37 5.74
C PRO A 9 0.16 12.47 6.58
N LYS A 10 -0.35 12.13 7.79
CA LYS A 10 0.39 11.27 8.68
C LYS A 10 0.37 9.87 8.13
N GLN A 11 -0.62 9.56 7.28
CA GLN A 11 -0.71 8.23 6.72
C GLN A 11 0.04 8.23 5.42
N VAL A 12 0.84 7.17 5.19
CA VAL A 12 1.61 7.09 3.97
C VAL A 12 0.66 6.78 2.83
N PRO A 13 1.01 7.25 1.65
CA PRO A 13 0.20 7.04 0.47
C PRO A 13 0.28 5.64 -0.05
N PHE A 14 -0.76 5.23 -0.83
CA PHE A 14 -0.80 3.89 -1.37
C PHE A 14 0.29 3.75 -2.40
N ALA A 15 0.70 4.87 -3.02
CA ALA A 15 1.73 4.82 -4.04
C ALA A 15 3.00 4.28 -3.44
N ALA A 16 3.30 4.64 -2.17
CA ALA A 16 4.52 4.17 -1.54
C ALA A 16 4.31 2.78 -0.98
N LEU A 17 3.05 2.31 -0.94
CA LEU A 17 2.76 1.01 -0.40
C LEU A 17 3.00 -0.05 -1.44
N LEU A 18 2.76 0.29 -2.73
CA LEU A 18 2.90 -0.69 -3.79
C LEU A 18 4.30 -1.26 -3.83
N PRO A 19 5.33 -0.44 -3.97
CA PRO A 19 6.70 -0.96 -4.06
C PRO A 19 7.13 -1.74 -2.85
N THR A 20 6.61 -1.36 -1.67
CA THR A 20 6.98 -2.08 -0.46
C THR A 20 6.34 -3.43 -0.51
N LEU A 21 5.06 -3.48 -0.93
CA LEU A 21 4.32 -4.72 -0.96
C LEU A 21 4.83 -5.57 -2.07
N MET A 22 5.15 -4.95 -3.23
CA MET A 22 5.63 -5.69 -4.37
C MET A 22 6.92 -6.38 -4.00
N ASN A 23 7.75 -5.73 -3.16
CA ASN A 23 9.00 -6.32 -2.78
C ASN A 23 8.76 -7.50 -1.85
N GLN A 24 7.57 -7.57 -1.22
CA GLN A 24 7.29 -8.65 -0.30
C GLN A 24 6.38 -9.64 -0.98
N LEU A 25 5.99 -9.35 -2.23
CA LEU A 25 5.11 -10.23 -2.94
C LEU A 25 5.90 -11.01 -3.95
N ASP A 26 5.36 -12.18 -4.34
CA ASP A 26 6.00 -13.01 -5.33
C ASP A 26 5.72 -12.36 -6.66
N LYS A 27 6.35 -12.85 -7.75
CA LYS A 27 6.15 -12.27 -9.05
C LYS A 27 4.71 -12.38 -9.44
N ASP A 28 4.11 -13.56 -9.19
CA ASP A 28 2.73 -13.76 -9.56
C ASP A 28 1.83 -12.81 -8.80
N ARG A 29 2.10 -12.64 -7.49
CA ARG A 29 1.28 -11.77 -6.67
C ARG A 29 1.51 -10.33 -7.07
N ALA A 30 2.77 -9.97 -7.35
CA ALA A 30 3.10 -8.61 -7.73
C ALA A 30 2.40 -8.26 -9.02
N LEU A 31 2.33 -9.22 -9.97
CA LEU A 31 1.69 -8.96 -11.24
C LEU A 31 0.23 -8.67 -11.01
N GLN A 32 -0.40 -9.38 -10.04
CA GLN A 32 -1.80 -9.16 -9.76
C GLN A 32 -1.96 -7.76 -9.22
N LEU A 33 -1.00 -7.31 -8.38
CA LEU A 33 -1.07 -5.99 -7.82
C LEU A 33 -0.92 -4.95 -8.91
N ARG A 34 -0.01 -5.21 -9.88
CA ARG A 34 0.22 -4.25 -10.94
C ARG A 34 -1.04 -4.04 -11.74
N THR A 35 -1.79 -5.12 -12.03
CA THR A 35 -3.00 -4.96 -12.83
C THR A 35 -4.09 -4.43 -11.94
N LEU A 36 -4.05 -4.75 -10.63
CA LEU A 36 -5.08 -4.27 -9.73
C LEU A 36 -4.96 -2.77 -9.61
N TYR A 37 -3.70 -2.26 -9.55
CA TYR A 37 -3.48 -0.84 -9.45
C TYR A 37 -4.00 -0.17 -10.69
N ALA A 38 -3.89 -0.85 -11.84
CA ALA A 38 -4.36 -0.29 -13.10
C ALA A 38 -5.85 -0.04 -12.98
N ARG A 39 -6.58 -0.94 -12.27
CA ARG A 39 -8.01 -0.76 -12.12
C ARG A 39 -8.26 0.51 -11.36
N LEU A 40 -7.42 0.76 -10.33
CA LEU A 40 -7.54 1.95 -9.52
C LEU A 40 -7.23 3.17 -10.36
N LYS A 41 -6.18 3.08 -11.20
CA LYS A 41 -5.80 4.20 -12.05
C LYS A 41 -6.93 4.52 -12.99
N LYS A 42 -7.61 3.48 -13.52
CA LYS A 42 -8.69 3.70 -14.46
C LYS A 42 -9.91 4.15 -13.68
N ASN A 43 -9.85 4.07 -12.34
CA ASN A 43 -10.96 4.48 -11.49
C ASN A 43 -12.14 3.59 -11.79
N GLU A 44 -11.87 2.28 -12.01
CA GLU A 44 -12.94 1.36 -12.28
C GLU A 44 -13.37 0.78 -10.96
N ILE A 45 -12.56 1.01 -9.91
CA ILE A 45 -12.88 0.50 -8.60
C ILE A 45 -12.61 1.61 -7.63
N PRO A 46 -13.34 1.62 -6.54
CA PRO A 46 -13.17 2.63 -5.52
C PRO A 46 -11.92 2.43 -4.71
N LYS A 47 -11.53 3.46 -3.93
CA LYS A 47 -10.34 3.37 -3.11
C LYS A 47 -10.53 2.24 -2.14
N GLU A 48 -11.75 2.12 -1.57
CA GLU A 48 -12.04 1.06 -0.64
C GLU A 48 -11.93 -0.26 -1.38
N GLY A 49 -12.38 -0.29 -2.66
CA GLY A 49 -12.32 -1.50 -3.45
C GLY A 49 -10.89 -1.90 -3.62
N PHE A 50 -10.01 -0.93 -3.93
CA PHE A 50 -8.61 -1.21 -4.12
C PHE A 50 -8.04 -1.75 -2.83
N THR A 51 -8.36 -1.07 -1.71
CA THR A 51 -7.84 -1.48 -0.42
C THR A 51 -8.31 -2.89 -0.10
N ARG A 52 -9.61 -3.15 -0.31
CA ARG A 52 -10.15 -4.46 0.01
C ARG A 52 -9.51 -5.52 -0.84
N HIS A 53 -9.37 -5.27 -2.16
CA HIS A 53 -8.78 -6.27 -3.02
C HIS A 53 -7.32 -6.42 -2.73
N MET A 54 -6.60 -5.30 -2.49
CA MET A 54 -5.17 -5.38 -2.26
C MET A 54 -4.89 -6.07 -0.95
N LYS A 55 -5.65 -5.77 0.12
CA LYS A 55 -5.37 -6.41 1.40
C LYS A 55 -5.64 -7.88 1.30
N ASP A 56 -6.49 -8.30 0.35
CA ASP A 56 -6.78 -9.71 0.21
C ASP A 56 -5.58 -10.39 -0.41
N ILE A 57 -4.89 -9.70 -1.33
CA ILE A 57 -3.76 -10.29 -2.03
C ILE A 57 -2.55 -10.33 -1.13
N VAL A 58 -2.19 -9.19 -0.52
CA VAL A 58 -1.01 -9.14 0.33
C VAL A 58 -1.33 -9.70 1.68
N GLY A 59 -2.56 -9.45 2.17
CA GLY A 59 -2.94 -9.95 3.47
C GLY A 59 -3.06 -8.75 4.36
N ASP A 60 -3.94 -8.85 5.37
CA ASP A 60 -4.15 -7.76 6.27
C ASP A 60 -2.92 -7.57 7.12
N GLN A 61 -2.26 -8.67 7.52
CA GLN A 61 -1.08 -8.56 8.35
C GLN A 61 0.04 -7.97 7.56
N MET A 62 0.21 -8.38 6.28
CA MET A 62 1.28 -7.86 5.47
C MET A 62 1.03 -6.40 5.24
N LEU A 63 -0.23 -6.02 4.99
CA LEU A 63 -0.57 -4.65 4.74
C LEU A 63 -0.31 -3.85 5.99
N ARG A 64 -0.73 -4.41 7.15
CA ARG A 64 -0.56 -3.77 8.42
C ARG A 64 0.92 -3.57 8.70
N MET A 65 1.73 -4.62 8.45
CA MET A 65 3.15 -4.52 8.71
C MET A 65 3.79 -3.52 7.77
N ALA A 66 3.37 -3.53 6.49
CA ALA A 66 3.96 -2.62 5.53
C ALA A 66 3.66 -1.20 5.91
N VAL A 67 2.39 -0.92 6.30
CA VAL A 67 2.00 0.41 6.67
C VAL A 67 2.75 0.81 7.91
N SER A 68 2.88 -0.13 8.87
CA SER A 68 3.56 0.16 10.12
C SER A 68 5.00 0.51 9.87
N LYS A 69 5.67 -0.23 8.95
CA LYS A 69 7.07 0.04 8.68
C LYS A 69 7.21 1.35 7.98
N LEU A 70 6.28 1.66 7.06
CA LEU A 70 6.34 2.90 6.32
C LEU A 70 6.18 4.06 7.27
N GLN A 71 5.24 3.96 8.24
CA GLN A 71 5.07 5.04 9.19
C GLN A 71 6.29 5.08 10.07
N GLN A 72 6.78 3.89 10.48
CA GLN A 72 7.96 3.78 11.32
C GLN A 72 7.68 4.49 12.62
N VAL A 73 6.56 4.11 13.27
CA VAL A 73 6.20 4.73 14.53
C VAL A 73 5.86 3.61 15.47
N ASN A 74 5.92 3.91 16.79
CA ASN A 74 5.62 2.90 17.78
C ASN A 74 4.15 2.97 18.12
N TYR A 75 3.42 3.91 17.50
CA TYR A 75 2.02 4.05 17.76
C TYR A 75 1.26 3.74 16.46
N MET A 1 2.41 14.09 29.67
CA MET A 1 1.61 15.34 29.49
C MET A 1 2.04 16.07 28.25
N MET A 2 3.33 15.97 27.91
CA MET A 2 3.83 16.63 26.73
C MET A 2 4.75 15.68 26.04
N ASN A 3 4.56 15.52 24.71
CA ASN A 3 5.39 14.61 23.95
C ASN A 3 5.93 15.39 22.78
N PRO A 4 7.08 16.03 22.97
CA PRO A 4 7.70 16.82 21.92
C PRO A 4 8.05 16.00 20.71
N ILE A 5 7.89 16.60 19.51
CA ILE A 5 8.20 15.89 18.30
C ILE A 5 9.07 16.79 17.47
N ASN A 6 9.89 16.20 16.57
CA ASN A 6 10.77 16.99 15.75
C ASN A 6 10.18 17.04 14.37
N ARG A 7 9.29 16.07 14.03
CA ARG A 7 8.69 16.04 12.73
C ARG A 7 7.23 15.77 12.94
N ASN A 8 6.38 16.34 12.07
CA ASN A 8 4.96 16.14 12.18
C ASN A 8 4.63 14.79 11.58
N PRO A 9 3.55 14.20 12.04
CA PRO A 9 3.11 12.90 11.54
C PRO A 9 2.51 13.00 10.17
N LYS A 10 2.55 11.88 9.41
CA LYS A 10 2.00 11.88 8.08
C LYS A 10 1.60 10.48 7.78
N GLN A 11 0.75 10.30 6.75
CA GLN A 11 0.31 8.98 6.37
C GLN A 11 0.98 8.65 5.08
N VAL A 12 1.49 7.40 4.97
CA VAL A 12 2.17 6.99 3.77
C VAL A 12 1.10 6.69 2.73
N PRO A 13 1.29 7.19 1.52
CA PRO A 13 0.35 6.95 0.44
C PRO A 13 0.42 5.56 -0.11
N PHE A 14 -0.63 5.14 -0.87
CA PHE A 14 -0.67 3.82 -1.44
C PHE A 14 0.44 3.68 -2.46
N ALA A 15 0.87 4.81 -3.05
CA ALA A 15 1.93 4.77 -4.04
C ALA A 15 3.19 4.20 -3.42
N ALA A 16 3.46 4.54 -2.14
CA ALA A 16 4.66 4.05 -1.48
C ALA A 16 4.39 2.66 -0.94
N LEU A 17 3.13 2.21 -0.92
CA LEU A 17 2.82 0.90 -0.39
C LEU A 17 3.07 -0.14 -1.45
N LEU A 18 2.89 0.21 -2.74
CA LEU A 18 3.06 -0.78 -3.80
C LEU A 18 4.46 -1.35 -3.78
N PRO A 19 5.49 -0.54 -3.90
CA PRO A 19 6.86 -1.07 -3.93
C PRO A 19 7.24 -1.82 -2.69
N THR A 20 6.69 -1.42 -1.54
CA THR A 20 7.01 -2.10 -0.30
C THR A 20 6.40 -3.47 -0.34
N LEU A 21 5.13 -3.54 -0.79
CA LEU A 21 4.42 -4.79 -0.83
C LEU A 21 4.96 -5.65 -1.93
N MET A 22 5.30 -5.04 -3.07
CA MET A 22 5.81 -5.78 -4.20
C MET A 22 7.10 -6.45 -3.80
N ASN A 23 7.90 -5.78 -2.95
CA ASN A 23 9.17 -6.34 -2.53
C ASN A 23 8.93 -7.54 -1.64
N GLN A 24 7.75 -7.62 -0.98
CA GLN A 24 7.48 -8.74 -0.09
C GLN A 24 6.58 -9.71 -0.80
N LEU A 25 6.19 -9.41 -2.05
CA LEU A 25 5.31 -10.28 -2.77
C LEU A 25 6.11 -11.02 -3.82
N ASP A 26 5.54 -12.16 -4.27
CA ASP A 26 6.18 -12.94 -5.30
C ASP A 26 5.91 -12.26 -6.61
N LYS A 27 6.53 -12.75 -7.69
CA LYS A 27 6.35 -12.12 -8.99
C LYS A 27 4.91 -12.19 -9.40
N ASP A 28 4.26 -13.34 -9.14
CA ASP A 28 2.88 -13.49 -9.53
C ASP A 28 2.00 -12.56 -8.72
N ARG A 29 2.23 -12.51 -7.39
CA ARG A 29 1.42 -11.65 -6.54
C ARG A 29 1.67 -10.21 -6.88
N ALA A 30 2.95 -9.85 -7.16
CA ALA A 30 3.29 -8.48 -7.47
C ALA A 30 2.60 -8.10 -8.75
N LEU A 31 2.53 -9.05 -9.70
CA LEU A 31 1.90 -8.80 -10.98
C LEU A 31 0.45 -8.48 -10.74
N GLN A 32 -0.21 -9.24 -9.84
CA GLN A 32 -1.61 -9.01 -9.56
C GLN A 32 -1.77 -7.63 -8.97
N LEU A 33 -0.84 -7.23 -8.08
CA LEU A 33 -0.92 -5.93 -7.46
C LEU A 33 -0.74 -4.86 -8.52
N ARG A 34 0.21 -5.07 -9.46
CA ARG A 34 0.49 -4.10 -10.49
C ARG A 34 -0.73 -3.88 -11.34
N THR A 35 -1.42 -4.97 -11.76
CA THR A 35 -2.59 -4.79 -12.60
C THR A 35 -3.74 -4.28 -11.77
N LEU A 36 -3.75 -4.59 -10.46
CA LEU A 36 -4.81 -4.13 -9.59
C LEU A 36 -4.75 -2.62 -9.51
N TYR A 37 -3.51 -2.08 -9.46
CA TYR A 37 -3.34 -0.64 -9.38
C TYR A 37 -3.87 -0.01 -10.63
N ALA A 38 -3.71 -0.70 -11.79
CA ALA A 38 -4.20 -0.19 -13.04
C ALA A 38 -5.70 -0.02 -12.95
N ARG A 39 -6.39 -0.94 -12.24
CA ARG A 39 -7.83 -0.87 -12.12
C ARG A 39 -8.18 0.41 -11.40
N LEU A 40 -7.37 0.75 -10.38
CA LEU A 40 -7.61 1.95 -9.61
C LEU A 40 -7.42 3.16 -10.50
N LYS A 41 -6.38 3.14 -11.35
CA LYS A 41 -6.12 4.26 -12.24
C LYS A 41 -7.28 4.42 -13.18
N LYS A 42 -7.86 3.29 -13.66
CA LYS A 42 -8.97 3.37 -14.58
C LYS A 42 -10.23 3.72 -13.83
N ASN A 43 -10.16 3.74 -12.48
CA ASN A 43 -11.30 4.07 -11.64
C ASN A 43 -12.39 3.08 -11.90
N GLU A 44 -12.00 1.79 -12.09
CA GLU A 44 -12.99 0.77 -12.33
C GLU A 44 -13.37 0.19 -11.00
N ILE A 45 -12.61 0.54 -9.94
CA ILE A 45 -12.91 0.03 -8.62
C ILE A 45 -12.78 1.20 -7.69
N PRO A 46 -13.52 1.17 -6.61
CA PRO A 46 -13.49 2.22 -5.62
C PRO A 46 -12.25 2.17 -4.77
N LYS A 47 -11.99 3.25 -4.00
CA LYS A 47 -10.83 3.31 -3.15
C LYS A 47 -10.93 2.19 -2.14
N GLU A 48 -12.16 1.97 -1.61
CA GLU A 48 -12.37 0.91 -0.65
C GLU A 48 -12.12 -0.40 -1.34
N GLY A 49 -12.53 -0.51 -2.62
CA GLY A 49 -12.35 -1.73 -3.38
C GLY A 49 -10.89 -2.00 -3.52
N PHE A 50 -10.09 -0.96 -3.79
CA PHE A 50 -8.67 -1.11 -3.96
C PHE A 50 -8.07 -1.60 -2.67
N THR A 51 -8.45 -0.98 -1.54
CA THR A 51 -7.91 -1.37 -0.25
C THR A 51 -8.33 -2.78 0.06
N ARG A 52 -9.62 -3.10 -0.16
CA ARG A 52 -10.14 -4.42 0.14
C ARG A 52 -9.44 -5.45 -0.71
N HIS A 53 -9.24 -5.15 -2.00
CA HIS A 53 -8.60 -6.10 -2.87
C HIS A 53 -7.16 -6.29 -2.46
N MET A 54 -6.45 -5.21 -2.07
CA MET A 54 -5.05 -5.35 -1.70
C MET A 54 -4.89 -6.19 -0.47
N LYS A 55 -5.75 -6.02 0.55
CA LYS A 55 -5.60 -6.80 1.76
C LYS A 55 -5.88 -8.25 1.45
N ASP A 56 -6.64 -8.52 0.40
CA ASP A 56 -6.95 -9.87 0.03
C ASP A 56 -5.73 -10.50 -0.60
N ILE A 57 -4.89 -9.69 -1.29
CA ILE A 57 -3.73 -10.22 -1.97
C ILE A 57 -2.56 -10.31 -1.04
N VAL A 58 -2.15 -9.17 -0.44
CA VAL A 58 -0.98 -9.17 0.43
C VAL A 58 -1.34 -9.74 1.78
N GLY A 59 -2.59 -9.53 2.23
CA GLY A 59 -2.99 -10.04 3.51
C GLY A 59 -3.16 -8.85 4.39
N ASP A 60 -4.13 -8.92 5.32
CA ASP A 60 -4.38 -7.81 6.22
C ASP A 60 -3.16 -7.61 7.11
N GLN A 61 -2.55 -8.73 7.54
CA GLN A 61 -1.40 -8.63 8.41
C GLN A 61 -0.24 -7.98 7.68
N MET A 62 -0.03 -8.36 6.40
CA MET A 62 1.06 -7.80 5.64
C MET A 62 0.78 -6.35 5.37
N LEU A 63 -0.49 -6.02 5.10
CA LEU A 63 -0.87 -4.67 4.78
C LEU A 63 -0.59 -3.74 5.94
N ARG A 64 -0.99 -4.15 7.18
CA ARG A 64 -0.78 -3.28 8.31
C ARG A 64 0.69 -3.22 8.66
N MET A 65 1.44 -4.33 8.43
CA MET A 65 2.85 -4.33 8.74
C MET A 65 3.57 -3.40 7.80
N ALA A 66 3.17 -3.40 6.51
CA ALA A 66 3.83 -2.54 5.53
C ALA A 66 3.61 -1.10 5.91
N VAL A 67 2.37 -0.76 6.31
CA VAL A 67 2.07 0.62 6.68
C VAL A 67 2.86 0.96 7.92
N SER A 68 2.92 0.02 8.87
CA SER A 68 3.62 0.27 10.11
C SER A 68 5.09 0.50 9.84
N LYS A 69 5.70 -0.28 8.93
CA LYS A 69 7.11 -0.11 8.64
C LYS A 69 7.33 1.19 7.93
N LEU A 70 6.42 1.54 7.01
CA LEU A 70 6.55 2.77 6.26
C LEU A 70 6.44 3.94 7.21
N GLN A 71 5.49 3.90 8.16
CA GLN A 71 5.35 4.98 9.10
C GLN A 71 6.54 4.97 10.01
N GLN A 72 6.97 3.75 10.43
CA GLN A 72 8.12 3.60 11.30
C GLN A 72 7.85 4.33 12.59
N VAL A 73 6.72 3.99 13.23
CA VAL A 73 6.36 4.62 14.49
C VAL A 73 6.00 3.53 15.45
N ASN A 74 6.07 3.85 16.76
CA ASN A 74 5.74 2.88 17.79
C ASN A 74 6.62 1.66 17.62
N TYR A 75 7.91 1.89 17.29
CA TYR A 75 8.83 0.80 17.10
C TYR A 75 8.26 -0.15 16.03
N MET A 1 23.22 11.71 11.75
CA MET A 1 23.58 13.04 12.30
C MET A 1 24.00 13.97 11.21
N MET A 2 24.79 13.45 10.24
CA MET A 2 25.25 14.25 9.13
C MET A 2 24.06 14.58 8.28
N ASN A 3 23.15 13.61 8.10
CA ASN A 3 21.98 13.82 7.29
C ASN A 3 20.79 13.37 8.10
N PRO A 4 20.34 14.21 9.00
CA PRO A 4 19.20 13.89 9.85
C PRO A 4 17.89 13.95 9.12
N ILE A 5 16.91 13.16 9.59
CA ILE A 5 15.62 13.15 8.96
C ILE A 5 14.61 13.02 10.05
N ASN A 6 13.48 13.76 9.93
CA ASN A 6 12.46 13.69 10.94
C ASN A 6 11.15 13.88 10.23
N ARG A 7 10.41 12.78 10.05
CA ARG A 7 9.12 12.85 9.38
C ARG A 7 8.17 12.03 10.18
N ASN A 8 6.90 12.47 10.25
CA ASN A 8 5.92 11.73 11.01
C ASN A 8 4.59 11.93 10.31
N PRO A 9 4.40 11.20 9.23
CA PRO A 9 3.16 11.29 8.47
C PRO A 9 2.03 10.58 9.14
N LYS A 10 0.82 11.19 9.11
CA LYS A 10 -0.33 10.56 9.72
C LYS A 10 -0.65 9.31 8.96
N GLN A 11 -0.56 9.38 7.62
CA GLN A 11 -0.85 8.23 6.79
C GLN A 11 0.10 8.27 5.65
N VAL A 12 0.54 7.09 5.17
CA VAL A 12 1.44 7.03 4.05
C VAL A 12 0.62 6.74 2.83
N PRO A 13 1.09 7.21 1.68
CA PRO A 13 0.39 7.00 0.42
C PRO A 13 0.47 5.59 -0.07
N PHE A 14 -0.54 5.16 -0.85
CA PHE A 14 -0.57 3.82 -1.38
C PHE A 14 0.54 3.65 -2.39
N ALA A 15 1.01 4.77 -2.97
CA ALA A 15 2.08 4.70 -3.94
C ALA A 15 3.30 4.09 -3.30
N ALA A 16 3.55 4.41 -2.01
CA ALA A 16 4.71 3.88 -1.34
C ALA A 16 4.41 2.49 -0.82
N LEU A 17 3.13 2.06 -0.86
CA LEU A 17 2.78 0.75 -0.36
C LEU A 17 2.98 -0.27 -1.44
N LEU A 18 3.00 0.15 -2.72
CA LEU A 18 3.15 -0.81 -3.79
C LEU A 18 4.52 -1.44 -3.73
N PRO A 19 5.59 -0.65 -3.78
CA PRO A 19 6.95 -1.20 -3.77
C PRO A 19 7.30 -1.97 -2.52
N THR A 20 6.69 -1.62 -1.38
CA THR A 20 7.02 -2.32 -0.16
C THR A 20 6.36 -3.66 -0.16
N LEU A 21 5.17 -3.76 -0.79
CA LEU A 21 4.46 -5.01 -0.81
C LEU A 21 4.90 -5.83 -1.97
N MET A 22 5.21 -5.20 -3.12
CA MET A 22 5.64 -5.94 -4.29
C MET A 22 6.92 -6.65 -3.96
N ASN A 23 7.77 -6.01 -3.12
CA ASN A 23 9.03 -6.61 -2.75
C ASN A 23 8.78 -7.86 -1.92
N GLN A 24 7.63 -7.94 -1.21
CA GLN A 24 7.37 -9.10 -0.37
C GLN A 24 6.44 -10.03 -1.10
N LEU A 25 6.00 -9.65 -2.30
CA LEU A 25 5.08 -10.47 -3.04
C LEU A 25 5.85 -11.21 -4.09
N ASP A 26 5.26 -12.35 -4.53
CA ASP A 26 5.88 -13.15 -5.56
C ASP A 26 5.63 -12.42 -6.87
N LYS A 27 6.22 -12.91 -7.97
CA LYS A 27 6.07 -12.23 -9.24
C LYS A 27 4.62 -12.22 -9.64
N ASP A 28 3.93 -13.36 -9.44
CA ASP A 28 2.55 -13.45 -9.83
C ASP A 28 1.72 -12.51 -8.98
N ARG A 29 1.97 -12.50 -7.65
CA ARG A 29 1.21 -11.66 -6.76
C ARG A 29 1.52 -10.20 -7.06
N ALA A 30 2.80 -9.88 -7.36
CA ALA A 30 3.17 -8.51 -7.67
C ALA A 30 2.46 -8.08 -8.92
N LEU A 31 2.35 -8.99 -9.90
CA LEU A 31 1.67 -8.68 -11.14
C LEU A 31 0.21 -8.39 -10.86
N GLN A 32 -0.40 -9.17 -9.94
CA GLN A 32 -1.79 -8.95 -9.59
C GLN A 32 -1.93 -7.57 -8.98
N LEU A 33 -0.96 -7.17 -8.15
CA LEU A 33 -1.02 -5.87 -7.52
C LEU A 33 -0.84 -4.81 -8.58
N ARG A 34 0.07 -5.05 -9.55
CA ARG A 34 0.34 -4.08 -10.59
C ARG A 34 -0.91 -3.83 -11.40
N THR A 35 -1.65 -4.89 -11.79
CA THR A 35 -2.84 -4.69 -12.59
C THR A 35 -3.93 -4.13 -11.71
N LEU A 36 -3.89 -4.46 -10.40
CA LEU A 36 -4.90 -3.96 -9.48
C LEU A 36 -4.77 -2.46 -9.41
N TYR A 37 -3.51 -1.96 -9.36
CA TYR A 37 -3.26 -0.53 -9.30
C TYR A 37 -3.78 0.10 -10.57
N ALA A 38 -3.64 -0.59 -11.71
CA ALA A 38 -4.10 -0.05 -12.97
C ALA A 38 -5.60 0.16 -12.90
N ARG A 39 -6.32 -0.79 -12.24
CA ARG A 39 -7.75 -0.68 -12.12
C ARG A 39 -8.07 0.54 -11.32
N LEU A 40 -7.27 0.79 -10.27
CA LEU A 40 -7.46 1.94 -9.41
C LEU A 40 -7.24 3.20 -10.23
N LYS A 41 -6.17 3.21 -11.05
CA LYS A 41 -5.86 4.38 -11.87
C LYS A 41 -7.00 4.64 -12.82
N LYS A 42 -7.60 3.56 -13.39
CA LYS A 42 -8.69 3.73 -14.32
C LYS A 42 -9.95 4.05 -13.57
N ASN A 43 -9.90 3.97 -12.22
CA ASN A 43 -11.05 4.26 -11.39
C ASN A 43 -12.14 3.28 -11.71
N GLU A 44 -11.77 2.00 -11.93
CA GLU A 44 -12.76 0.99 -12.22
C GLU A 44 -13.17 0.37 -10.93
N ILE A 45 -12.41 0.66 -9.84
CA ILE A 45 -12.72 0.11 -8.55
C ILE A 45 -12.59 1.25 -7.57
N PRO A 46 -13.35 1.19 -6.51
CA PRO A 46 -13.32 2.22 -5.49
C PRO A 46 -12.10 2.15 -4.62
N LYS A 47 -11.84 3.22 -3.83
CA LYS A 47 -10.69 3.25 -2.96
C LYS A 47 -10.81 2.11 -1.98
N GLU A 48 -12.04 1.88 -1.47
CA GLU A 48 -12.27 0.81 -0.53
C GLU A 48 -11.99 -0.49 -1.24
N GLY A 49 -12.40 -0.57 -2.53
CA GLY A 49 -12.19 -1.78 -3.32
C GLY A 49 -10.72 -2.03 -3.44
N PHE A 50 -9.95 -0.97 -3.69
CA PHE A 50 -8.53 -1.10 -3.86
C PHE A 50 -7.92 -1.63 -2.59
N THR A 51 -8.30 -1.04 -1.43
CA THR A 51 -7.75 -1.46 -0.16
C THR A 51 -8.17 -2.88 0.13
N ARG A 52 -9.46 -3.21 -0.09
CA ARG A 52 -9.96 -4.54 0.19
C ARG A 52 -9.27 -5.56 -0.68
N HIS A 53 -9.10 -5.25 -1.97
CA HIS A 53 -8.47 -6.19 -2.87
C HIS A 53 -7.04 -6.42 -2.46
N MET A 54 -6.32 -5.34 -2.05
CA MET A 54 -4.93 -5.51 -1.66
C MET A 54 -4.83 -6.42 -0.47
N LYS A 55 -5.78 -6.29 0.49
CA LYS A 55 -5.74 -7.13 1.68
C LYS A 55 -5.87 -8.57 1.27
N ASP A 56 -6.68 -8.86 0.24
CA ASP A 56 -6.87 -10.22 -0.19
C ASP A 56 -5.61 -10.73 -0.87
N ILE A 57 -4.76 -9.83 -1.40
CA ILE A 57 -3.56 -10.26 -2.09
C ILE A 57 -2.40 -10.38 -1.13
N VAL A 58 -2.06 -9.28 -0.42
CA VAL A 58 -0.92 -9.31 0.47
C VAL A 58 -1.31 -9.87 1.82
N GLY A 59 -2.56 -9.69 2.24
CA GLY A 59 -2.99 -10.18 3.52
C GLY A 59 -3.16 -9.00 4.41
N ASP A 60 -4.08 -9.12 5.39
CA ASP A 60 -4.34 -8.03 6.32
C ASP A 60 -3.11 -7.78 7.14
N GLN A 61 -2.39 -8.87 7.52
CA GLN A 61 -1.21 -8.72 8.35
C GLN A 61 -0.16 -7.94 7.62
N MET A 62 0.05 -8.22 6.31
CA MET A 62 1.06 -7.51 5.57
C MET A 62 0.62 -6.09 5.37
N LEU A 63 -0.70 -5.88 5.19
CA LEU A 63 -1.21 -4.55 4.95
C LEU A 63 -0.98 -3.66 6.15
N ARG A 64 -1.29 -4.15 7.36
CA ARG A 64 -1.11 -3.32 8.55
C ARG A 64 0.36 -3.14 8.84
N MET A 65 1.19 -4.16 8.54
CA MET A 65 2.61 -4.04 8.80
C MET A 65 3.21 -3.05 7.84
N ALA A 66 2.76 -3.06 6.57
CA ALA A 66 3.31 -2.19 5.57
C ALA A 66 3.03 -0.74 5.90
N VAL A 67 1.80 -0.41 6.34
CA VAL A 67 1.50 0.98 6.62
C VAL A 67 2.22 1.42 7.87
N SER A 68 2.34 0.52 8.87
CA SER A 68 3.01 0.90 10.10
C SER A 68 4.49 1.04 9.83
N LYS A 69 5.04 0.18 8.95
CA LYS A 69 6.45 0.22 8.65
C LYS A 69 6.77 1.52 7.96
N LEU A 70 5.91 1.93 7.02
CA LEU A 70 6.12 3.14 6.26
C LEU A 70 6.01 4.35 7.17
N GLN A 71 5.05 4.32 8.14
CA GLN A 71 4.91 5.44 9.05
C GLN A 71 6.16 5.60 9.87
N GLN A 72 6.78 4.47 10.29
CA GLN A 72 7.97 4.54 11.08
C GLN A 72 9.11 4.89 10.16
N VAL A 73 10.07 5.69 10.67
CA VAL A 73 11.20 6.08 9.86
C VAL A 73 12.38 6.21 10.78
N ASN A 74 13.55 5.73 10.33
CA ASN A 74 14.73 5.82 11.13
C ASN A 74 15.89 5.67 10.19
N TYR A 75 17.12 5.74 10.74
CA TYR A 75 18.30 5.60 9.90
C TYR A 75 18.31 4.16 9.36
N MET A 1 14.05 21.55 11.83
CA MET A 1 15.21 21.13 12.66
C MET A 1 15.81 19.86 12.13
N MET A 2 15.16 19.26 11.12
CA MET A 2 15.65 18.03 10.55
C MET A 2 15.69 18.23 9.06
N ASN A 3 16.68 17.59 8.40
CA ASN A 3 16.80 17.72 6.96
C ASN A 3 16.97 16.34 6.38
N PRO A 4 15.89 15.58 6.35
CA PRO A 4 15.92 14.23 5.82
C PRO A 4 16.03 14.20 4.32
N ILE A 5 16.63 13.12 3.77
CA ILE A 5 16.79 13.00 2.34
C ILE A 5 15.42 12.92 1.73
N ASN A 6 14.54 12.09 2.32
CA ASN A 6 13.20 11.94 1.82
C ASN A 6 12.27 12.21 2.96
N ARG A 7 11.19 12.96 2.70
CA ARG A 7 10.25 13.27 3.74
C ARG A 7 9.31 12.11 3.85
N ASN A 8 9.07 11.64 5.10
CA ASN A 8 8.19 10.51 5.29
C ASN A 8 6.98 11.06 6.02
N PRO A 9 5.84 11.09 5.33
CA PRO A 9 4.62 11.58 5.93
C PRO A 9 4.03 10.65 6.94
N LYS A 10 3.17 11.18 7.83
CA LYS A 10 2.55 10.37 8.86
C LYS A 10 1.67 9.35 8.18
N GLN A 11 0.98 9.76 7.11
CA GLN A 11 0.13 8.84 6.39
C GLN A 11 0.84 8.51 5.12
N VAL A 12 1.24 7.23 4.96
CA VAL A 12 1.93 6.83 3.78
C VAL A 12 0.89 6.56 2.70
N PRO A 13 1.14 7.08 1.51
CA PRO A 13 0.22 6.88 0.40
C PRO A 13 0.28 5.50 -0.18
N PHE A 14 -0.76 5.12 -0.95
CA PHE A 14 -0.81 3.80 -1.55
C PHE A 14 0.31 3.65 -2.53
N ALA A 15 0.75 4.77 -3.14
CA ALA A 15 1.81 4.73 -4.12
C ALA A 15 3.06 4.17 -3.48
N ALA A 16 3.32 4.53 -2.21
CA ALA A 16 4.52 4.05 -1.53
C ALA A 16 4.27 2.67 -0.97
N LEU A 17 3.00 2.21 -0.98
CA LEU A 17 2.70 0.90 -0.44
C LEU A 17 2.93 -0.16 -1.48
N LEU A 18 2.73 0.17 -2.77
CA LEU A 18 2.87 -0.82 -3.82
C LEU A 18 4.26 -1.41 -3.84
N PRO A 19 5.31 -0.61 -3.95
CA PRO A 19 6.67 -1.15 -4.01
C PRO A 19 7.06 -1.93 -2.78
N THR A 20 6.55 -1.53 -1.61
CA THR A 20 6.89 -2.23 -0.39
C THR A 20 6.23 -3.58 -0.42
N LEU A 21 4.95 -3.61 -0.85
CA LEU A 21 4.20 -4.82 -0.88
C LEU A 21 4.69 -5.72 -1.97
N MET A 22 5.02 -5.12 -3.13
CA MET A 22 5.50 -5.91 -4.26
C MET A 22 6.77 -6.60 -3.89
N ASN A 23 7.61 -5.95 -3.05
CA ASN A 23 8.86 -6.54 -2.65
C ASN A 23 8.61 -7.73 -1.75
N GLN A 24 7.43 -7.80 -1.10
CA GLN A 24 7.14 -8.91 -0.20
C GLN A 24 6.22 -9.87 -0.89
N LEU A 25 5.80 -9.53 -2.13
CA LEU A 25 4.90 -10.38 -2.86
C LEU A 25 5.67 -11.17 -3.87
N ASP A 26 5.10 -12.32 -4.28
CA ASP A 26 5.72 -13.15 -5.29
C ASP A 26 5.50 -12.46 -6.61
N LYS A 27 6.13 -12.97 -7.68
CA LYS A 27 5.99 -12.35 -8.99
C LYS A 27 4.54 -12.36 -9.41
N ASP A 28 3.85 -13.52 -9.27
CA ASP A 28 2.47 -13.60 -9.69
C ASP A 28 1.61 -12.67 -8.87
N ARG A 29 1.87 -12.59 -7.55
CA ARG A 29 1.07 -11.74 -6.69
C ARG A 29 1.36 -10.29 -7.03
N ALA A 30 2.64 -9.96 -7.29
CA ALA A 30 3.01 -8.60 -7.62
C ALA A 30 2.35 -8.21 -8.92
N LEU A 31 2.31 -9.14 -9.89
CA LEU A 31 1.68 -8.85 -11.17
C LEU A 31 0.23 -8.53 -10.97
N GLN A 32 -0.45 -9.29 -10.09
CA GLN A 32 -1.85 -9.05 -9.84
C GLN A 32 -2.01 -7.68 -9.24
N LEU A 33 -1.08 -7.29 -8.36
CA LEU A 33 -1.14 -6.00 -7.72
C LEU A 33 -0.97 -4.91 -8.76
N ARG A 34 -0.07 -5.12 -9.75
CA ARG A 34 0.18 -4.12 -10.76
C ARG A 34 -1.07 -3.90 -11.57
N THR A 35 -1.79 -4.99 -11.93
CA THR A 35 -2.98 -4.83 -12.72
C THR A 35 -4.08 -4.30 -11.84
N LEU A 36 -4.03 -4.61 -10.52
CA LEU A 36 -5.06 -4.16 -9.62
C LEU A 36 -4.94 -2.66 -9.50
N TYR A 37 -3.71 -2.13 -9.44
CA TYR A 37 -3.51 -0.71 -9.35
C TYR A 37 -4.04 -0.08 -10.60
N ALA A 38 -3.87 -0.78 -11.75
CA ALA A 38 -4.36 -0.27 -13.01
C ALA A 38 -5.85 -0.10 -12.92
N ARG A 39 -6.54 -1.04 -12.22
CA ARG A 39 -7.98 -0.96 -12.09
C ARG A 39 -8.31 0.31 -11.34
N LEU A 40 -7.52 0.59 -10.28
CA LEU A 40 -7.71 1.77 -9.47
C LEU A 40 -7.40 3.00 -10.28
N LYS A 41 -6.31 2.94 -11.07
CA LYS A 41 -5.88 4.05 -11.88
C LYS A 41 -6.95 4.37 -12.89
N LYS A 42 -7.59 3.32 -13.48
CA LYS A 42 -8.62 3.55 -14.47
C LYS A 42 -9.89 3.94 -13.76
N ASN A 43 -9.90 3.85 -12.40
CA ASN A 43 -11.06 4.22 -11.62
C ASN A 43 -12.18 3.28 -11.97
N GLU A 44 -11.86 1.99 -12.16
CA GLU A 44 -12.86 1.01 -12.48
C GLU A 44 -13.35 0.44 -11.19
N ILE A 45 -12.60 0.70 -10.09
CA ILE A 45 -12.97 0.19 -8.80
C ILE A 45 -12.75 1.33 -7.83
N PRO A 46 -13.52 1.34 -6.77
CA PRO A 46 -13.40 2.36 -5.75
C PRO A 46 -12.17 2.20 -4.90
N LYS A 47 -11.83 3.26 -4.13
CA LYS A 47 -10.66 3.21 -3.27
C LYS A 47 -10.85 2.09 -2.28
N GLU A 48 -12.08 1.95 -1.75
CA GLU A 48 -12.37 0.90 -0.81
C GLU A 48 -12.22 -0.42 -1.51
N GLY A 49 -12.66 -0.48 -2.79
CA GLY A 49 -12.58 -1.69 -3.56
C GLY A 49 -11.14 -2.09 -3.70
N PHE A 50 -10.27 -1.11 -4.00
CA PHE A 50 -8.86 -1.39 -4.16
C PHE A 50 -8.31 -1.90 -2.85
N THR A 51 -8.63 -1.22 -1.74
CA THR A 51 -8.11 -1.59 -0.45
C THR A 51 -8.55 -2.99 -0.09
N ARG A 52 -9.87 -3.29 -0.26
CA ARG A 52 -10.38 -4.59 0.11
C ARG A 52 -9.79 -5.66 -0.77
N HIS A 53 -9.65 -5.40 -2.08
CA HIS A 53 -9.11 -6.41 -2.97
C HIS A 53 -7.63 -6.56 -2.71
N MET A 54 -6.91 -5.44 -2.52
CA MET A 54 -5.48 -5.49 -2.33
C MET A 54 -5.13 -6.21 -1.06
N LYS A 55 -5.86 -5.97 0.05
CA LYS A 55 -5.53 -6.63 1.30
C LYS A 55 -5.73 -8.11 1.16
N ASP A 56 -6.59 -8.55 0.23
CA ASP A 56 -6.82 -9.97 0.05
C ASP A 56 -5.62 -10.58 -0.64
N ILE A 57 -4.82 -9.75 -1.37
CA ILE A 57 -3.68 -10.27 -2.09
C ILE A 57 -2.51 -10.37 -1.15
N VAL A 58 -2.18 -9.27 -0.44
CA VAL A 58 -1.03 -9.28 0.44
C VAL A 58 -1.39 -9.92 1.75
N GLY A 59 -2.62 -9.69 2.24
CA GLY A 59 -3.05 -10.28 3.49
C GLY A 59 -3.19 -9.16 4.48
N ASP A 60 -4.11 -9.34 5.45
CA ASP A 60 -4.34 -8.32 6.45
C ASP A 60 -3.08 -8.12 7.27
N GLN A 61 -2.37 -9.23 7.58
CA GLN A 61 -1.18 -9.14 8.39
C GLN A 61 -0.13 -8.32 7.67
N MET A 62 0.06 -8.58 6.35
CA MET A 62 1.06 -7.86 5.62
C MET A 62 0.63 -6.43 5.44
N LEU A 63 -0.68 -6.22 5.30
CA LEU A 63 -1.21 -4.90 5.09
C LEU A 63 -0.87 -4.00 6.25
N ARG A 64 -1.14 -4.47 7.49
CA ARG A 64 -0.87 -3.64 8.65
C ARG A 64 0.62 -3.52 8.87
N MET A 65 1.40 -4.58 8.56
CA MET A 65 2.82 -4.53 8.78
C MET A 65 3.45 -3.56 7.82
N ALA A 66 2.98 -3.53 6.55
CA ALA A 66 3.55 -2.64 5.57
C ALA A 66 3.32 -1.22 5.98
N VAL A 67 2.08 -0.89 6.40
CA VAL A 67 1.78 0.47 6.80
C VAL A 67 2.57 0.81 8.04
N SER A 68 2.65 -0.15 8.99
CA SER A 68 3.36 0.09 10.23
C SER A 68 4.81 0.36 9.95
N LYS A 69 5.44 -0.43 9.05
CA LYS A 69 6.86 -0.24 8.75
C LYS A 69 7.06 1.05 8.02
N LEU A 70 6.16 1.36 7.06
CA LEU A 70 6.30 2.58 6.29
C LEU A 70 6.15 3.77 7.19
N GLN A 71 5.16 3.74 8.12
CA GLN A 71 4.98 4.85 9.02
C GLN A 71 6.15 4.86 9.96
N GLN A 72 6.57 3.64 10.40
CA GLN A 72 7.71 3.48 11.29
C GLN A 72 7.40 4.11 12.61
N VAL A 73 6.64 3.37 13.46
CA VAL A 73 6.29 3.87 14.76
C VAL A 73 6.53 2.76 15.75
N ASN A 74 6.70 3.13 17.03
CA ASN A 74 6.94 2.14 18.06
C ASN A 74 5.74 1.26 18.19
N TYR A 75 4.52 1.83 18.10
CA TYR A 75 3.33 1.03 18.22
C TYR A 75 3.12 0.30 16.89
N MET A 1 3.78 28.42 30.78
CA MET A 1 2.30 28.32 30.60
C MET A 1 1.98 27.85 29.21
N MET A 2 3.02 27.72 28.35
CA MET A 2 2.80 27.28 26.99
C MET A 2 3.63 26.04 26.80
N ASN A 3 3.03 25.02 26.16
CA ASN A 3 3.74 23.78 25.92
C ASN A 3 3.44 23.38 24.50
N PRO A 4 4.19 23.92 23.57
CA PRO A 4 4.01 23.60 22.16
C PRO A 4 4.46 22.22 21.81
N ILE A 5 3.80 21.60 20.81
CA ILE A 5 4.16 20.28 20.41
C ILE A 5 3.94 20.19 18.92
N ASN A 6 4.85 19.49 18.21
CA ASN A 6 4.71 19.35 16.78
C ASN A 6 4.19 17.98 16.51
N ARG A 7 3.14 17.89 15.67
CA ARG A 7 2.56 16.61 15.35
C ARG A 7 2.46 16.55 13.85
N ASN A 8 2.60 15.33 13.29
CA ASN A 8 2.53 15.18 11.85
C ASN A 8 1.47 14.15 11.56
N PRO A 9 0.24 14.59 11.41
CA PRO A 9 -0.87 13.71 11.12
C PRO A 9 -0.97 13.39 9.65
N LYS A 10 0.05 12.70 9.12
CA LYS A 10 0.06 12.35 7.72
C LYS A 10 0.38 10.89 7.63
N GLN A 11 -0.01 10.26 6.50
CA GLN A 11 0.25 8.86 6.32
C GLN A 11 0.82 8.69 4.96
N VAL A 12 1.57 7.58 4.74
CA VAL A 12 2.16 7.34 3.46
C VAL A 12 1.07 6.96 2.47
N PRO A 13 1.28 7.35 1.24
CA PRO A 13 0.33 7.07 0.17
C PRO A 13 0.38 5.64 -0.29
N PHE A 14 -0.68 5.19 -1.01
CA PHE A 14 -0.72 3.83 -1.49
C PHE A 14 0.35 3.66 -2.54
N ALA A 15 0.77 4.76 -3.18
CA ALA A 15 1.78 4.70 -4.20
C ALA A 15 3.07 4.16 -3.60
N ALA A 16 3.37 4.55 -2.34
CA ALA A 16 4.59 4.09 -1.71
C ALA A 16 4.38 2.72 -1.12
N LEU A 17 3.11 2.26 -1.05
CA LEU A 17 2.85 0.95 -0.47
C LEU A 17 3.06 -0.12 -1.51
N LEU A 18 2.86 0.23 -2.81
CA LEU A 18 2.99 -0.76 -3.85
C LEU A 18 4.39 -1.34 -3.89
N PRO A 19 5.44 -0.53 -4.02
CA PRO A 19 6.80 -1.05 -4.10
C PRO A 19 7.23 -1.78 -2.87
N THR A 20 6.69 -1.38 -1.70
CA THR A 20 7.06 -2.04 -0.46
C THR A 20 6.47 -3.41 -0.47
N LEU A 21 5.18 -3.49 -0.88
CA LEU A 21 4.48 -4.76 -0.88
C LEU A 21 4.99 -5.62 -1.99
N MET A 22 5.26 -5.03 -3.17
CA MET A 22 5.74 -5.79 -4.28
C MET A 22 7.05 -6.43 -3.93
N ASN A 23 7.88 -5.73 -3.14
CA ASN A 23 9.16 -6.26 -2.75
C ASN A 23 8.97 -7.48 -1.85
N GLN A 24 7.81 -7.56 -1.16
CA GLN A 24 7.58 -8.67 -0.25
C GLN A 24 6.68 -9.67 -0.92
N LEU A 25 6.26 -9.37 -2.16
CA LEU A 25 5.38 -10.26 -2.87
C LEU A 25 6.15 -11.00 -3.92
N ASP A 26 5.60 -12.16 -4.35
CA ASP A 26 6.23 -12.95 -5.38
C ASP A 26 5.91 -12.27 -6.68
N LYS A 27 6.52 -12.73 -7.78
CA LYS A 27 6.30 -12.11 -9.07
C LYS A 27 4.84 -12.20 -9.44
N ASP A 28 4.21 -13.39 -9.25
CA ASP A 28 2.82 -13.55 -9.61
C ASP A 28 1.95 -12.63 -8.78
N ARG A 29 2.24 -12.53 -7.47
CA ARG A 29 1.44 -11.69 -6.59
C ARG A 29 1.66 -10.23 -6.93
N ALA A 30 2.93 -9.86 -7.24
CA ALA A 30 3.25 -8.48 -7.56
C ALA A 30 2.55 -8.11 -8.83
N LEU A 31 2.48 -9.05 -9.79
CA LEU A 31 1.85 -8.80 -11.06
C LEU A 31 0.40 -8.48 -10.82
N GLN A 32 -0.26 -9.24 -9.93
CA GLN A 32 -1.66 -9.01 -9.64
C GLN A 32 -1.82 -7.65 -9.03
N LEU A 33 -0.87 -7.26 -8.15
CA LEU A 33 -0.95 -5.97 -7.50
C LEU A 33 -0.81 -4.87 -8.53
N ARG A 34 0.08 -5.06 -9.54
CA ARG A 34 0.30 -4.04 -10.53
C ARG A 34 -0.96 -3.85 -11.35
N THR A 35 -1.64 -4.96 -11.69
CA THR A 35 -2.84 -4.84 -12.48
C THR A 35 -3.94 -4.30 -11.61
N LEU A 36 -3.87 -4.58 -10.29
CA LEU A 36 -4.88 -4.12 -9.37
C LEU A 36 -4.81 -2.61 -9.31
N TYR A 37 -3.57 -2.05 -9.33
CA TYR A 37 -3.41 -0.61 -9.29
C TYR A 37 -4.02 -0.05 -10.55
N ALA A 38 -3.85 -0.77 -11.68
CA ALA A 38 -4.39 -0.32 -12.94
C ALA A 38 -5.89 -0.24 -12.81
N ARG A 39 -6.51 -1.17 -12.06
CA ARG A 39 -7.95 -1.16 -11.90
C ARG A 39 -8.34 0.12 -11.21
N LEU A 40 -7.53 0.52 -10.21
CA LEU A 40 -7.79 1.73 -9.46
C LEU A 40 -7.63 2.92 -10.37
N LYS A 41 -6.57 2.91 -11.21
CA LYS A 41 -6.31 4.01 -12.11
C LYS A 41 -7.47 4.15 -13.08
N LYS A 42 -8.03 3.01 -13.53
CA LYS A 42 -9.13 3.06 -14.48
C LYS A 42 -10.40 3.40 -13.73
N ASN A 43 -10.33 3.44 -12.38
CA ASN A 43 -11.49 3.77 -11.56
C ASN A 43 -12.56 2.75 -11.79
N GLU A 44 -12.15 1.47 -11.96
CA GLU A 44 -13.12 0.42 -12.17
C GLU A 44 -13.49 -0.13 -10.82
N ILE A 45 -12.72 0.25 -9.78
CA ILE A 45 -13.00 -0.22 -8.45
C ILE A 45 -12.88 0.96 -7.53
N PRO A 46 -13.61 0.93 -6.45
CA PRO A 46 -13.58 2.01 -5.47
C PRO A 46 -12.33 2.00 -4.65
N LYS A 47 -12.08 3.10 -3.90
CA LYS A 47 -10.90 3.19 -3.06
C LYS A 47 -10.96 2.09 -2.05
N GLU A 48 -12.17 1.85 -1.48
CA GLU A 48 -12.34 0.81 -0.49
C GLU A 48 -12.08 -0.51 -1.16
N GLY A 49 -12.52 -0.65 -2.44
CA GLY A 49 -12.32 -1.88 -3.18
C GLY A 49 -10.86 -2.13 -3.33
N PHE A 50 -10.09 -1.07 -3.63
CA PHE A 50 -8.67 -1.21 -3.82
C PHE A 50 -8.04 -1.71 -2.53
N THR A 51 -8.43 -1.09 -1.39
CA THR A 51 -7.87 -1.47 -0.11
C THR A 51 -8.27 -2.90 0.21
N ARG A 52 -9.55 -3.25 -0.01
CA ARG A 52 -10.02 -4.58 0.31
C ARG A 52 -9.33 -5.60 -0.56
N HIS A 53 -9.12 -5.28 -1.85
CA HIS A 53 -8.47 -6.24 -2.72
C HIS A 53 -7.02 -6.41 -2.31
N MET A 54 -6.33 -5.31 -1.92
CA MET A 54 -4.94 -5.42 -1.54
C MET A 54 -4.77 -6.29 -0.33
N LYS A 55 -5.64 -6.15 0.70
CA LYS A 55 -5.47 -6.94 1.90
C LYS A 55 -5.72 -8.39 1.56
N ASP A 56 -6.48 -8.66 0.49
CA ASP A 56 -6.74 -10.02 0.09
C ASP A 56 -5.50 -10.60 -0.56
N ILE A 57 -4.70 -9.76 -1.24
CA ILE A 57 -3.53 -10.25 -1.93
C ILE A 57 -2.35 -10.34 -1.00
N VAL A 58 -1.96 -9.22 -0.37
CA VAL A 58 -0.79 -9.22 0.49
C VAL A 58 -1.16 -9.79 1.84
N GLY A 59 -2.39 -9.57 2.30
CA GLY A 59 -2.79 -10.09 3.58
C GLY A 59 -3.09 -8.89 4.44
N ASP A 60 -4.09 -9.04 5.33
CA ASP A 60 -4.48 -7.94 6.19
C ASP A 60 -3.34 -7.64 7.13
N GLN A 61 -2.66 -8.69 7.64
CA GLN A 61 -1.58 -8.50 8.56
C GLN A 61 -0.39 -7.89 7.84
N MET A 62 -0.17 -8.24 6.57
CA MET A 62 0.95 -7.72 5.84
C MET A 62 0.69 -6.26 5.54
N LEU A 63 -0.57 -5.94 5.23
CA LEU A 63 -0.95 -4.60 4.87
C LEU A 63 -0.69 -3.65 6.02
N ARG A 64 -1.12 -4.03 7.26
CA ARG A 64 -0.93 -3.14 8.38
C ARG A 64 0.52 -3.07 8.75
N MET A 65 1.30 -4.17 8.56
CA MET A 65 2.70 -4.16 8.90
C MET A 65 3.43 -3.24 7.96
N ALA A 66 3.06 -3.26 6.66
CA ALA A 66 3.73 -2.42 5.69
C ALA A 66 3.50 -0.97 6.05
N VAL A 67 2.24 -0.61 6.40
CA VAL A 67 1.94 0.76 6.74
C VAL A 67 2.67 1.12 8.01
N SER A 68 2.70 0.18 8.98
CA SER A 68 3.34 0.44 10.25
C SER A 68 4.82 0.71 10.04
N LYS A 69 5.49 -0.09 9.18
CA LYS A 69 6.91 0.11 8.95
C LYS A 69 7.13 1.40 8.23
N LEU A 70 6.25 1.72 7.26
CA LEU A 70 6.41 2.94 6.49
C LEU A 70 6.21 4.13 7.39
N GLN A 71 5.21 4.07 8.30
CA GLN A 71 4.98 5.18 9.20
C GLN A 71 6.15 5.25 10.15
N GLN A 72 6.61 4.06 10.63
CA GLN A 72 7.73 3.98 11.53
C GLN A 72 7.43 4.80 12.77
N VAL A 73 6.38 4.40 13.52
CA VAL A 73 6.02 5.11 14.72
C VAL A 73 6.19 4.15 15.86
N ASN A 74 6.98 4.56 16.87
CA ASN A 74 7.21 3.70 18.00
C ASN A 74 6.11 3.96 18.98
N TYR A 75 5.43 2.87 19.39
CA TYR A 75 4.34 2.99 20.35
C TYR A 75 3.35 4.04 19.83
N MET A 1 14.19 25.44 -5.71
CA MET A 1 13.60 26.77 -5.43
C MET A 1 12.22 26.62 -4.87
N MET A 2 11.49 25.57 -5.31
CA MET A 2 10.15 25.36 -4.84
C MET A 2 10.05 23.91 -4.47
N ASN A 3 9.23 23.61 -3.44
CA ASN A 3 9.07 22.24 -3.02
C ASN A 3 8.15 21.56 -4.00
N PRO A 4 8.56 20.41 -4.49
CA PRO A 4 7.77 19.66 -5.45
C PRO A 4 6.53 19.06 -4.85
N ILE A 5 6.57 18.80 -3.53
CA ILE A 5 5.43 18.24 -2.85
C ILE A 5 5.02 19.22 -1.80
N ASN A 6 3.76 19.71 -1.88
CA ASN A 6 3.28 20.67 -0.91
C ASN A 6 2.24 19.99 -0.06
N ARG A 7 2.25 18.64 -0.06
CA ARG A 7 1.29 17.90 0.72
C ARG A 7 2.03 17.26 1.86
N ASN A 8 1.43 17.29 3.06
CA ASN A 8 2.06 16.69 4.22
C ASN A 8 1.06 15.79 4.87
N PRO A 9 0.87 14.62 4.31
CA PRO A 9 -0.08 13.65 4.85
C PRO A 9 0.43 13.00 6.10
N LYS A 10 -0.52 12.55 6.95
CA LYS A 10 -0.14 11.90 8.19
C LYS A 10 -0.01 10.43 7.95
N GLN A 11 -0.41 9.97 6.75
CA GLN A 11 -0.33 8.56 6.43
C GLN A 11 0.38 8.45 5.11
N VAL A 12 1.16 7.36 4.93
CA VAL A 12 1.87 7.17 3.69
C VAL A 12 0.87 6.83 2.61
N PRO A 13 1.18 7.25 1.40
CA PRO A 13 0.32 7.00 0.26
C PRO A 13 0.38 5.57 -0.22
N PHE A 14 -0.65 5.15 -0.99
CA PHE A 14 -0.68 3.80 -1.50
C PHE A 14 0.41 3.62 -2.51
N ALA A 15 0.85 4.73 -3.14
CA ALA A 15 1.90 4.66 -4.13
C ALA A 15 3.16 4.11 -3.50
N ALA A 16 3.43 4.49 -2.23
CA ALA A 16 4.63 4.02 -1.57
C ALA A 16 4.38 2.65 -0.98
N LEU A 17 3.11 2.19 -0.96
CA LEU A 17 2.81 0.89 -0.40
C LEU A 17 3.05 -0.17 -1.44
N LEU A 18 2.88 0.17 -2.73
CA LEU A 18 3.04 -0.83 -3.78
C LEU A 18 4.44 -1.41 -3.77
N PRO A 19 5.49 -0.61 -3.89
CA PRO A 19 6.85 -1.14 -3.92
C PRO A 19 7.24 -1.88 -2.68
N THR A 20 6.68 -1.46 -1.53
CA THR A 20 7.02 -2.12 -0.28
C THR A 20 6.40 -3.49 -0.30
N LEU A 21 5.12 -3.55 -0.74
CA LEU A 21 4.40 -4.80 -0.76
C LEU A 21 4.92 -5.69 -1.86
N MET A 22 5.23 -5.10 -3.03
CA MET A 22 5.72 -5.88 -4.13
C MET A 22 7.01 -6.54 -3.76
N ASN A 23 7.82 -5.85 -2.93
CA ASN A 23 9.10 -6.40 -2.51
C ASN A 23 8.88 -7.63 -1.67
N GLN A 24 7.70 -7.73 -0.99
CA GLN A 24 7.45 -8.88 -0.13
C GLN A 24 6.54 -9.83 -0.84
N LEU A 25 6.12 -9.49 -2.06
CA LEU A 25 5.22 -10.34 -2.80
C LEU A 25 5.99 -11.10 -3.83
N ASP A 26 5.44 -12.28 -4.23
CA ASP A 26 6.08 -13.08 -5.24
C ASP A 26 5.83 -12.39 -6.55
N LYS A 27 6.51 -12.83 -7.62
CA LYS A 27 6.36 -12.20 -8.91
C LYS A 27 4.92 -12.26 -9.35
N ASP A 28 4.28 -13.45 -9.20
CA ASP A 28 2.90 -13.59 -9.63
C ASP A 28 2.01 -12.68 -8.81
N ARG A 29 2.25 -12.59 -7.48
CA ARG A 29 1.43 -11.76 -6.63
C ARG A 29 1.67 -10.30 -6.96
N ALA A 30 2.94 -9.93 -7.23
CA ALA A 30 3.26 -8.56 -7.53
C ALA A 30 2.59 -8.17 -8.83
N LEU A 31 2.55 -9.12 -9.79
CA LEU A 31 1.95 -8.87 -11.06
C LEU A 31 0.49 -8.56 -10.86
N GLN A 32 -0.17 -9.34 -9.98
CA GLN A 32 -1.57 -9.13 -9.71
C GLN A 32 -1.76 -7.77 -9.10
N LEU A 33 -0.84 -7.36 -8.21
CA LEU A 33 -0.94 -6.07 -7.57
C LEU A 33 -0.79 -4.98 -8.59
N ARG A 34 0.15 -5.15 -9.56
CA ARG A 34 0.39 -4.13 -10.56
C ARG A 34 -0.85 -3.94 -11.41
N THR A 35 -1.53 -5.03 -11.80
CA THR A 35 -2.71 -4.89 -12.63
C THR A 35 -3.85 -4.39 -11.79
N LEU A 36 -3.83 -4.71 -10.48
CA LEU A 36 -4.90 -4.27 -9.60
C LEU A 36 -4.81 -2.77 -9.48
N TYR A 37 -3.58 -2.23 -9.42
CA TYR A 37 -3.39 -0.80 -9.32
C TYR A 37 -3.93 -0.15 -10.56
N ALA A 38 -3.78 -0.82 -11.73
CA ALA A 38 -4.27 -0.28 -12.97
C ALA A 38 -5.76 -0.09 -12.88
N ARG A 39 -6.46 -1.03 -12.18
CA ARG A 39 -7.90 -0.93 -12.04
C ARG A 39 -8.22 0.33 -11.29
N LEU A 40 -7.40 0.62 -10.25
CA LEU A 40 -7.61 1.80 -9.44
C LEU A 40 -7.36 3.03 -10.28
N LYS A 41 -6.29 2.99 -11.11
CA LYS A 41 -5.96 4.13 -11.95
C LYS A 41 -7.09 4.39 -12.92
N LYS A 42 -7.70 3.32 -13.45
CA LYS A 42 -8.79 3.49 -14.40
C LYS A 42 -10.06 3.81 -13.65
N ASN A 43 -10.02 3.72 -12.30
CA ASN A 43 -11.18 4.02 -11.48
C ASN A 43 -12.27 3.03 -11.82
N GLU A 44 -11.89 1.75 -12.02
CA GLU A 44 -12.87 0.73 -12.31
C GLU A 44 -13.31 0.14 -11.00
N ILE A 45 -12.59 0.48 -9.91
CA ILE A 45 -12.92 -0.02 -8.61
C ILE A 45 -12.83 1.15 -7.67
N PRO A 46 -13.58 1.09 -6.60
CA PRO A 46 -13.58 2.14 -5.60
C PRO A 46 -12.32 2.16 -4.79
N LYS A 47 -12.09 3.27 -4.04
CA LYS A 47 -10.90 3.39 -3.24
C LYS A 47 -10.88 2.28 -2.22
N GLU A 48 -12.05 2.03 -1.57
CA GLU A 48 -12.10 0.97 -0.58
C GLU A 48 -11.97 -0.36 -1.28
N GLY A 49 -12.36 -0.41 -2.58
CA GLY A 49 -12.26 -1.64 -3.34
C GLY A 49 -10.82 -2.01 -3.47
N PHE A 50 -9.98 -1.00 -3.74
CA PHE A 50 -8.56 -1.21 -3.91
C PHE A 50 -7.99 -1.72 -2.61
N THR A 51 -8.37 -1.08 -1.47
CA THR A 51 -7.84 -1.49 -0.19
C THR A 51 -8.27 -2.90 0.13
N ARG A 52 -9.57 -3.22 -0.09
CA ARG A 52 -10.06 -4.55 0.22
C ARG A 52 -9.41 -5.56 -0.68
N HIS A 53 -9.22 -5.23 -1.97
CA HIS A 53 -8.62 -6.16 -2.89
C HIS A 53 -7.15 -6.32 -2.55
N MET A 54 -6.47 -5.22 -2.19
CA MET A 54 -5.05 -5.28 -1.89
C MET A 54 -4.81 -6.16 -0.69
N LYS A 55 -5.60 -5.98 0.40
CA LYS A 55 -5.39 -6.78 1.60
C LYS A 55 -5.66 -8.22 1.31
N ASP A 56 -6.48 -8.51 0.28
CA ASP A 56 -6.78 -9.88 -0.06
C ASP A 56 -5.57 -10.51 -0.71
N ILE A 57 -4.73 -9.70 -1.40
CA ILE A 57 -3.58 -10.25 -2.09
C ILE A 57 -2.41 -10.36 -1.15
N VAL A 58 -2.01 -9.25 -0.50
CA VAL A 58 -0.86 -9.28 0.37
C VAL A 58 -1.22 -9.90 1.69
N GLY A 59 -2.45 -9.65 2.19
CA GLY A 59 -2.86 -10.20 3.45
C GLY A 59 -3.08 -9.05 4.38
N ASP A 60 -4.06 -9.17 5.28
CA ASP A 60 -4.36 -8.11 6.20
C ASP A 60 -3.19 -7.88 7.12
N GLN A 61 -2.53 -8.98 7.55
CA GLN A 61 -1.40 -8.86 8.45
C GLN A 61 -0.26 -8.15 7.76
N MET A 62 0.00 -8.51 6.49
CA MET A 62 1.10 -7.89 5.77
C MET A 62 0.76 -6.45 5.50
N LEU A 63 -0.52 -6.18 5.22
CA LEU A 63 -0.94 -4.83 4.89
C LEU A 63 -0.68 -3.91 6.05
N ARG A 64 -1.07 -4.31 7.28
CA ARG A 64 -0.87 -3.44 8.42
C ARG A 64 0.60 -3.35 8.76
N MET A 65 1.36 -4.44 8.54
CA MET A 65 2.78 -4.40 8.86
C MET A 65 3.48 -3.45 7.92
N ALA A 66 3.10 -3.45 6.63
CA ALA A 66 3.74 -2.57 5.67
C ALA A 66 3.45 -1.14 6.03
N VAL A 67 2.18 -0.84 6.38
CA VAL A 67 1.81 0.51 6.74
C VAL A 67 2.55 0.89 7.99
N SER A 68 2.62 -0.04 8.96
CA SER A 68 3.29 0.24 10.21
C SER A 68 4.75 0.53 9.96
N LYS A 69 5.39 -0.26 9.06
CA LYS A 69 6.80 -0.07 8.76
C LYS A 69 6.98 1.26 8.08
N LEU A 70 6.09 1.59 7.13
CA LEU A 70 6.21 2.83 6.40
C LEU A 70 6.01 3.99 7.36
N GLN A 71 5.03 3.88 8.29
CA GLN A 71 4.81 4.95 9.24
C GLN A 71 6.01 5.01 10.15
N GLN A 72 6.52 3.81 10.55
CA GLN A 72 7.67 3.72 11.41
C GLN A 72 7.38 4.43 12.70
N VAL A 73 6.40 3.89 13.46
CA VAL A 73 6.03 4.48 14.72
C VAL A 73 6.02 3.37 15.73
N ASN A 74 6.06 3.73 17.03
CA ASN A 74 6.06 2.73 18.06
C ASN A 74 4.62 2.36 18.32
N TYR A 75 4.23 1.17 17.83
CA TYR A 75 2.87 0.71 18.02
C TYR A 75 2.74 0.23 19.48
N MET A 1 4.38 37.73 -2.73
CA MET A 1 5.74 37.52 -3.26
C MET A 1 6.17 36.09 -3.04
N MET A 2 5.73 35.49 -1.92
CA MET A 2 6.09 34.13 -1.61
C MET A 2 4.83 33.41 -1.24
N ASN A 3 4.77 32.10 -1.56
CA ASN A 3 3.60 31.32 -1.24
C ASN A 3 4.07 30.08 -0.53
N PRO A 4 4.40 30.22 0.73
CA PRO A 4 4.87 29.10 1.52
C PRO A 4 3.78 28.15 1.87
N ILE A 5 4.13 26.86 2.05
CA ILE A 5 3.15 25.86 2.38
C ILE A 5 3.68 25.07 3.55
N ASN A 6 2.77 24.40 4.27
CA ASN A 6 3.18 23.61 5.41
C ASN A 6 2.44 22.30 5.32
N ARG A 7 3.17 21.22 5.01
CA ARG A 7 2.54 19.93 4.89
C ARG A 7 3.35 18.96 5.69
N ASN A 8 2.66 18.01 6.37
CA ASN A 8 3.34 17.03 7.15
C ASN A 8 2.61 15.73 6.92
N PRO A 9 3.32 14.71 6.45
CA PRO A 9 2.72 13.42 6.20
C PRO A 9 2.12 12.80 7.43
N LYS A 10 0.92 12.22 7.30
CA LYS A 10 0.27 11.60 8.44
C LYS A 10 0.13 10.14 8.13
N GLN A 11 -0.18 9.80 6.87
CA GLN A 11 -0.33 8.42 6.49
C GLN A 11 0.47 8.21 5.25
N VAL A 12 1.05 6.99 5.10
CA VAL A 12 1.83 6.68 3.94
C VAL A 12 0.85 6.39 2.82
N PRO A 13 1.05 7.04 1.69
CA PRO A 13 0.16 6.85 0.54
C PRO A 13 0.29 5.48 -0.07
N PHE A 14 -0.75 5.05 -0.82
CA PHE A 14 -0.75 3.75 -1.44
C PHE A 14 0.36 3.64 -2.44
N ALA A 15 0.75 4.79 -3.05
CA ALA A 15 1.80 4.76 -4.04
C ALA A 15 3.08 4.25 -3.41
N ALA A 16 3.34 4.63 -2.15
CA ALA A 16 4.56 4.20 -1.48
C ALA A 16 4.36 2.81 -0.92
N LEU A 17 3.11 2.32 -0.87
CA LEU A 17 2.86 1.02 -0.31
C LEU A 17 3.06 -0.05 -1.35
N LEU A 18 2.87 0.30 -2.65
CA LEU A 18 2.98 -0.70 -3.70
C LEU A 18 4.37 -1.30 -3.70
N PRO A 19 5.42 -0.52 -3.84
CA PRO A 19 6.77 -1.08 -3.90
C PRO A 19 7.16 -1.86 -2.68
N THR A 20 6.68 -1.43 -1.50
CA THR A 20 7.02 -2.13 -0.27
C THR A 20 6.37 -3.48 -0.30
N LEU A 21 5.10 -3.52 -0.72
CA LEU A 21 4.36 -4.76 -0.75
C LEU A 21 4.87 -5.62 -1.85
N MET A 22 5.21 -5.00 -3.00
CA MET A 22 5.70 -5.75 -4.13
C MET A 22 6.97 -6.46 -3.75
N ASN A 23 7.80 -5.82 -2.89
CA ASN A 23 9.05 -6.42 -2.48
C ASN A 23 8.78 -7.61 -1.58
N GLN A 24 7.59 -7.66 -0.93
CA GLN A 24 7.30 -8.77 -0.03
C GLN A 24 6.40 -9.74 -0.73
N LEU A 25 6.01 -9.43 -1.98
CA LEU A 25 5.12 -10.29 -2.72
C LEU A 25 5.91 -11.05 -3.74
N ASP A 26 5.37 -12.24 -4.11
CA ASP A 26 6.01 -13.05 -5.11
C ASP A 26 5.77 -12.38 -6.43
N LYS A 27 6.46 -12.84 -7.50
CA LYS A 27 6.30 -12.22 -8.80
C LYS A 27 4.86 -12.32 -9.24
N ASP A 28 4.21 -13.49 -9.06
CA ASP A 28 2.84 -13.65 -9.48
C ASP A 28 1.94 -12.73 -8.68
N ARG A 29 2.19 -12.60 -7.36
CA ARG A 29 1.36 -11.73 -6.53
C ARG A 29 1.61 -10.29 -6.88
N ALA A 30 2.88 -9.93 -7.15
CA ALA A 30 3.23 -8.57 -7.49
C ALA A 30 2.54 -8.21 -8.77
N LEU A 31 2.49 -9.17 -9.72
CA LEU A 31 1.87 -8.94 -11.00
C LEU A 31 0.42 -8.61 -10.80
N GLN A 32 -0.24 -9.34 -9.86
CA GLN A 32 -1.63 -9.10 -9.58
C GLN A 32 -1.79 -7.71 -9.04
N LEU A 33 -0.84 -7.28 -8.18
CA LEU A 33 -0.92 -5.95 -7.61
C LEU A 33 -0.75 -4.92 -8.70
N ARG A 34 0.17 -5.16 -9.66
CA ARG A 34 0.42 -4.20 -10.72
C ARG A 34 -0.83 -4.00 -11.55
N THR A 35 -1.56 -5.09 -11.86
CA THR A 35 -2.75 -4.95 -12.68
C THR A 35 -3.86 -4.41 -11.82
N LEU A 36 -3.83 -4.70 -10.51
CA LEU A 36 -4.86 -4.22 -9.61
C LEU A 36 -4.77 -2.72 -9.55
N TYR A 37 -3.53 -2.18 -9.53
CA TYR A 37 -3.33 -0.75 -9.47
C TYR A 37 -3.92 -0.13 -10.70
N ALA A 38 -3.79 -0.80 -11.86
CA ALA A 38 -4.33 -0.28 -13.10
C ALA A 38 -5.83 -0.12 -12.96
N ARG A 39 -6.50 -1.04 -12.23
CA ARG A 39 -7.94 -0.95 -12.06
C ARG A 39 -8.25 0.32 -11.32
N LEU A 40 -7.43 0.63 -10.29
CA LEU A 40 -7.61 1.82 -9.50
C LEU A 40 -7.30 3.02 -10.36
N LYS A 41 -6.25 2.90 -11.19
CA LYS A 41 -5.82 3.96 -12.06
C LYS A 41 -6.93 4.33 -13.02
N LYS A 42 -7.67 3.31 -13.53
CA LYS A 42 -8.75 3.58 -14.46
C LYS A 42 -9.99 3.92 -13.69
N ASN A 43 -9.93 3.83 -12.34
CA ASN A 43 -11.06 4.15 -11.49
C ASN A 43 -12.19 3.20 -11.81
N GLU A 44 -11.84 1.91 -12.02
CA GLU A 44 -12.86 0.93 -12.30
C GLU A 44 -13.30 0.34 -10.99
N ILE A 45 -12.55 0.63 -9.91
CA ILE A 45 -12.88 0.12 -8.61
C ILE A 45 -12.72 1.26 -7.65
N PRO A 46 -13.47 1.23 -6.58
CA PRO A 46 -13.41 2.27 -5.57
C PRO A 46 -12.17 2.16 -4.72
N LYS A 47 -11.88 3.23 -3.94
CA LYS A 47 -10.71 3.24 -3.09
C LYS A 47 -10.85 2.11 -2.09
N GLU A 48 -12.08 1.92 -1.57
CA GLU A 48 -12.33 0.85 -0.63
C GLU A 48 -12.10 -0.46 -1.34
N GLY A 49 -12.53 -0.55 -2.61
CA GLY A 49 -12.37 -1.77 -3.39
C GLY A 49 -10.91 -2.07 -3.53
N PHE A 50 -10.10 -1.04 -3.84
CA PHE A 50 -8.68 -1.21 -4.01
C PHE A 50 -8.07 -1.69 -2.71
N THR A 51 -8.44 -1.04 -1.59
CA THR A 51 -7.89 -1.40 -0.31
C THR A 51 -8.27 -2.82 0.04
N ARG A 52 -9.57 -3.16 -0.14
CA ARG A 52 -10.04 -4.49 0.19
C ARG A 52 -9.35 -5.51 -0.67
N HIS A 53 -9.21 -5.21 -1.98
CA HIS A 53 -8.60 -6.15 -2.89
C HIS A 53 -7.16 -6.37 -2.50
N MET A 54 -6.44 -5.30 -2.11
CA MET A 54 -5.04 -5.45 -1.75
C MET A 54 -4.92 -6.32 -0.54
N LYS A 55 -5.84 -6.18 0.44
CA LYS A 55 -5.78 -6.97 1.64
C LYS A 55 -5.91 -8.43 1.28
N ASP A 56 -6.74 -8.74 0.28
CA ASP A 56 -6.94 -10.11 -0.11
C ASP A 56 -5.69 -10.65 -0.76
N ILE A 57 -4.83 -9.77 -1.33
CA ILE A 57 -3.65 -10.24 -2.02
C ILE A 57 -2.48 -10.31 -1.05
N VAL A 58 -2.15 -9.19 -0.37
CA VAL A 58 -1.01 -9.18 0.52
C VAL A 58 -1.37 -9.76 1.86
N GLY A 59 -2.64 -9.60 2.30
CA GLY A 59 -3.04 -10.12 3.58
C GLY A 59 -3.19 -8.96 4.50
N ASP A 60 -4.06 -9.12 5.52
CA ASP A 60 -4.30 -8.06 6.47
C ASP A 60 -3.03 -7.77 7.23
N GLN A 61 -2.27 -8.83 7.58
CA GLN A 61 -1.07 -8.66 8.36
C GLN A 61 -0.04 -7.88 7.58
N MET A 62 0.14 -8.21 6.28
CA MET A 62 1.14 -7.51 5.49
C MET A 62 0.72 -6.09 5.29
N LEU A 63 -0.59 -5.85 5.13
CA LEU A 63 -1.08 -4.52 4.89
C LEU A 63 -0.77 -3.62 6.06
N ARG A 64 -1.10 -4.06 7.29
CA ARG A 64 -0.86 -3.22 8.46
C ARG A 64 0.61 -3.12 8.74
N MET A 65 1.39 -4.22 8.52
CA MET A 65 2.81 -4.16 8.80
C MET A 65 3.49 -3.24 7.84
N ALA A 66 3.08 -3.24 6.56
CA ALA A 66 3.72 -2.40 5.57
C ALA A 66 3.55 -0.95 5.96
N VAL A 67 2.32 -0.56 6.37
CA VAL A 67 2.08 0.81 6.75
C VAL A 67 2.87 1.12 7.99
N SER A 68 2.91 0.18 8.94
CA SER A 68 3.60 0.39 10.19
C SER A 68 5.07 0.59 9.94
N LYS A 69 5.68 -0.21 9.03
CA LYS A 69 7.10 -0.09 8.77
C LYS A 69 7.37 1.20 8.05
N LEU A 70 6.48 1.57 7.11
CA LEU A 70 6.68 2.78 6.34
C LEU A 70 6.57 3.97 7.26
N GLN A 71 5.59 3.97 8.19
CA GLN A 71 5.47 5.08 9.11
C GLN A 71 6.62 5.04 10.06
N GLN A 72 6.99 3.82 10.51
CA GLN A 72 8.11 3.64 11.43
C GLN A 72 7.80 4.39 12.69
N VAL A 73 6.59 4.18 13.25
CA VAL A 73 6.20 4.86 14.46
C VAL A 73 6.11 3.84 15.55
N ASN A 74 6.47 2.58 15.25
CA ASN A 74 6.41 1.56 16.24
C ASN A 74 7.37 0.47 15.84
N TYR A 75 7.48 -0.58 16.68
CA TYR A 75 8.37 -1.67 16.39
C TYR A 75 9.80 -1.12 16.23
N MET A 1 0.16 18.18 29.90
CA MET A 1 -0.99 17.98 28.98
C MET A 1 -1.02 19.05 27.92
N MET A 2 -0.08 20.02 28.02
CA MET A 2 -0.01 21.11 27.06
C MET A 2 0.28 20.52 25.70
N ASN A 3 1.24 19.56 25.65
CA ASN A 3 1.62 18.93 24.40
C ASN A 3 2.01 20.00 23.40
N PRO A 4 3.08 20.72 23.69
CA PRO A 4 3.55 21.79 22.83
C PRO A 4 4.11 21.29 21.53
N ILE A 5 4.48 19.99 21.49
CA ILE A 5 5.04 19.40 20.28
C ILE A 5 3.96 19.41 19.23
N ASN A 6 2.70 19.09 19.65
CA ASN A 6 1.58 19.05 18.73
C ASN A 6 1.83 18.00 17.69
N ARG A 7 2.09 16.75 18.15
CA ARG A 7 2.34 15.66 17.23
C ARG A 7 1.05 15.35 16.53
N ASN A 8 1.13 15.01 15.23
CA ASN A 8 -0.05 14.70 14.48
C ASN A 8 0.23 13.43 13.72
N PRO A 9 -0.81 12.68 13.42
CA PRO A 9 -0.68 11.44 12.69
C PRO A 9 -0.37 11.66 11.23
N LYS A 10 0.29 10.67 10.61
CA LYS A 10 0.63 10.79 9.22
C LYS A 10 0.42 9.44 8.60
N GLN A 11 -0.26 9.42 7.43
CA GLN A 11 -0.52 8.17 6.75
C GLN A 11 0.26 8.20 5.48
N VAL A 12 0.92 7.06 5.15
CA VAL A 12 1.69 6.98 3.94
C VAL A 12 0.75 6.71 2.80
N PRO A 13 1.14 7.12 1.61
CA PRO A 13 0.33 6.92 0.42
C PRO A 13 0.35 5.50 -0.05
N PHE A 14 -0.69 5.10 -0.82
CA PHE A 14 -0.76 3.76 -1.35
C PHE A 14 0.34 3.60 -2.36
N ALA A 15 0.80 4.72 -2.95
CA ALA A 15 1.84 4.68 -3.94
C ALA A 15 3.09 4.10 -3.32
N ALA A 16 3.36 4.43 -2.04
CA ALA A 16 4.56 3.94 -1.38
C ALA A 16 4.30 2.56 -0.84
N LEU A 17 3.03 2.11 -0.83
CA LEU A 17 2.71 0.80 -0.31
C LEU A 17 2.94 -0.24 -1.36
N LEU A 18 2.78 0.12 -2.65
CA LEU A 18 2.91 -0.86 -3.71
C LEU A 18 4.31 -1.46 -3.71
N PRO A 19 5.36 -0.66 -3.82
CA PRO A 19 6.71 -1.21 -3.86
C PRO A 19 7.08 -1.99 -2.64
N THR A 20 6.58 -1.58 -1.46
CA THR A 20 6.91 -2.28 -0.24
C THR A 20 6.28 -3.65 -0.30
N LEU A 21 5.00 -3.69 -0.73
CA LEU A 21 4.28 -4.94 -0.79
C LEU A 21 4.82 -5.77 -1.90
N MET A 22 5.17 -5.14 -3.03
CA MET A 22 5.69 -5.88 -4.16
C MET A 22 6.97 -6.56 -3.76
N ASN A 23 7.77 -5.92 -2.90
CA ASN A 23 9.02 -6.53 -2.46
C ASN A 23 8.73 -7.74 -1.59
N GLN A 24 7.54 -7.79 -0.96
CA GLN A 24 7.24 -8.91 -0.08
C GLN A 24 6.33 -9.87 -0.81
N LEU A 25 5.99 -9.55 -2.07
CA LEU A 25 5.11 -10.40 -2.82
C LEU A 25 5.90 -11.12 -3.86
N ASP A 26 5.34 -12.25 -4.34
CA ASP A 26 5.98 -13.03 -5.37
C ASP A 26 5.71 -12.31 -6.67
N LYS A 27 6.32 -12.77 -7.77
CA LYS A 27 6.13 -12.11 -9.05
C LYS A 27 4.70 -12.19 -9.45
N ASP A 28 4.06 -13.35 -9.23
CA ASP A 28 2.68 -13.52 -9.61
C ASP A 28 1.79 -12.61 -8.78
N ARG A 29 2.07 -12.51 -7.46
CA ARG A 29 1.27 -11.67 -6.59
C ARG A 29 1.51 -10.22 -6.91
N ALA A 30 2.78 -9.86 -7.20
CA ALA A 30 3.12 -8.48 -7.50
C ALA A 30 2.44 -8.09 -8.78
N LEU A 31 2.36 -9.03 -9.73
CA LEU A 31 1.73 -8.77 -11.00
C LEU A 31 0.28 -8.43 -10.78
N GLN A 32 -0.38 -9.19 -9.87
CA GLN A 32 -1.77 -8.96 -9.59
C GLN A 32 -1.92 -7.60 -8.96
N LEU A 33 -0.98 -7.22 -8.07
CA LEU A 33 -1.04 -5.92 -7.43
C LEU A 33 -0.85 -4.84 -8.46
N ARG A 34 0.09 -5.04 -9.40
CA ARG A 34 0.36 -4.04 -10.41
C ARG A 34 -0.85 -3.81 -11.27
N THR A 35 -1.55 -4.88 -11.71
CA THR A 35 -2.71 -4.69 -12.56
C THR A 35 -3.85 -4.17 -11.72
N LEU A 36 -3.86 -4.51 -10.41
CA LEU A 36 -4.92 -4.05 -9.54
C LEU A 36 -4.83 -2.54 -9.43
N TYR A 37 -3.58 -2.01 -9.36
CA TYR A 37 -3.38 -0.58 -9.27
C TYR A 37 -3.94 0.07 -10.50
N ALA A 38 -3.80 -0.59 -11.67
CA ALA A 38 -4.30 -0.05 -12.90
C ALA A 38 -5.80 0.15 -12.79
N ARG A 39 -6.50 -0.78 -12.09
CA ARG A 39 -7.94 -0.67 -11.95
C ARG A 39 -8.23 0.59 -11.17
N LEU A 40 -7.40 0.86 -10.13
CA LEU A 40 -7.58 2.03 -9.31
C LEU A 40 -7.31 3.26 -10.13
N LYS A 41 -6.24 3.21 -10.96
CA LYS A 41 -5.87 4.34 -11.79
C LYS A 41 -7.00 4.65 -12.75
N LYS A 42 -7.65 3.60 -13.30
CA LYS A 42 -8.73 3.80 -14.24
C LYS A 42 -9.98 4.17 -13.49
N ASN A 43 -9.93 4.11 -12.13
CA ASN A 43 -11.08 4.45 -11.31
C ASN A 43 -12.20 3.51 -11.62
N GLU A 44 -11.87 2.22 -11.87
CA GLU A 44 -12.89 1.25 -12.16
C GLU A 44 -13.32 0.64 -10.87
N ILE A 45 -12.57 0.90 -9.79
CA ILE A 45 -12.90 0.35 -8.50
C ILE A 45 -12.71 1.47 -7.51
N PRO A 46 -13.48 1.42 -6.44
CA PRO A 46 -13.39 2.43 -5.40
C PRO A 46 -12.16 2.29 -4.55
N LYS A 47 -11.84 3.33 -3.75
CA LYS A 47 -10.68 3.28 -2.88
C LYS A 47 -10.86 2.14 -1.91
N GLU A 48 -12.11 1.96 -1.42
CA GLU A 48 -12.39 0.89 -0.50
C GLU A 48 -12.17 -0.41 -1.23
N GLY A 49 -12.59 -0.47 -2.51
CA GLY A 49 -12.44 -1.67 -3.31
C GLY A 49 -10.99 -2.00 -3.45
N PHE A 50 -10.16 -0.97 -3.69
CA PHE A 50 -8.74 -1.15 -3.86
C PHE A 50 -8.16 -1.69 -2.58
N THR A 51 -8.52 -1.07 -1.43
CA THR A 51 -8.00 -1.50 -0.15
C THR A 51 -8.45 -2.91 0.14
N ARG A 52 -9.74 -3.20 -0.11
CA ARG A 52 -10.29 -4.51 0.16
C ARG A 52 -9.60 -5.54 -0.69
N HIS A 53 -9.37 -5.22 -1.97
CA HIS A 53 -8.73 -6.17 -2.85
C HIS A 53 -7.30 -6.39 -2.43
N MET A 54 -6.58 -5.32 -2.01
CA MET A 54 -5.19 -5.47 -1.62
C MET A 54 -5.04 -6.34 -0.42
N LYS A 55 -5.92 -6.19 0.60
CA LYS A 55 -5.77 -7.00 1.80
C LYS A 55 -6.03 -8.45 1.46
N ASP A 56 -6.78 -8.71 0.39
CA ASP A 56 -7.07 -10.08 0.01
C ASP A 56 -5.85 -10.66 -0.68
N ILE A 57 -4.99 -9.82 -1.30
CA ILE A 57 -3.84 -10.32 -2.01
C ILE A 57 -2.65 -10.42 -1.08
N VAL A 58 -2.27 -9.30 -0.44
CA VAL A 58 -1.10 -9.31 0.42
C VAL A 58 -1.44 -9.89 1.76
N GLY A 59 -2.67 -9.68 2.24
CA GLY A 59 -3.06 -10.21 3.52
C GLY A 59 -3.11 -9.04 4.46
N ASP A 60 -4.00 -9.12 5.47
CA ASP A 60 -4.15 -8.06 6.42
C ASP A 60 -2.87 -7.90 7.21
N GLN A 61 -2.20 -9.03 7.52
CA GLN A 61 -0.98 -8.98 8.30
C GLN A 61 0.07 -8.21 7.56
N MET A 62 0.24 -8.49 6.24
CA MET A 62 1.25 -7.80 5.46
C MET A 62 0.87 -6.37 5.28
N LEU A 63 -0.44 -6.11 5.11
CA LEU A 63 -0.92 -4.77 4.87
C LEU A 63 -0.60 -3.88 6.06
N ARG A 64 -0.91 -4.35 7.29
CA ARG A 64 -0.66 -3.51 8.44
C ARG A 64 0.82 -3.39 8.69
N MET A 65 1.61 -4.46 8.40
CA MET A 65 3.04 -4.39 8.63
C MET A 65 3.67 -3.41 7.67
N ALA A 66 3.21 -3.40 6.40
CA ALA A 66 3.78 -2.51 5.43
C ALA A 66 3.52 -1.08 5.83
N VAL A 67 2.28 -0.78 6.29
CA VAL A 67 1.95 0.57 6.70
C VAL A 67 2.77 0.92 7.90
N SER A 68 2.89 -0.02 8.85
CA SER A 68 3.64 0.23 10.06
C SER A 68 5.09 0.46 9.73
N LYS A 69 5.65 -0.31 8.78
CA LYS A 69 7.04 -0.16 8.42
C LYS A 69 7.25 1.17 7.76
N LEU A 70 6.33 1.56 6.86
CA LEU A 70 6.47 2.82 6.16
C LEU A 70 6.36 3.96 7.13
N GLN A 71 5.41 3.89 8.09
CA GLN A 71 5.28 4.95 9.07
C GLN A 71 6.50 4.94 9.94
N GLN A 72 6.95 3.72 10.33
CA GLN A 72 8.11 3.55 11.16
C GLN A 72 7.91 4.30 12.46
N VAL A 73 6.96 3.82 13.28
CA VAL A 73 6.69 4.47 14.54
C VAL A 73 7.08 3.50 15.62
N ASN A 74 7.99 3.93 16.52
CA ASN A 74 8.41 3.07 17.59
C ASN A 74 7.62 3.46 18.81
N TYR A 75 6.67 2.58 19.21
CA TYR A 75 5.86 2.87 20.36
C TYR A 75 6.63 2.40 21.60
N MET A 1 23.08 12.34 -3.30
CA MET A 1 22.96 11.01 -2.66
C MET A 1 21.74 10.29 -3.17
N MET A 2 20.83 11.04 -3.84
CA MET A 2 19.62 10.47 -4.38
C MET A 2 18.79 9.92 -3.26
N ASN A 3 18.61 10.72 -2.18
CA ASN A 3 17.82 10.28 -1.07
C ASN A 3 16.37 10.34 -1.49
N PRO A 4 15.58 9.43 -0.96
CA PRO A 4 14.16 9.38 -1.27
C PRO A 4 13.37 10.49 -0.64
N ILE A 5 12.25 10.88 -1.27
CA ILE A 5 11.43 11.93 -0.74
C ILE A 5 10.09 11.34 -0.46
N ASN A 6 9.61 11.48 0.79
CA ASN A 6 8.33 10.94 1.15
C ASN A 6 7.85 11.72 2.34
N ARG A 7 6.52 11.78 2.53
CA ARG A 7 5.97 12.53 3.64
C ARG A 7 5.01 11.62 4.35
N ASN A 8 4.90 11.79 5.68
CA ASN A 8 3.99 10.98 6.45
C ASN A 8 3.24 11.89 7.37
N PRO A 9 2.21 12.53 6.86
CA PRO A 9 1.39 13.44 7.65
C PRO A 9 0.55 12.73 8.66
N LYS A 10 0.22 11.45 8.38
CA LYS A 10 -0.58 10.68 9.29
C LYS A 10 -0.56 9.28 8.77
N GLN A 11 -0.89 9.12 7.48
CA GLN A 11 -0.90 7.81 6.87
C GLN A 11 -0.08 7.92 5.62
N VAL A 12 0.64 6.84 5.28
CA VAL A 12 1.46 6.86 4.09
C VAL A 12 0.56 6.57 2.91
N PRO A 13 0.96 7.03 1.74
CA PRO A 13 0.19 6.84 0.53
C PRO A 13 0.26 5.43 0.02
N PHE A 14 -0.77 5.02 -0.76
CA PHE A 14 -0.78 3.69 -1.32
C PHE A 14 0.31 3.59 -2.34
N ALA A 15 0.72 4.75 -2.89
CA ALA A 15 1.76 4.76 -3.90
C ALA A 15 3.04 4.22 -3.29
N ALA A 16 3.30 4.52 -2.00
CA ALA A 16 4.51 4.05 -1.37
C ALA A 16 4.30 2.64 -0.87
N LEU A 17 3.04 2.14 -0.87
CA LEU A 17 2.78 0.81 -0.38
C LEU A 17 3.03 -0.20 -1.47
N LEU A 18 2.82 0.19 -2.75
CA LEU A 18 2.99 -0.76 -3.83
C LEU A 18 4.41 -1.30 -3.87
N PRO A 19 5.42 -0.45 -3.97
CA PRO A 19 6.79 -0.94 -4.06
C PRO A 19 7.23 -1.71 -2.84
N THR A 20 6.70 -1.36 -1.66
CA THR A 20 7.08 -2.05 -0.46
C THR A 20 6.51 -3.44 -0.52
N LEU A 21 5.24 -3.53 -0.93
CA LEU A 21 4.56 -4.80 -0.99
C LEU A 21 5.08 -5.63 -2.13
N MET A 22 5.34 -4.99 -3.29
CA MET A 22 5.83 -5.72 -4.44
C MET A 22 7.14 -6.37 -4.11
N ASN A 23 7.97 -5.69 -3.31
CA ASN A 23 9.28 -6.23 -2.96
C ASN A 23 9.11 -7.44 -2.06
N GLN A 24 7.95 -7.57 -1.37
CA GLN A 24 7.75 -8.68 -0.47
C GLN A 24 6.78 -9.65 -1.08
N LEU A 25 6.36 -9.39 -2.33
CA LEU A 25 5.42 -10.26 -2.98
C LEU A 25 6.12 -11.04 -4.04
N ASP A 26 5.53 -12.21 -4.39
CA ASP A 26 6.08 -13.04 -5.42
C ASP A 26 5.77 -12.36 -6.73
N LYS A 27 6.40 -12.82 -7.83
CA LYS A 27 6.19 -12.20 -9.12
C LYS A 27 4.72 -12.28 -9.49
N ASP A 28 4.08 -13.46 -9.28
CA ASP A 28 2.69 -13.61 -9.64
C ASP A 28 1.84 -12.68 -8.81
N ARG A 29 2.14 -12.55 -7.50
CA ARG A 29 1.35 -11.70 -6.63
C ARG A 29 1.59 -10.25 -7.00
N ALA A 30 2.85 -9.90 -7.33
CA ALA A 30 3.17 -8.53 -7.68
C ALA A 30 2.47 -8.18 -8.96
N LEU A 31 2.38 -9.15 -9.89
CA LEU A 31 1.73 -8.92 -11.16
C LEU A 31 0.30 -8.57 -10.91
N GLN A 32 -0.36 -9.31 -9.97
CA GLN A 32 -1.74 -9.04 -9.68
C GLN A 32 -1.88 -7.66 -9.11
N LEU A 33 -0.90 -7.24 -8.27
CA LEU A 33 -0.96 -5.92 -7.68
C LEU A 33 -0.83 -4.87 -8.76
N ARG A 34 0.07 -5.11 -9.74
CA ARG A 34 0.29 -4.14 -10.79
C ARG A 34 -0.96 -3.95 -11.61
N THR A 35 -1.69 -5.03 -11.92
CA THR A 35 -2.90 -4.89 -12.72
C THR A 35 -3.99 -4.33 -11.85
N LEU A 36 -3.94 -4.62 -10.53
CA LEU A 36 -4.94 -4.11 -9.61
C LEU A 36 -4.82 -2.60 -9.58
N TYR A 37 -3.57 -2.09 -9.56
CA TYR A 37 -3.34 -0.66 -9.53
C TYR A 37 -3.89 -0.06 -10.80
N ALA A 38 -3.76 -0.79 -11.93
CA ALA A 38 -4.25 -0.29 -13.20
C ALA A 38 -5.74 -0.08 -13.10
N ARG A 39 -6.45 -1.01 -12.40
CA ARG A 39 -7.88 -0.90 -12.27
C ARG A 39 -8.19 0.35 -11.48
N LEU A 40 -7.35 0.60 -10.44
CA LEU A 40 -7.53 1.77 -9.60
C LEU A 40 -7.30 3.01 -10.42
N LYS A 41 -6.25 3.00 -11.27
CA LYS A 41 -5.92 4.14 -12.10
C LYS A 41 -7.07 4.42 -13.04
N LYS A 42 -7.67 3.35 -13.61
CA LYS A 42 -8.77 3.52 -14.54
C LYS A 42 -10.02 3.88 -13.76
N ASN A 43 -9.96 3.80 -12.41
CA ASN A 43 -11.10 4.12 -11.58
C ASN A 43 -12.22 3.16 -11.89
N GLU A 44 -11.86 1.87 -12.10
CA GLU A 44 -12.87 0.88 -12.38
C GLU A 44 -13.27 0.25 -11.08
N ILE A 45 -12.51 0.54 -10.00
CA ILE A 45 -12.82 -0.01 -8.70
C ILE A 45 -12.69 1.14 -7.73
N PRO A 46 -13.44 1.08 -6.67
CA PRO A 46 -13.41 2.11 -5.65
C PRO A 46 -12.18 2.05 -4.80
N LYS A 47 -11.92 3.14 -4.03
CA LYS A 47 -10.76 3.18 -3.16
C LYS A 47 -10.87 2.06 -2.16
N GLU A 48 -12.10 1.84 -1.65
CA GLU A 48 -12.32 0.77 -0.69
C GLU A 48 -12.05 -0.53 -1.39
N GLY A 49 -12.46 -0.64 -2.68
CA GLY A 49 -12.26 -1.85 -3.43
C GLY A 49 -10.78 -2.11 -3.56
N PHE A 50 -10.01 -1.05 -3.83
CA PHE A 50 -8.58 -1.18 -3.98
C PHE A 50 -7.99 -1.65 -2.67
N THR A 51 -8.39 -1.01 -1.56
CA THR A 51 -7.85 -1.35 -0.26
C THR A 51 -8.19 -2.78 0.11
N ARG A 52 -9.47 -3.18 -0.06
CA ARG A 52 -9.89 -4.51 0.31
C ARG A 52 -9.23 -5.53 -0.58
N HIS A 53 -9.08 -5.22 -1.88
CA HIS A 53 -8.49 -6.17 -2.79
C HIS A 53 -7.04 -6.39 -2.44
N MET A 54 -6.31 -5.32 -2.06
CA MET A 54 -4.91 -5.49 -1.71
C MET A 54 -4.79 -6.36 -0.50
N LYS A 55 -5.71 -6.19 0.48
CA LYS A 55 -5.65 -6.97 1.70
C LYS A 55 -5.83 -8.43 1.34
N ASP A 56 -6.66 -8.73 0.32
CA ASP A 56 -6.89 -10.10 -0.05
C ASP A 56 -5.65 -10.67 -0.69
N ILE A 57 -4.85 -9.83 -1.39
CA ILE A 57 -3.67 -10.32 -2.07
C ILE A 57 -2.51 -10.44 -1.12
N VAL A 58 -2.14 -9.32 -0.45
CA VAL A 58 -0.98 -9.35 0.43
C VAL A 58 -1.35 -9.93 1.77
N GLY A 59 -2.60 -9.73 2.22
CA GLY A 59 -3.01 -10.24 3.51
C GLY A 59 -3.23 -9.07 4.40
N ASP A 60 -4.15 -9.22 5.38
CA ASP A 60 -4.44 -8.14 6.29
C ASP A 60 -3.22 -7.83 7.11
N GLN A 61 -2.49 -8.88 7.54
CA GLN A 61 -1.32 -8.68 8.37
C GLN A 61 -0.22 -8.05 7.57
N MET A 62 -0.04 -8.46 6.30
CA MET A 62 1.02 -7.90 5.49
C MET A 62 0.73 -6.45 5.24
N LEU A 63 -0.56 -6.13 4.98
CA LEU A 63 -0.95 -4.77 4.73
C LEU A 63 -0.72 -3.96 5.98
N ARG A 64 -1.15 -4.52 7.12
CA ARG A 64 -1.02 -3.86 8.40
C ARG A 64 0.44 -3.64 8.71
N MET A 65 1.27 -4.68 8.53
CA MET A 65 2.68 -4.58 8.84
C MET A 65 3.35 -3.59 7.92
N ALA A 66 2.99 -3.61 6.62
CA ALA A 66 3.62 -2.72 5.67
C ALA A 66 3.32 -1.29 6.06
N VAL A 67 2.06 -1.00 6.42
CA VAL A 67 1.69 0.36 6.78
C VAL A 67 2.43 0.75 8.04
N SER A 68 2.50 -0.17 9.02
CA SER A 68 3.15 0.15 10.28
C SER A 68 4.63 0.39 10.06
N LYS A 69 5.28 -0.36 9.15
CA LYS A 69 6.69 -0.18 8.92
C LYS A 69 6.93 1.13 8.23
N LEU A 70 6.04 1.47 7.27
CA LEU A 70 6.19 2.71 6.54
C LEU A 70 5.99 3.87 7.48
N GLN A 71 5.00 3.77 8.40
CA GLN A 71 4.77 4.83 9.35
C GLN A 71 5.95 4.87 10.29
N GLN A 72 6.41 3.67 10.72
CA GLN A 72 7.53 3.56 11.62
C GLN A 72 7.22 4.28 12.90
N VAL A 73 6.03 3.99 13.48
CA VAL A 73 5.63 4.62 14.72
C VAL A 73 5.35 3.52 15.69
N ASN A 74 5.99 3.57 16.88
CA ASN A 74 5.78 2.55 17.88
C ASN A 74 5.63 3.24 19.20
N TYR A 75 6.72 3.85 19.70
CA TYR A 75 6.65 4.54 20.97
C TYR A 75 5.87 5.84 20.75
N MET A 1 22.45 -4.13 11.00
CA MET A 1 22.67 -4.33 12.45
C MET A 1 22.07 -3.21 13.25
N MET A 2 22.06 -1.99 12.65
CA MET A 2 21.51 -0.84 13.33
C MET A 2 20.53 -0.21 12.40
N ASN A 3 19.46 0.39 12.97
CA ASN A 3 18.46 1.04 12.15
C ASN A 3 18.24 2.41 12.72
N PRO A 4 19.09 3.36 12.33
CA PRO A 4 18.99 4.74 12.80
C PRO A 4 17.67 5.38 12.44
N ILE A 5 17.15 6.22 13.36
CA ILE A 5 15.89 6.88 13.11
C ILE A 5 16.10 8.33 13.42
N ASN A 6 15.21 9.19 12.89
CA ASN A 6 15.33 10.60 13.14
C ASN A 6 13.97 11.20 12.96
N ARG A 7 13.40 11.07 11.74
CA ARG A 7 12.10 11.62 11.47
C ARG A 7 11.34 10.56 10.74
N ASN A 8 10.00 10.53 10.93
CA ASN A 8 9.19 9.55 10.27
C ASN A 8 7.98 10.27 9.72
N PRO A 9 7.41 9.73 8.68
CA PRO A 9 6.23 10.33 8.06
C PRO A 9 4.99 10.13 8.86
N LYS A 10 4.05 11.11 8.79
CA LYS A 10 2.82 11.01 9.52
C LYS A 10 2.03 9.85 8.98
N GLN A 11 2.06 9.68 7.64
CA GLN A 11 1.33 8.60 7.03
C GLN A 11 2.03 8.30 5.74
N VAL A 12 1.79 7.10 5.18
CA VAL A 12 2.43 6.72 3.95
C VAL A 12 1.33 6.46 2.95
N PRO A 13 1.48 7.00 1.75
CA PRO A 13 0.50 6.82 0.68
C PRO A 13 0.53 5.45 0.07
N PHE A 14 -0.54 5.08 -0.66
CA PHE A 14 -0.61 3.78 -1.28
C PHE A 14 0.46 3.67 -2.34
N ALA A 15 0.86 4.81 -2.93
CA ALA A 15 1.88 4.80 -3.96
C ALA A 15 3.16 4.23 -3.40
N ALA A 16 3.48 4.57 -2.12
CA ALA A 16 4.71 4.07 -1.52
C ALA A 16 4.49 2.68 -0.98
N LEU A 17 3.22 2.21 -0.92
CA LEU A 17 2.95 0.90 -0.38
C LEU A 17 3.17 -0.13 -1.46
N LEU A 18 2.91 0.22 -2.74
CA LEU A 18 3.04 -0.75 -3.81
C LEU A 18 4.45 -1.31 -3.88
N PRO A 19 5.47 -0.48 -4.01
CA PRO A 19 6.83 -0.99 -4.11
C PRO A 19 7.28 -1.78 -2.92
N THR A 20 6.79 -1.41 -1.73
CA THR A 20 7.18 -2.12 -0.54
C THR A 20 6.55 -3.48 -0.57
N LEU A 21 5.25 -3.52 -0.95
CA LEU A 21 4.52 -4.76 -0.98
C LEU A 21 4.99 -5.61 -2.10
N MET A 22 5.29 -5.01 -3.26
CA MET A 22 5.73 -5.78 -4.41
C MET A 22 7.01 -6.47 -4.08
N ASN A 23 7.89 -5.81 -3.28
CA ASN A 23 9.16 -6.42 -2.92
C ASN A 23 8.93 -7.54 -1.93
N GLN A 24 7.74 -7.57 -1.28
CA GLN A 24 7.47 -8.61 -0.30
C GLN A 24 6.52 -9.59 -0.91
N LEU A 25 6.19 -9.41 -2.20
CA LEU A 25 5.27 -10.29 -2.87
C LEU A 25 5.97 -11.02 -3.96
N ASP A 26 5.43 -12.20 -4.32
CA ASP A 26 6.00 -13.00 -5.39
C ASP A 26 5.64 -12.28 -6.67
N LYS A 27 6.33 -12.62 -7.78
CA LYS A 27 6.07 -11.95 -9.04
C LYS A 27 4.63 -12.11 -9.44
N ASP A 28 4.02 -13.27 -9.15
CA ASP A 28 2.63 -13.49 -9.51
C ASP A 28 1.75 -12.57 -8.71
N ARG A 29 1.97 -12.49 -7.39
CA ARG A 29 1.18 -11.63 -6.54
C ARG A 29 1.41 -10.19 -6.91
N ALA A 30 2.68 -9.85 -7.23
CA ALA A 30 3.02 -8.48 -7.59
C ALA A 30 2.29 -8.12 -8.85
N LEU A 31 2.19 -9.07 -9.81
CA LEU A 31 1.50 -8.81 -11.06
C LEU A 31 0.05 -8.52 -10.78
N GLN A 32 -0.55 -9.28 -9.84
CA GLN A 32 -1.95 -9.07 -9.51
C GLN A 32 -2.10 -7.69 -8.92
N LEU A 33 -1.13 -7.28 -8.08
CA LEU A 33 -1.19 -5.97 -7.46
C LEU A 33 -1.04 -4.91 -8.52
N ARG A 34 -0.13 -5.14 -9.50
CA ARG A 34 0.11 -4.18 -10.54
C ARG A 34 -1.15 -3.94 -11.34
N THR A 35 -1.88 -5.01 -11.73
CA THR A 35 -3.09 -4.81 -12.51
C THR A 35 -4.16 -4.23 -11.63
N LEU A 36 -4.12 -4.54 -10.32
CA LEU A 36 -5.10 -4.01 -9.40
C LEU A 36 -4.95 -2.51 -9.35
N TYR A 37 -3.69 -2.03 -9.31
CA TYR A 37 -3.43 -0.61 -9.27
C TYR A 37 -3.93 0.02 -10.55
N ALA A 38 -3.81 -0.70 -11.68
CA ALA A 38 -4.26 -0.18 -12.95
C ALA A 38 -5.75 0.08 -12.87
N ARG A 39 -6.49 -0.82 -12.20
CA ARG A 39 -7.93 -0.66 -12.08
C ARG A 39 -8.20 0.59 -11.30
N LEU A 40 -7.37 0.83 -10.25
CA LEU A 40 -7.53 1.99 -9.41
C LEU A 40 -7.24 3.23 -10.23
N LYS A 41 -6.18 3.19 -11.08
CA LYS A 41 -5.83 4.33 -11.90
C LYS A 41 -6.97 4.63 -12.85
N LYS A 42 -7.62 3.58 -13.40
CA LYS A 42 -8.71 3.78 -14.32
C LYS A 42 -9.94 4.19 -13.55
N ASN A 43 -9.87 4.09 -12.19
CA ASN A 43 -10.98 4.47 -11.34
C ASN A 43 -12.14 3.55 -11.65
N GLU A 44 -11.84 2.25 -11.88
CA GLU A 44 -12.88 1.31 -12.16
C GLU A 44 -13.31 0.71 -10.85
N ILE A 45 -12.52 0.96 -9.79
CA ILE A 45 -12.84 0.44 -8.49
C ILE A 45 -12.62 1.56 -7.52
N PRO A 46 -13.37 1.55 -6.43
CA PRO A 46 -13.26 2.57 -5.41
C PRO A 46 -12.04 2.42 -4.57
N LYS A 47 -11.70 3.46 -3.77
CA LYS A 47 -10.54 3.41 -2.91
C LYS A 47 -10.73 2.29 -1.92
N GLU A 48 -11.98 2.14 -1.44
CA GLU A 48 -12.28 1.08 -0.50
C GLU A 48 -12.07 -0.23 -1.21
N GLY A 49 -12.49 -0.30 -2.50
CA GLY A 49 -12.35 -1.51 -3.28
C GLY A 49 -10.89 -1.84 -3.42
N PHE A 50 -10.06 -0.81 -3.67
CA PHE A 50 -8.65 -1.00 -3.84
C PHE A 50 -8.07 -1.54 -2.56
N THR A 51 -8.43 -0.93 -1.41
CA THR A 51 -7.91 -1.37 -0.13
C THR A 51 -8.37 -2.78 0.14
N ARG A 52 -9.67 -3.07 -0.10
CA ARG A 52 -10.21 -4.38 0.17
C ARG A 52 -9.52 -5.41 -0.68
N HIS A 53 -9.34 -5.12 -1.99
CA HIS A 53 -8.70 -6.08 -2.85
C HIS A 53 -7.24 -6.22 -2.48
N MET A 54 -6.57 -5.10 -2.15
CA MET A 54 -5.16 -5.16 -1.82
C MET A 54 -4.94 -6.00 -0.59
N LYS A 55 -5.75 -5.80 0.48
CA LYS A 55 -5.55 -6.56 1.70
C LYS A 55 -5.85 -8.01 1.44
N ASP A 56 -6.66 -8.30 0.42
CA ASP A 56 -6.99 -9.67 0.11
C ASP A 56 -5.78 -10.34 -0.52
N ILE A 57 -4.95 -9.57 -1.26
CA ILE A 57 -3.81 -10.14 -1.94
C ILE A 57 -2.64 -10.27 -0.99
N VAL A 58 -2.24 -9.16 -0.33
CA VAL A 58 -1.09 -9.21 0.54
C VAL A 58 -1.48 -9.79 1.87
N GLY A 59 -2.71 -9.52 2.35
CA GLY A 59 -3.14 -10.05 3.62
C GLY A 59 -3.13 -8.91 4.59
N ASP A 60 -4.03 -8.96 5.60
CA ASP A 60 -4.11 -7.91 6.59
C ASP A 60 -2.82 -7.85 7.35
N GLN A 61 -2.22 -9.01 7.66
CA GLN A 61 -1.01 -9.03 8.43
C GLN A 61 0.08 -8.30 7.68
N MET A 62 0.23 -8.59 6.36
CA MET A 62 1.27 -7.95 5.59
C MET A 62 0.94 -6.49 5.41
N LEU A 63 -0.35 -6.17 5.18
CA LEU A 63 -0.76 -4.81 4.96
C LEU A 63 -0.52 -3.98 6.18
N ARG A 64 -0.96 -4.48 7.37
CA ARG A 64 -0.81 -3.74 8.58
C ARG A 64 0.64 -3.58 8.91
N MET A 65 1.44 -4.64 8.71
CA MET A 65 2.85 -4.57 9.03
C MET A 65 3.54 -3.61 8.09
N ALA A 66 3.18 -3.64 6.79
CA ALA A 66 3.83 -2.76 5.83
C ALA A 66 3.52 -1.33 6.16
N VAL A 67 2.24 -1.02 6.47
CA VAL A 67 1.85 0.33 6.79
C VAL A 67 2.56 0.75 8.05
N SER A 68 2.60 -0.16 9.05
CA SER A 68 3.22 0.15 10.32
C SER A 68 4.70 0.41 10.11
N LYS A 69 5.36 -0.43 9.29
CA LYS A 69 6.78 -0.28 9.06
C LYS A 69 7.04 1.01 8.31
N LEU A 70 6.22 1.29 7.28
CA LEU A 70 6.40 2.48 6.49
C LEU A 70 6.15 3.70 7.33
N GLN A 71 5.11 3.67 8.19
CA GLN A 71 4.80 4.79 9.03
C GLN A 71 5.91 4.93 10.04
N GLN A 72 6.36 3.77 10.59
CA GLN A 72 7.44 3.74 11.55
C GLN A 72 7.09 4.61 12.72
N VAL A 73 6.12 4.16 13.55
CA VAL A 73 5.72 4.92 14.70
C VAL A 73 5.50 3.95 15.82
N ASN A 74 5.88 4.36 17.05
CA ASN A 74 5.71 3.48 18.19
C ASN A 74 4.37 3.79 18.77
N TYR A 75 3.41 2.86 18.57
CA TYR A 75 2.08 3.04 19.09
C TYR A 75 2.13 2.76 20.59
N MET A 1 15.17 28.04 6.73
CA MET A 1 14.35 29.06 6.02
C MET A 1 14.68 29.08 4.56
N MET A 2 15.88 28.56 4.20
CA MET A 2 16.29 28.54 2.82
C MET A 2 15.42 27.56 2.07
N ASN A 3 15.07 26.43 2.72
CA ASN A 3 14.25 25.43 2.07
C ASN A 3 13.19 25.02 3.06
N PRO A 4 12.17 25.83 3.20
CA PRO A 4 11.08 25.55 4.11
C PRO A 4 10.17 24.45 3.63
N ILE A 5 9.52 23.74 4.57
CA ILE A 5 8.64 22.67 4.20
C ILE A 5 7.49 22.71 5.16
N ASN A 6 6.27 22.44 4.67
CA ASN A 6 5.11 22.47 5.52
C ASN A 6 4.20 21.37 5.06
N ARG A 7 4.05 20.31 5.88
CA ARG A 7 3.20 19.22 5.52
C ARG A 7 2.77 18.56 6.79
N ASN A 8 1.60 17.87 6.75
CA ASN A 8 1.10 17.20 7.93
C ASN A 8 0.73 15.79 7.53
N PRO A 9 1.72 14.94 7.43
CA PRO A 9 1.49 13.54 7.07
C PRO A 9 0.85 12.76 8.17
N LYS A 10 0.03 11.75 7.80
CA LYS A 10 -0.62 10.94 8.80
C LYS A 10 -0.45 9.52 8.39
N GLN A 11 -0.85 9.20 7.15
CA GLN A 11 -0.74 7.85 6.65
C GLN A 11 0.02 7.92 5.36
N VAL A 12 0.82 6.87 5.09
CA VAL A 12 1.59 6.83 3.86
C VAL A 12 0.65 6.52 2.73
N PRO A 13 0.98 7.01 1.56
CA PRO A 13 0.16 6.79 0.37
C PRO A 13 0.28 5.39 -0.17
N PHE A 14 -0.75 4.96 -0.94
CA PHE A 14 -0.74 3.63 -1.50
C PHE A 14 0.34 3.53 -2.54
N ALA A 15 0.73 4.68 -3.14
CA ALA A 15 1.75 4.68 -4.15
C ALA A 15 3.04 4.14 -3.57
N ALA A 16 3.34 4.48 -2.29
CA ALA A 16 4.57 4.01 -1.68
C ALA A 16 4.37 2.62 -1.15
N LEU A 17 3.12 2.13 -1.10
CA LEU A 17 2.87 0.79 -0.58
C LEU A 17 3.08 -0.22 -1.66
N LEU A 18 2.85 0.16 -2.94
CA LEU A 18 2.98 -0.81 -4.02
C LEU A 18 4.37 -1.37 -4.09
N PRO A 19 5.40 -0.53 -4.24
CA PRO A 19 6.76 -1.04 -4.36
C PRO A 19 7.24 -1.79 -3.15
N THR A 20 6.76 -1.40 -1.96
CA THR A 20 7.19 -2.08 -0.76
C THR A 20 6.61 -3.47 -0.76
N LEU A 21 5.31 -3.56 -1.09
CA LEU A 21 4.63 -4.83 -1.07
C LEU A 21 5.06 -5.68 -2.22
N MET A 22 5.27 -5.06 -3.41
CA MET A 22 5.68 -5.82 -4.57
C MET A 22 7.01 -6.47 -4.29
N ASN A 23 7.87 -5.77 -3.54
CA ASN A 23 9.18 -6.31 -3.23
C ASN A 23 9.04 -7.50 -2.29
N GLN A 24 7.90 -7.58 -1.54
CA GLN A 24 7.72 -8.66 -0.61
C GLN A 24 6.76 -9.66 -1.19
N LEU A 25 6.31 -9.43 -2.43
CA LEU A 25 5.37 -10.32 -3.06
C LEU A 25 6.05 -11.09 -4.14
N ASP A 26 5.45 -12.25 -4.50
CA ASP A 26 5.98 -13.08 -5.55
C ASP A 26 5.66 -12.39 -6.84
N LYS A 27 6.24 -12.87 -7.95
CA LYS A 27 6.01 -12.24 -9.24
C LYS A 27 4.55 -12.30 -9.59
N ASP A 28 3.92 -13.45 -9.32
CA ASP A 28 2.52 -13.59 -9.67
C ASP A 28 1.69 -12.65 -8.84
N ARG A 29 1.96 -12.59 -7.52
CA ARG A 29 1.18 -11.72 -6.65
C ARG A 29 1.44 -10.28 -7.02
N ALA A 30 2.71 -9.94 -7.37
CA ALA A 30 3.04 -8.58 -7.73
C ALA A 30 2.30 -8.22 -8.99
N LEU A 31 2.21 -9.16 -9.95
CA LEU A 31 1.51 -8.90 -11.20
C LEU A 31 0.06 -8.61 -10.91
N GLN A 32 -0.54 -9.36 -9.96
CA GLN A 32 -1.93 -9.14 -9.63
C GLN A 32 -2.09 -7.75 -9.07
N LEU A 33 -1.12 -7.31 -8.26
CA LEU A 33 -1.18 -5.99 -7.66
C LEU A 33 -1.06 -4.95 -8.74
N ARG A 34 -0.17 -5.17 -9.72
CA ARG A 34 0.04 -4.20 -10.78
C ARG A 34 -1.22 -4.02 -11.59
N THR A 35 -1.93 -5.12 -11.90
CA THR A 35 -3.14 -5.00 -12.70
C THR A 35 -4.25 -4.47 -11.83
N LEU A 36 -4.20 -4.75 -10.51
CA LEU A 36 -5.23 -4.27 -9.61
C LEU A 36 -5.12 -2.76 -9.54
N TYR A 37 -3.87 -2.24 -9.50
CA TYR A 37 -3.65 -0.81 -9.43
C TYR A 37 -4.21 -0.18 -10.67
N ALA A 38 -4.11 -0.89 -11.82
CA ALA A 38 -4.61 -0.36 -13.07
C ALA A 38 -6.09 -0.11 -12.93
N ARG A 39 -6.81 -0.99 -12.20
CA ARG A 39 -8.24 -0.83 -12.03
C ARG A 39 -8.48 0.45 -11.27
N LEU A 40 -7.63 0.70 -10.24
CA LEU A 40 -7.74 1.89 -9.43
C LEU A 40 -7.41 3.09 -10.26
N LYS A 41 -6.35 2.97 -11.10
CA LYS A 41 -5.92 4.06 -11.94
C LYS A 41 -7.01 4.43 -12.91
N LYS A 42 -7.72 3.42 -13.45
CA LYS A 42 -8.79 3.69 -14.40
C LYS A 42 -10.02 4.10 -13.65
N ASN A 43 -9.97 4.05 -12.29
CA ASN A 43 -11.09 4.44 -11.46
C ASN A 43 -12.26 3.54 -11.76
N GLU A 44 -11.98 2.24 -12.01
CA GLU A 44 -13.05 1.32 -12.29
C GLU A 44 -13.50 0.74 -10.98
N ILE A 45 -12.72 0.98 -9.90
CA ILE A 45 -13.07 0.47 -8.61
C ILE A 45 -12.81 1.59 -7.64
N PRO A 46 -13.55 1.59 -6.56
CA PRO A 46 -13.41 2.61 -5.52
C PRO A 46 -12.16 2.42 -4.70
N LYS A 47 -11.79 3.46 -3.91
CA LYS A 47 -10.61 3.38 -3.08
C LYS A 47 -10.81 2.25 -2.11
N GLU A 48 -12.04 2.12 -1.57
CA GLU A 48 -12.34 1.06 -0.63
C GLU A 48 -12.20 -0.25 -1.35
N GLY A 49 -12.65 -0.30 -2.63
CA GLY A 49 -12.57 -1.52 -3.42
C GLY A 49 -11.13 -1.89 -3.58
N PHE A 50 -10.27 -0.91 -3.90
CA PHE A 50 -8.87 -1.15 -4.08
C PHE A 50 -8.29 -1.67 -2.79
N THR A 51 -8.59 -1.01 -1.67
CA THR A 51 -8.05 -1.41 -0.38
C THR A 51 -8.50 -2.81 -0.05
N ARG A 52 -9.80 -3.10 -0.24
CA ARG A 52 -10.33 -4.42 0.08
C ARG A 52 -9.67 -5.47 -0.76
N HIS A 53 -9.54 -5.22 -2.07
CA HIS A 53 -8.93 -6.20 -2.95
C HIS A 53 -7.46 -6.31 -2.67
N MET A 54 -6.79 -5.16 -2.42
CA MET A 54 -5.36 -5.16 -2.18
C MET A 54 -5.04 -5.91 -0.92
N LYS A 55 -5.82 -5.70 0.17
CA LYS A 55 -5.53 -6.38 1.42
C LYS A 55 -5.77 -7.86 1.27
N ASP A 56 -6.62 -8.26 0.30
CA ASP A 56 -6.88 -9.67 0.12
C ASP A 56 -5.70 -10.33 -0.54
N ILE A 57 -4.89 -9.56 -1.31
CA ILE A 57 -3.77 -10.14 -2.01
C ILE A 57 -2.59 -10.27 -1.08
N VAL A 58 -2.19 -9.16 -0.43
CA VAL A 58 -1.03 -9.20 0.45
C VAL A 58 -1.43 -9.74 1.80
N GLY A 59 -2.66 -9.45 2.25
CA GLY A 59 -3.10 -9.92 3.54
C GLY A 59 -3.13 -8.74 4.44
N ASP A 60 -4.00 -8.79 5.47
CA ASP A 60 -4.12 -7.69 6.40
C ASP A 60 -2.87 -7.61 7.22
N GLN A 61 -2.27 -8.77 7.55
CA GLN A 61 -1.08 -8.76 8.37
C GLN A 61 0.03 -8.08 7.61
N MET A 62 0.19 -8.40 6.31
CA MET A 62 1.24 -7.81 5.53
C MET A 62 0.93 -6.35 5.30
N LEU A 63 -0.34 -6.02 5.04
CA LEU A 63 -0.73 -4.67 4.76
C LEU A 63 -0.49 -3.80 5.98
N ARG A 64 -0.95 -4.27 7.16
CA ARG A 64 -0.80 -3.51 8.37
C ARG A 64 0.66 -3.36 8.70
N MET A 65 1.43 -4.44 8.54
CA MET A 65 2.85 -4.39 8.85
C MET A 65 3.56 -3.46 7.90
N ALA A 66 3.19 -3.48 6.60
CA ALA A 66 3.84 -2.63 5.64
C ALA A 66 3.60 -1.19 5.98
N VAL A 67 2.34 -0.85 6.34
CA VAL A 67 2.00 0.52 6.67
C VAL A 67 2.75 0.90 7.92
N SER A 68 2.81 -0.02 8.90
CA SER A 68 3.47 0.26 10.15
C SER A 68 4.94 0.53 9.91
N LYS A 69 5.59 -0.27 9.05
CA LYS A 69 7.01 -0.09 8.79
C LYS A 69 7.23 1.21 8.07
N LEU A 70 6.33 1.53 7.11
CA LEU A 70 6.47 2.74 6.35
C LEU A 70 6.31 3.94 7.26
N GLN A 71 5.33 3.88 8.19
CA GLN A 71 5.15 4.99 9.11
C GLN A 71 6.33 5.03 10.04
N GLN A 72 6.77 3.82 10.49
CA GLN A 72 7.91 3.72 11.38
C GLN A 72 7.61 4.47 12.65
N VAL A 73 6.49 4.12 13.30
CA VAL A 73 6.11 4.77 14.53
C VAL A 73 5.78 3.70 15.52
N ASN A 74 5.83 4.04 16.82
CA ASN A 74 5.52 3.07 17.84
C ASN A 74 4.06 3.16 18.12
N TYR A 75 3.29 2.16 17.66
CA TYR A 75 1.87 2.15 17.88
C TYR A 75 1.63 1.74 19.33
#